data_5YZ8
#
_entry.id   5YZ8
#
_cell.length_a   108.072
_cell.length_b   108.072
_cell.length_c   224.069
_cell.angle_alpha   90.00
_cell.angle_beta   90.00
_cell.angle_gamma   120.00
#
_symmetry.space_group_name_H-M   'P 31 2 1'
#
loop_
_entity.id
_entity.type
_entity.pdbx_description
1 polymer 'Circadian Clock Protein Kinase KaiC'
2 non-polymer 'PHOSPHOAMINOPHOSPHONIC ACID-ADENYLATE ESTER'
3 non-polymer 'MAGNESIUM ION'
4 non-polymer 'CHLORIDE ION'
5 water water
#
_entity_poly.entity_id   1
_entity_poly.type   'polypeptide(L)'
_entity_poly.pdbx_seq_one_letter_code
;MTSAEMTSPNNNSEHQAIAKMRTMIEGFDDISHGGLPIGRSTLVSGTSGTGKTLFSIQFLYNGIIEFDEPGVFVTFEETP
QDIIKNARSFGWDLAKLVDEGKLFILDASPDPEGQEVVGGFDLSALIERINYAIQKYRARRVSIDSVTSVFQQYDASSVV
RRELFRLVARLKQIGATTVMTTERIEEYGPIARYGVEEFVSDNVVILRNVLEGERRRRTLEILKLRGTWHMKGEYPFTIT
DHGINIFPLGAMRL
;
_entity_poly.pdbx_strand_id   A,B,C,D,E,F
#
# COMPACT_ATOMS: atom_id res chain seq x y z
N ALA A 17 -25.11 -34.69 -9.30
CA ALA A 17 -23.67 -34.69 -8.85
C ALA A 17 -22.69 -34.51 -10.00
N ILE A 18 -21.55 -33.88 -9.72
CA ILE A 18 -20.48 -33.68 -10.71
C ILE A 18 -19.45 -34.79 -10.55
N ALA A 19 -19.13 -35.49 -11.65
CA ALA A 19 -18.19 -36.61 -11.63
C ALA A 19 -16.78 -36.12 -11.33
N LYS A 20 -16.05 -36.93 -10.56
CA LYS A 20 -14.70 -36.57 -10.11
C LYS A 20 -13.73 -37.71 -10.40
N MET A 21 -12.48 -37.34 -10.69
CA MET A 21 -11.42 -38.32 -10.92
C MET A 21 -10.51 -38.31 -9.71
N ARG A 22 -10.23 -39.49 -9.17
CA ARG A 22 -9.34 -39.61 -8.02
C ARG A 22 -7.91 -39.19 -8.37
N THR A 23 -7.34 -38.32 -7.53
CA THR A 23 -5.97 -37.86 -7.67
C THR A 23 -4.96 -38.90 -7.16
N MET A 24 -5.42 -39.77 -6.25
CA MET A 24 -4.58 -40.78 -5.56
C MET A 24 -3.51 -40.18 -4.65
N ILE A 25 -3.60 -38.87 -4.38
CA ILE A 25 -2.68 -38.18 -3.51
C ILE A 25 -3.29 -38.35 -2.12
N GLU A 26 -2.53 -38.94 -1.21
CA GLU A 26 -3.05 -39.35 0.11
C GLU A 26 -3.75 -38.20 0.84
N GLY A 27 -5.01 -38.42 1.25
CA GLY A 27 -5.79 -37.41 1.93
C GLY A 27 -6.55 -36.44 1.04
N PHE A 28 -6.06 -36.17 -0.17
CA PHE A 28 -6.71 -35.20 -1.05
C PHE A 28 -8.11 -35.59 -1.46
N ASP A 29 -8.29 -36.86 -1.82
CA ASP A 29 -9.59 -37.38 -2.23
C ASP A 29 -10.62 -37.37 -1.10
N ASP A 30 -10.17 -37.36 0.15
CA ASP A 30 -11.04 -37.12 1.32
C ASP A 30 -11.52 -35.67 1.40
N ILE A 31 -10.59 -34.72 1.28
CA ILE A 31 -10.91 -33.28 1.33
C ILE A 31 -11.79 -32.92 0.15
N SER A 32 -11.43 -33.43 -1.03
CA SER A 32 -12.17 -33.15 -2.26
C SER A 32 -13.42 -34.03 -2.44
N HIS A 33 -13.56 -35.07 -1.62
CA HIS A 33 -14.73 -35.95 -1.64
C HIS A 33 -14.87 -36.65 -3.00
N GLY A 34 -13.75 -37.17 -3.50
CA GLY A 34 -13.73 -37.91 -4.76
C GLY A 34 -12.60 -37.56 -5.69
N GLY A 35 -12.12 -36.31 -5.61
CA GLY A 35 -11.00 -35.84 -6.43
C GLY A 35 -11.31 -34.53 -7.11
N LEU A 36 -10.71 -34.30 -8.27
CA LEU A 36 -10.94 -33.08 -9.05
C LEU A 36 -12.09 -33.28 -10.03
N PRO A 37 -13.01 -32.30 -10.13
CA PRO A 37 -14.10 -32.36 -11.11
C PRO A 37 -13.62 -32.54 -12.54
N ILE A 38 -14.24 -33.48 -13.27
CA ILE A 38 -13.80 -33.85 -14.62
C ILE A 38 -14.03 -32.73 -15.63
N GLY A 39 -13.03 -32.52 -16.48
CA GLY A 39 -13.10 -31.52 -17.55
C GLY A 39 -13.05 -30.07 -17.10
N ARG A 40 -12.70 -29.86 -15.83
CA ARG A 40 -12.72 -28.52 -15.23
C ARG A 40 -11.29 -28.18 -14.82
N SER A 41 -11.00 -26.87 -14.81
CA SER A 41 -9.69 -26.38 -14.42
C SER A 41 -9.65 -26.16 -12.90
N THR A 42 -8.50 -26.49 -12.30
CA THR A 42 -8.28 -26.36 -10.85
C THR A 42 -7.04 -25.52 -10.64
N LEU A 43 -7.15 -24.51 -9.78
CA LEU A 43 -6.05 -23.60 -9.49
C LEU A 43 -5.35 -24.06 -8.22
N VAL A 44 -4.02 -24.16 -8.26
CA VAL A 44 -3.20 -24.55 -7.10
C VAL A 44 -2.24 -23.41 -6.80
N SER A 45 -2.66 -22.50 -5.91
CA SER A 45 -1.89 -21.31 -5.62
C SER A 45 -1.08 -21.44 -4.35
N GLY A 46 0.10 -20.82 -4.33
CA GLY A 46 1.00 -20.90 -3.18
C GLY A 46 2.25 -20.04 -3.30
N THR A 47 2.86 -19.71 -2.17
CA THR A 47 4.16 -19.04 -2.15
C THR A 47 5.26 -19.99 -2.64
N SER A 48 6.49 -19.48 -2.76
CA SER A 48 7.59 -20.27 -3.28
C SER A 48 7.91 -21.45 -2.38
N GLY A 49 7.98 -22.62 -2.99
CA GLY A 49 8.33 -23.85 -2.30
C GLY A 49 7.20 -24.44 -1.48
N THR A 50 5.96 -24.13 -1.83
CA THR A 50 4.81 -24.67 -1.11
C THR A 50 4.44 -26.09 -1.53
N GLY A 51 4.79 -26.49 -2.74
CA GLY A 51 4.48 -27.81 -3.28
C GLY A 51 3.57 -27.81 -4.48
N LYS A 52 3.56 -26.71 -5.24
CA LYS A 52 2.67 -26.54 -6.37
C LYS A 52 3.09 -27.46 -7.50
N THR A 53 4.37 -27.40 -7.86
CA THR A 53 4.95 -28.24 -8.90
C THR A 53 4.81 -29.70 -8.53
N LEU A 54 5.18 -30.02 -7.29
CA LEU A 54 5.08 -31.39 -6.79
C LEU A 54 3.66 -31.91 -6.93
N PHE A 55 2.68 -31.11 -6.51
CA PHE A 55 1.26 -31.44 -6.64
C PHE A 55 0.86 -31.70 -8.09
N SER A 56 1.36 -30.85 -8.99
CA SER A 56 1.08 -30.97 -10.42
C SER A 56 1.73 -32.20 -11.08
N ILE A 57 2.87 -32.67 -10.54
CA ILE A 57 3.53 -33.90 -11.01
C ILE A 57 2.75 -35.14 -10.53
N GLN A 58 2.57 -35.23 -9.21
CA GLN A 58 1.88 -36.36 -8.57
C GLN A 58 0.51 -36.61 -9.21
N PHE A 59 -0.17 -35.54 -9.62
CA PHE A 59 -1.42 -35.62 -10.37
C PHE A 59 -1.29 -36.49 -11.62
N LEU A 60 -0.31 -36.16 -12.46
CA LEU A 60 -0.09 -36.87 -13.72
C LEU A 60 0.50 -38.26 -13.51
N TYR A 61 1.49 -38.35 -12.62
CA TYR A 61 2.10 -39.63 -12.26
C TYR A 61 1.09 -40.63 -11.71
N ASN A 62 0.19 -40.18 -10.84
CA ASN A 62 -0.83 -41.04 -10.27
C ASN A 62 -1.85 -41.50 -11.30
N GLY A 63 -2.24 -40.61 -12.20
CA GLY A 63 -3.18 -40.97 -13.27
C GLY A 63 -2.68 -42.08 -14.17
N ILE A 64 -1.37 -42.07 -14.45
CA ILE A 64 -0.74 -43.03 -15.36
C ILE A 64 -0.60 -44.40 -14.68
N ILE A 65 0.12 -44.44 -13.56
CA ILE A 65 0.48 -45.70 -12.91
C ILE A 65 -0.76 -46.41 -12.37
N GLU A 66 -1.83 -45.66 -12.08
CA GLU A 66 -3.07 -46.21 -11.52
C GLU A 66 -4.11 -46.51 -12.59
N PHE A 67 -4.38 -45.56 -13.48
CA PHE A 67 -5.46 -45.69 -14.46
C PHE A 67 -5.00 -45.76 -15.92
N ASP A 68 -3.69 -45.92 -16.15
CA ASP A 68 -3.13 -45.83 -17.51
C ASP A 68 -3.59 -44.58 -18.26
N GLU A 69 -3.80 -43.49 -17.53
CA GLU A 69 -4.34 -42.26 -18.11
C GLU A 69 -3.20 -41.35 -18.54
N PRO A 70 -3.13 -41.04 -19.86
CA PRO A 70 -2.03 -40.17 -20.30
C PRO A 70 -2.17 -38.72 -19.81
N GLY A 71 -1.03 -38.08 -19.56
CA GLY A 71 -0.98 -36.72 -19.03
C GLY A 71 0.01 -35.85 -19.77
N VAL A 72 -0.24 -34.54 -19.78
CA VAL A 72 0.68 -33.57 -20.36
C VAL A 72 1.10 -32.55 -19.30
N PHE A 73 2.41 -32.24 -19.27
CA PHE A 73 2.96 -31.26 -18.35
C PHE A 73 3.54 -30.06 -19.12
N VAL A 74 2.92 -28.90 -18.97
CA VAL A 74 3.39 -27.68 -19.63
C VAL A 74 4.31 -26.93 -18.67
N THR A 75 5.61 -26.94 -18.98
CA THR A 75 6.63 -26.28 -18.15
C THR A 75 7.12 -25.00 -18.81
N PHE A 76 7.13 -23.90 -18.05
CA PHE A 76 7.64 -22.62 -18.53
C PHE A 76 9.08 -22.35 -18.05
N GLU A 77 9.32 -22.52 -16.75
CA GLU A 77 10.62 -22.24 -16.14
C GLU A 77 11.54 -23.47 -16.18
N GLU A 78 11.19 -24.52 -15.44
CA GLU A 78 12.04 -25.72 -15.36
C GLU A 78 12.11 -26.43 -16.71
N THR A 79 13.27 -27.01 -17.00
CA THR A 79 13.45 -27.78 -18.24
C THR A 79 12.91 -29.20 -18.05
N PRO A 80 12.56 -29.89 -19.15
CA PRO A 80 12.13 -31.29 -19.07
C PRO A 80 13.08 -32.21 -18.29
N GLN A 81 14.39 -31.97 -18.38
CA GLN A 81 15.37 -32.75 -17.65
C GLN A 81 15.25 -32.57 -16.13
N ASP A 82 15.05 -31.33 -15.68
CA ASP A 82 14.95 -31.04 -14.24
C ASP A 82 13.67 -31.56 -13.58
N ILE A 83 12.53 -31.41 -14.25
CA ILE A 83 11.27 -31.98 -13.77
C ILE A 83 11.40 -33.48 -13.53
N ILE A 84 12.08 -34.16 -14.46
CA ILE A 84 12.37 -35.59 -14.33
C ILE A 84 13.38 -35.85 -13.23
N LYS A 85 14.50 -35.12 -13.24
CA LYS A 85 15.57 -35.29 -12.22
C LYS A 85 15.02 -35.11 -10.80
N ASN A 86 14.21 -34.07 -10.60
CA ASN A 86 13.58 -33.79 -9.30
C ASN A 86 12.59 -34.88 -8.85
N ALA A 87 11.88 -35.48 -9.80
CA ALA A 87 10.92 -36.53 -9.49
C ALA A 87 11.58 -37.84 -9.03
N ARG A 88 12.84 -38.08 -9.43
CA ARG A 88 13.60 -39.27 -9.05
C ARG A 88 13.69 -39.47 -7.53
N SER A 89 13.78 -38.36 -6.80
CA SER A 89 13.84 -38.39 -5.33
C SER A 89 12.62 -39.02 -4.65
N PHE A 90 11.48 -39.07 -5.35
CA PHE A 90 10.29 -39.81 -4.90
C PHE A 90 10.16 -41.21 -5.49
N GLY A 91 11.17 -41.66 -6.25
CA GLY A 91 11.12 -42.94 -6.94
C GLY A 91 10.13 -43.01 -8.08
N TRP A 92 9.97 -41.92 -8.83
CA TRP A 92 9.03 -41.85 -9.94
C TRP A 92 9.81 -41.83 -11.24
N ASP A 93 9.72 -42.90 -12.03
CA ASP A 93 10.47 -43.01 -13.27
C ASP A 93 9.76 -42.25 -14.39
N LEU A 94 9.87 -40.91 -14.35
CA LEU A 94 9.24 -40.05 -15.35
C LEU A 94 9.85 -40.23 -16.76
N ALA A 95 11.14 -40.54 -16.81
CA ALA A 95 11.81 -40.86 -18.07
C ALA A 95 11.14 -42.03 -18.82
N LYS A 96 10.81 -43.10 -18.07
CA LYS A 96 10.13 -44.27 -18.63
C LYS A 96 8.77 -43.92 -19.25
N LEU A 97 8.02 -43.06 -18.58
CA LEU A 97 6.68 -42.69 -19.02
C LEU A 97 6.70 -41.84 -20.29
N VAL A 98 7.78 -41.07 -20.48
CA VAL A 98 8.01 -40.32 -21.72
C VAL A 98 8.30 -41.28 -22.89
N ASP A 99 9.08 -42.33 -22.63
CA ASP A 99 9.39 -43.34 -23.65
C ASP A 99 8.19 -44.20 -23.99
N GLU A 100 7.42 -44.58 -22.98
CA GLU A 100 6.16 -45.31 -23.16
C GLU A 100 5.02 -44.45 -23.73
N GLY A 101 5.26 -43.16 -23.97
CA GLY A 101 4.27 -42.26 -24.55
C GLY A 101 3.04 -42.02 -23.69
N LYS A 102 3.18 -42.26 -22.38
CA LYS A 102 2.12 -42.05 -21.41
C LYS A 102 2.20 -40.62 -20.83
N LEU A 103 3.41 -40.06 -20.78
CA LEU A 103 3.64 -38.69 -20.33
C LEU A 103 4.38 -37.89 -21.40
N PHE A 104 3.99 -36.63 -21.57
CA PHE A 104 4.70 -35.71 -22.44
C PHE A 104 4.92 -34.38 -21.73
N ILE A 105 6.19 -33.95 -21.65
CA ILE A 105 6.55 -32.67 -21.07
C ILE A 105 6.65 -31.64 -22.21
N LEU A 106 5.73 -30.68 -22.21
CA LEU A 106 5.71 -29.61 -23.18
C LEU A 106 6.62 -28.48 -22.69
N ASP A 107 7.75 -28.29 -23.38
CA ASP A 107 8.73 -27.26 -23.05
C ASP A 107 8.25 -25.92 -23.63
N ALA A 108 7.60 -25.11 -22.78
CA ALA A 108 7.12 -23.78 -23.16
C ALA A 108 8.08 -22.64 -22.77
N SER A 109 9.36 -22.97 -22.53
CA SER A 109 10.38 -21.96 -22.24
C SER A 109 10.75 -21.20 -23.52
N PRO A 110 11.25 -19.95 -23.39
CA PRO A 110 11.59 -19.16 -24.58
C PRO A 110 13.04 -19.35 -25.04
N PHE A 121 0.17 -9.69 -26.71
CA PHE A 121 0.10 -10.84 -25.81
C PHE A 121 -0.94 -11.86 -26.27
N ASP A 122 -0.48 -13.00 -26.78
CA ASP A 122 -1.37 -14.04 -27.28
C ASP A 122 -0.92 -15.42 -26.79
N LEU A 123 -1.84 -16.18 -26.22
CA LEU A 123 -1.60 -17.57 -25.79
C LEU A 123 -2.16 -18.61 -26.78
N SER A 124 -2.51 -18.16 -28.00
CA SER A 124 -3.15 -19.00 -29.02
C SER A 124 -2.21 -20.10 -29.53
N ALA A 125 -0.95 -19.74 -29.80
CA ALA A 125 0.07 -20.74 -30.16
C ALA A 125 0.21 -21.84 -29.10
N LEU A 126 0.25 -21.46 -27.83
CA LEU A 126 0.34 -22.42 -26.71
C LEU A 126 -0.91 -23.27 -26.61
N ILE A 127 -2.08 -22.64 -26.72
CA ILE A 127 -3.38 -23.36 -26.70
C ILE A 127 -3.51 -24.41 -27.81
N GLU A 128 -2.87 -24.19 -28.96
CA GLU A 128 -2.84 -25.19 -30.03
C GLU A 128 -1.79 -26.28 -29.83
N ARG A 129 -0.60 -25.89 -29.36
CA ARG A 129 0.43 -26.86 -28.96
C ARG A 129 -0.07 -27.84 -27.89
N ILE A 130 -0.79 -27.30 -26.90
CA ILE A 130 -1.37 -28.13 -25.83
C ILE A 130 -2.49 -29.02 -26.39
N ASN A 131 -3.34 -28.46 -27.24
CA ASN A 131 -4.40 -29.25 -27.89
C ASN A 131 -3.83 -30.36 -28.75
N TYR A 132 -2.71 -30.08 -29.41
CA TYR A 132 -2.00 -31.10 -30.18
C TYR A 132 -1.55 -32.25 -29.28
N ALA A 133 -0.79 -31.93 -28.22
CA ALA A 133 -0.31 -32.95 -27.28
C ALA A 133 -1.43 -33.77 -26.63
N ILE A 134 -2.52 -33.09 -26.24
CA ILE A 134 -3.69 -33.75 -25.65
C ILE A 134 -4.24 -34.82 -26.59
N GLN A 135 -4.54 -34.40 -27.82
CA GLN A 135 -5.07 -35.31 -28.85
C GLN A 135 -4.06 -36.37 -29.29
N LYS A 136 -2.81 -35.96 -29.48
CA LYS A 136 -1.74 -36.86 -29.94
C LYS A 136 -1.34 -37.94 -28.94
N TYR A 137 -1.55 -37.68 -27.64
CA TYR A 137 -1.23 -38.66 -26.58
C TYR A 137 -2.47 -39.24 -25.91
N ARG A 138 -3.66 -38.91 -26.39
CA ARG A 138 -4.92 -39.33 -25.79
C ARG A 138 -4.98 -38.95 -24.30
N ALA A 139 -4.40 -37.79 -23.98
CA ALA A 139 -4.25 -37.35 -22.61
C ALA A 139 -5.55 -36.79 -22.06
N ARG A 140 -5.81 -37.12 -20.79
CA ARG A 140 -6.97 -36.60 -20.06
C ARG A 140 -6.61 -35.64 -18.93
N ARG A 141 -5.43 -35.81 -18.32
CA ARG A 141 -4.96 -34.92 -17.26
C ARG A 141 -3.96 -33.95 -17.84
N VAL A 142 -3.96 -32.72 -17.35
CA VAL A 142 -3.05 -31.68 -17.81
C VAL A 142 -2.56 -30.84 -16.61
N SER A 143 -1.25 -30.57 -16.59
CA SER A 143 -0.65 -29.72 -15.58
C SER A 143 0.08 -28.57 -16.26
N ILE A 144 -0.14 -27.35 -15.76
N ILE A 144 -0.15 -27.36 -15.76
CA ILE A 144 0.49 -26.16 -16.29
CA ILE A 144 0.49 -26.16 -16.28
C ILE A 144 1.23 -25.40 -15.19
C ILE A 144 1.24 -25.41 -15.18
N ASP A 145 2.55 -25.53 -15.23
N ASP A 145 2.35 -25.99 -14.72
CA ASP A 145 3.44 -25.00 -14.20
CA ASP A 145 3.37 -25.26 -13.98
C ASP A 145 4.42 -24.00 -14.80
C ASP A 145 3.72 -24.16 -14.98
N SER A 146 4.20 -22.69 -14.63
N SER A 146 3.10 -22.97 -14.91
CA SER A 146 3.07 -22.12 -13.89
CA SER A 146 3.15 -22.06 -13.77
C SER A 146 2.50 -21.01 -14.75
C SER A 146 2.57 -20.83 -14.45
N VAL A 147 1.17 -20.84 -14.73
N VAL A 147 1.25 -20.87 -14.64
CA VAL A 147 0.53 -19.88 -15.62
CA VAL A 147 0.51 -19.93 -15.46
C VAL A 147 0.94 -18.42 -15.41
C VAL A 147 0.98 -18.48 -15.38
N THR A 148 1.27 -18.03 -14.17
CA THR A 148 1.71 -16.65 -13.88
C THR A 148 2.99 -16.23 -14.60
N SER A 149 3.98 -17.13 -14.68
CA SER A 149 5.30 -16.83 -15.29
C SER A 149 5.24 -16.29 -16.73
N VAL A 150 4.31 -16.81 -17.53
CA VAL A 150 4.13 -16.37 -18.91
C VAL A 150 3.92 -14.87 -19.02
N PHE A 151 3.03 -14.34 -18.20
CA PHE A 151 2.70 -12.91 -18.22
C PHE A 151 3.83 -12.06 -17.67
N GLN A 152 4.65 -12.62 -16.76
CA GLN A 152 5.86 -11.95 -16.27
C GLN A 152 7.00 -11.97 -17.30
N GLN A 153 7.14 -13.10 -18.01
CA GLN A 153 8.18 -13.25 -19.03
C GLN A 153 7.93 -12.41 -20.30
N TYR A 154 6.67 -12.08 -20.57
CA TYR A 154 6.28 -11.27 -21.73
C TYR A 154 5.71 -9.89 -21.38
N ASP A 155 5.86 -9.46 -20.12
CA ASP A 155 5.32 -8.16 -19.65
C ASP A 155 3.84 -7.97 -20.01
N ALA A 156 3.05 -9.00 -19.74
CA ALA A 156 1.62 -9.05 -20.09
C ALA A 156 0.73 -8.94 -18.84
N SER A 157 1.23 -8.28 -17.79
CA SER A 157 0.49 -8.13 -16.53
C SER A 157 -0.73 -7.21 -16.66
N VAL A 159 -4.30 -8.01 -19.33
CA VAL A 159 -4.72 -9.07 -20.25
C VAL A 159 -4.45 -10.49 -19.70
N VAL A 160 -4.60 -10.65 -18.39
CA VAL A 160 -4.39 -11.93 -17.70
C VAL A 160 -5.74 -12.62 -17.57
N ARG A 161 -6.71 -11.93 -16.97
CA ARG A 161 -8.10 -12.37 -16.94
C ARG A 161 -8.62 -12.66 -18.35
N ARG A 162 -8.20 -11.83 -19.32
CA ARG A 162 -8.54 -12.04 -20.73
C ARG A 162 -7.88 -13.29 -21.30
N GLU A 163 -6.56 -13.40 -21.14
CA GLU A 163 -5.82 -14.53 -21.73
C GLU A 163 -6.08 -15.85 -21.00
N LEU A 164 -6.04 -15.83 -19.68
CA LEU A 164 -6.32 -17.01 -18.85
C LEU A 164 -7.70 -17.61 -19.15
N PHE A 165 -8.72 -16.76 -19.28
CA PHE A 165 -10.06 -17.22 -19.65
C PHE A 165 -10.11 -17.97 -20.98
N ARG A 166 -9.32 -17.52 -21.95
CA ARG A 166 -9.17 -18.23 -23.22
C ARG A 166 -8.60 -19.65 -23.00
N LEU A 167 -7.59 -19.75 -22.14
CA LEU A 167 -6.96 -21.02 -21.81
C LEU A 167 -7.90 -21.96 -21.05
N VAL A 168 -8.62 -21.40 -20.07
CA VAL A 168 -9.59 -22.17 -19.29
C VAL A 168 -10.72 -22.66 -20.19
N ALA A 169 -11.29 -21.74 -20.97
CA ALA A 169 -12.36 -22.04 -21.93
C ALA A 169 -11.98 -23.09 -22.97
N ARG A 170 -10.76 -22.97 -23.51
CA ARG A 170 -10.24 -23.92 -24.49
C ARG A 170 -10.12 -25.31 -23.88
N LEU A 171 -9.38 -25.40 -22.77
CA LEU A 171 -9.18 -26.68 -22.06
C LEU A 171 -10.50 -27.34 -21.65
N LYS A 172 -11.48 -26.54 -21.25
CA LYS A 172 -12.83 -27.04 -20.93
C LYS A 172 -13.50 -27.70 -22.12
N GLN A 173 -13.45 -27.02 -23.28
CA GLN A 173 -13.99 -27.57 -24.53
C GLN A 173 -13.33 -28.87 -24.94
N ILE A 174 -11.99 -28.87 -24.97
CA ILE A 174 -11.21 -30.07 -25.29
C ILE A 174 -11.57 -31.26 -24.39
N GLY A 175 -11.98 -30.97 -23.16
CA GLY A 175 -12.44 -31.98 -22.21
C GLY A 175 -11.25 -32.55 -21.47
N ALA A 176 -10.53 -31.67 -20.78
CA ALA A 176 -9.36 -32.05 -20.00
C ALA A 176 -9.49 -31.53 -18.57
N THR A 177 -9.11 -32.36 -17.61
CA THR A 177 -9.04 -31.93 -16.21
C THR A 177 -7.68 -31.29 -16.01
N THR A 178 -7.68 -30.01 -15.66
CA THR A 178 -6.46 -29.20 -15.67
C THR A 178 -6.08 -28.75 -14.27
N VAL A 179 -4.78 -28.77 -14.01
CA VAL A 179 -4.18 -28.26 -12.79
C VAL A 179 -3.26 -27.13 -13.20
N MET A 180 -3.67 -25.89 -12.90
CA MET A 180 -2.85 -24.70 -13.14
C MET A 180 -2.32 -24.17 -11.81
N THR A 181 -1.00 -24.03 -11.69
CA THR A 181 -0.41 -23.46 -10.48
C THR A 181 -0.15 -21.97 -10.65
N THR A 182 -0.51 -21.20 -9.63
CA THR A 182 -0.27 -19.75 -9.58
C THR A 182 0.69 -19.41 -8.45
N GLU A 183 1.47 -18.34 -8.62
CA GLU A 183 2.41 -17.85 -7.60
C GLU A 183 1.76 -16.91 -6.59
N ARG A 184 2.43 -16.74 -5.44
CA ARG A 184 1.98 -15.85 -4.37
C ARG A 184 3.15 -15.17 -3.65
N ILE A 185 2.83 -14.10 -2.92
CA ILE A 185 3.78 -13.39 -2.04
C ILE A 185 3.42 -13.45 -0.55
N GLU A 186 2.12 -13.42 -0.24
CA GLU A 186 1.61 -13.46 1.14
C GLU A 186 0.82 -14.73 1.37
N GLU A 187 0.88 -15.25 2.59
CA GLU A 187 0.20 -16.49 2.96
C GLU A 187 -1.29 -16.29 3.20
N TYR A 188 -1.66 -15.13 3.73
CA TYR A 188 -3.08 -14.79 4.01
C TYR A 188 -3.56 -13.58 3.24
N GLY A 189 -3.01 -13.36 2.06
CA GLY A 189 -3.34 -12.19 1.24
C GLY A 189 -4.13 -12.58 0.00
N PRO A 190 -3.87 -11.93 -1.14
CA PRO A 190 -4.47 -12.35 -2.41
C PRO A 190 -4.20 -13.82 -2.73
N ILE A 191 -5.19 -14.52 -3.29
CA ILE A 191 -5.05 -15.94 -3.63
C ILE A 191 -3.97 -16.18 -4.68
N ALA A 192 -3.86 -15.29 -5.65
CA ALA A 192 -2.88 -15.42 -6.71
C ALA A 192 -2.09 -14.11 -6.79
N ARG A 193 -1.48 -13.80 -7.94
CA ARG A 193 -0.69 -12.58 -8.07
C ARG A 193 -1.50 -11.38 -8.54
N TYR A 194 -2.53 -11.63 -9.35
CA TYR A 194 -3.31 -10.56 -9.99
C TYR A 194 -4.73 -10.36 -9.45
N GLY A 195 -5.22 -11.29 -8.62
CA GLY A 195 -6.57 -11.18 -8.04
C GLY A 195 -7.70 -11.40 -9.02
N VAL A 196 -7.40 -12.09 -10.12
CA VAL A 196 -8.39 -12.48 -11.13
C VAL A 196 -8.46 -14.00 -11.37
N GLU A 197 -7.35 -14.70 -11.12
CA GLU A 197 -7.19 -16.10 -11.49
C GLU A 197 -8.17 -16.99 -10.72
N GLU A 198 -8.46 -16.60 -9.47
CA GLU A 198 -9.41 -17.34 -8.62
C GLU A 198 -10.84 -17.38 -9.18
N PHE A 199 -11.25 -16.34 -9.89
CA PHE A 199 -12.61 -16.24 -10.44
C PHE A 199 -12.73 -16.87 -11.83
N VAL A 200 -11.60 -17.01 -12.52
CA VAL A 200 -11.53 -17.66 -13.83
C VAL A 200 -11.56 -19.19 -13.67
N SER A 201 -10.97 -19.70 -12.60
CA SER A 201 -10.93 -21.13 -12.34
C SER A 201 -12.24 -21.62 -11.75
N ASP A 202 -12.54 -22.88 -12.01
CA ASP A 202 -13.75 -23.53 -11.50
C ASP A 202 -13.51 -23.97 -10.07
N ASN A 203 -12.30 -24.47 -9.84
CA ASN A 203 -11.84 -25.00 -8.56
C ASN A 203 -10.58 -24.26 -8.11
N VAL A 204 -10.40 -24.13 -6.80
CA VAL A 204 -9.25 -23.40 -6.23
C VAL A 204 -8.71 -24.14 -4.98
N VAL A 205 -7.45 -24.54 -5.06
CA VAL A 205 -6.69 -25.14 -3.96
C VAL A 205 -5.59 -24.14 -3.57
N ILE A 206 -5.34 -24.02 -2.26
CA ILE A 206 -4.33 -23.09 -1.74
C ILE A 206 -3.32 -23.85 -0.89
N LEU A 207 -2.03 -23.73 -1.25
CA LEU A 207 -0.94 -24.29 -0.46
C LEU A 207 -0.27 -23.20 0.35
N ARG A 208 -0.06 -23.46 1.64
CA ARG A 208 0.55 -22.49 2.54
C ARG A 208 1.76 -23.07 3.26
N ASN A 209 2.68 -22.18 3.58
CA ASN A 209 3.94 -22.50 4.23
C ASN A 209 4.19 -21.39 5.25
N VAL A 210 3.31 -21.34 6.24
CA VAL A 210 3.25 -20.23 7.20
C VAL A 210 4.40 -20.35 8.19
N LEU A 211 4.97 -19.21 8.58
CA LEU A 211 6.07 -19.14 9.54
C LEU A 211 5.60 -18.48 10.84
N GLU A 212 5.74 -19.19 11.95
CA GLU A 212 5.44 -18.65 13.28
C GLU A 212 6.34 -19.30 14.32
N GLY A 213 7.03 -18.48 15.11
CA GLY A 213 7.99 -18.98 16.10
C GLY A 213 9.18 -19.62 15.43
N GLU A 214 9.68 -19.00 14.37
CA GLU A 214 10.85 -19.45 13.63
C GLU A 214 10.66 -20.81 12.95
N ARG A 215 9.43 -21.33 12.95
CA ARG A 215 9.14 -22.67 12.44
C ARG A 215 8.04 -22.56 11.41
N ARG A 216 8.13 -23.39 10.37
CA ARG A 216 7.15 -23.38 9.28
C ARG A 216 6.08 -24.44 9.51
N ARG A 217 4.99 -24.35 8.74
CA ARG A 217 3.88 -25.29 8.84
C ARG A 217 3.16 -25.36 7.51
N ARG A 218 3.09 -26.57 6.93
CA ARG A 218 2.48 -26.76 5.63
C ARG A 218 1.01 -27.08 5.78
N THR A 219 0.16 -26.37 5.04
CA THR A 219 -1.29 -26.65 5.03
C THR A 219 -1.86 -26.51 3.61
N LEU A 220 -2.80 -27.40 3.28
CA LEU A 220 -3.54 -27.36 2.02
C LEU A 220 -4.99 -27.01 2.31
N GLU A 221 -5.60 -26.23 1.42
CA GLU A 221 -7.02 -25.84 1.54
C GLU A 221 -7.73 -25.92 0.19
N ILE A 222 -8.91 -26.54 0.17
CA ILE A 222 -9.83 -26.45 -0.96
C ILE A 222 -10.76 -25.26 -0.69
N LEU A 223 -10.44 -24.11 -1.29
CA LEU A 223 -11.23 -22.90 -1.15
C LEU A 223 -12.61 -23.01 -1.81
N LYS A 224 -12.64 -23.60 -3.01
CA LYS A 224 -13.87 -23.68 -3.80
C LYS A 224 -13.85 -24.90 -4.72
N LEU A 225 -15.04 -25.47 -4.91
CA LEU A 225 -15.28 -26.50 -5.92
C LEU A 225 -16.69 -26.29 -6.50
N ARG A 226 -16.79 -25.72 -7.71
CA ARG A 226 -18.10 -25.48 -8.33
C ARG A 226 -18.87 -26.78 -8.56
N GLY A 227 -20.14 -26.77 -8.15
CA GLY A 227 -21.07 -27.86 -8.42
C GLY A 227 -20.82 -29.13 -7.63
N THR A 228 -20.02 -29.07 -6.57
CA THR A 228 -19.76 -30.23 -5.72
C THR A 228 -19.39 -29.78 -4.32
N TRP A 229 -19.47 -30.70 -3.36
CA TRP A 229 -19.14 -30.42 -1.97
C TRP A 229 -17.68 -30.75 -1.70
N HIS A 230 -17.11 -30.09 -0.70
CA HIS A 230 -15.76 -30.38 -0.24
C HIS A 230 -15.59 -29.99 1.22
N MET A 231 -14.49 -30.44 1.82
CA MET A 231 -14.16 -30.13 3.19
C MET A 231 -13.56 -28.72 3.22
N LYS A 232 -13.96 -27.93 4.20
CA LYS A 232 -13.59 -26.51 4.29
C LYS A 232 -12.43 -26.39 5.27
N GLY A 233 -11.68 -25.30 5.15
CA GLY A 233 -10.57 -24.99 6.04
C GLY A 233 -9.23 -25.53 5.58
N GLU A 234 -8.21 -25.27 6.39
CA GLU A 234 -6.86 -25.72 6.12
C GLU A 234 -6.62 -27.09 6.77
N TYR A 235 -5.85 -27.92 6.08
CA TYR A 235 -5.50 -29.26 6.54
C TYR A 235 -3.99 -29.42 6.48
N PRO A 236 -3.39 -29.92 7.58
CA PRO A 236 -1.95 -30.11 7.57
C PRO A 236 -1.52 -31.14 6.55
N PHE A 237 -0.33 -30.95 5.99
CA PHE A 237 0.26 -31.92 5.09
C PHE A 237 1.78 -31.89 5.20
N THR A 238 2.42 -32.95 4.72
CA THR A 238 3.89 -33.01 4.64
C THR A 238 4.35 -33.58 3.31
N ILE A 239 5.62 -33.38 3.00
CA ILE A 239 6.24 -33.87 1.77
C ILE A 239 7.29 -34.88 2.15
N THR A 240 6.93 -36.16 2.06
CA THR A 240 7.81 -37.28 2.40
C THR A 240 8.49 -37.85 1.16
N ASP A 241 9.21 -38.95 1.32
CA ASP A 241 9.83 -39.69 0.21
C ASP A 241 8.85 -40.26 -0.84
N HIS A 242 7.54 -40.15 -0.60
CA HIS A 242 6.53 -40.57 -1.56
C HIS A 242 5.52 -39.46 -1.87
N GLY A 243 6.00 -38.21 -1.86
CA GLY A 243 5.17 -37.05 -2.21
C GLY A 243 4.33 -36.46 -1.09
N ILE A 244 3.25 -35.81 -1.47
CA ILE A 244 2.38 -35.06 -0.54
C ILE A 244 1.44 -36.00 0.20
N ASN A 245 1.39 -35.82 1.51
CA ASN A 245 0.51 -36.58 2.38
C ASN A 245 -0.30 -35.59 3.18
N ILE A 246 -1.63 -35.64 3.03
CA ILE A 246 -2.57 -34.75 3.72
C ILE A 246 -3.25 -35.55 4.82
N PHE A 247 -3.57 -34.85 5.92
CA PHE A 247 -4.22 -35.41 7.10
C PHE A 247 -5.62 -34.79 7.26
N PRO A 248 -6.68 -35.51 6.81
CA PRO A 248 -8.05 -35.05 7.04
C PRO A 248 -8.46 -35.04 8.51
N LEU A 249 -9.20 -34.01 8.92
CA LEU A 249 -9.66 -33.84 10.30
C LEU A 249 -11.19 -33.75 10.32
N ALA B 17 18.32 -39.45 -5.08
CA ALA B 17 18.58 -38.23 -4.25
C ALA B 17 19.58 -37.29 -4.93
N ILE B 18 19.10 -36.14 -5.41
CA ILE B 18 19.91 -35.19 -6.15
C ILE B 18 21.23 -34.93 -5.44
N ALA B 19 22.33 -34.94 -6.19
CA ALA B 19 23.67 -34.77 -5.62
C ALA B 19 23.87 -33.34 -5.12
N LYS B 20 24.54 -33.21 -3.97
CA LYS B 20 24.83 -31.92 -3.33
C LYS B 20 26.32 -31.76 -3.14
N MET B 21 26.78 -30.52 -3.12
CA MET B 21 28.17 -30.22 -2.80
C MET B 21 28.22 -29.58 -1.44
N ARG B 22 29.06 -30.14 -0.57
CA ARG B 22 29.23 -29.64 0.80
C ARG B 22 29.75 -28.21 0.73
N THR B 23 29.07 -27.30 1.43
CA THR B 23 29.53 -25.91 1.52
C THR B 23 30.63 -25.75 2.58
N MET B 24 30.65 -26.67 3.55
CA MET B 24 31.54 -26.63 4.73
C MET B 24 31.31 -25.45 5.69
N ILE B 25 30.26 -24.65 5.48
CA ILE B 25 29.91 -23.56 6.38
C ILE B 25 29.27 -24.19 7.61
N GLU B 26 29.83 -23.89 8.77
CA GLU B 26 29.45 -24.55 10.03
C GLU B 26 27.94 -24.49 10.23
N GLY B 27 27.29 -25.65 10.11
CA GLY B 27 25.86 -25.75 10.34
C GLY B 27 25.02 -25.84 9.07
N PHE B 28 25.46 -25.21 7.99
CA PHE B 28 24.67 -25.17 6.74
C PHE B 28 24.40 -26.55 6.13
N ASP B 29 25.39 -27.44 6.17
CA ASP B 29 25.24 -28.77 5.59
C ASP B 29 24.24 -29.62 6.37
N ASP B 30 24.07 -29.33 7.65
CA ASP B 30 23.01 -29.98 8.46
C ASP B 30 21.61 -29.48 8.09
N ILE B 31 21.48 -28.18 7.83
CA ILE B 31 20.19 -27.58 7.49
C ILE B 31 19.81 -27.97 6.05
N SER B 32 20.79 -27.94 5.15
CA SER B 32 20.58 -28.34 3.76
C SER B 32 20.65 -29.85 3.54
N HIS B 33 21.14 -30.58 4.54
CA HIS B 33 21.20 -32.04 4.51
C HIS B 33 22.17 -32.53 3.43
N GLY B 34 23.36 -31.93 3.41
CA GLY B 34 24.42 -32.31 2.46
C GLY B 34 25.08 -31.19 1.70
N GLY B 35 24.44 -30.02 1.65
CA GLY B 35 24.97 -28.86 0.94
C GLY B 35 24.03 -28.38 -0.13
N LEU B 36 24.57 -27.71 -1.14
CA LEU B 36 23.77 -27.11 -2.21
C LEU B 36 23.73 -28.04 -3.43
N PRO B 37 22.53 -28.25 -4.02
CA PRO B 37 22.41 -29.03 -5.27
C PRO B 37 23.37 -28.58 -6.36
N ILE B 38 24.05 -29.55 -6.99
CA ILE B 38 25.11 -29.26 -7.96
C ILE B 38 24.50 -28.87 -9.31
N GLY B 39 25.10 -27.90 -9.96
CA GLY B 39 24.59 -27.38 -11.23
C GLY B 39 23.31 -26.54 -11.12
N ARG B 40 22.81 -26.36 -9.90
CA ARG B 40 21.59 -25.60 -9.65
C ARG B 40 21.95 -24.22 -9.11
N SER B 41 20.99 -23.31 -9.21
CA SER B 41 21.15 -21.93 -8.78
C SER B 41 20.52 -21.73 -7.40
N THR B 42 21.25 -21.08 -6.50
CA THR B 42 20.75 -20.78 -5.17
C THR B 42 20.70 -19.27 -4.94
N LEU B 43 19.51 -18.80 -4.59
CA LEU B 43 19.29 -17.41 -4.27
C LEU B 43 19.50 -17.23 -2.76
N VAL B 44 20.43 -16.35 -2.37
CA VAL B 44 20.62 -15.98 -0.98
C VAL B 44 20.18 -14.53 -0.82
N SER B 45 18.96 -14.34 -0.33
CA SER B 45 18.36 -13.00 -0.20
C SER B 45 18.41 -12.51 1.24
N GLY B 46 18.41 -11.20 1.41
CA GLY B 46 18.51 -10.59 2.73
C GLY B 46 18.56 -9.08 2.71
N THR B 47 18.17 -8.46 3.83
CA THR B 47 18.32 -7.01 4.02
C THR B 47 19.79 -6.64 4.10
N SER B 48 20.08 -5.34 4.13
CA SER B 48 21.47 -4.88 4.11
C SER B 48 22.18 -5.30 5.39
N GLY B 49 23.36 -5.89 5.21
CA GLY B 49 24.19 -6.32 6.33
C GLY B 49 23.76 -7.63 6.98
N THR B 50 23.04 -8.47 6.23
CA THR B 50 22.61 -9.78 6.74
C THR B 50 23.68 -10.85 6.58
N GLY B 51 24.67 -10.61 5.70
CA GLY B 51 25.74 -11.57 5.42
C GLY B 51 25.63 -12.31 4.08
N LYS B 52 25.09 -11.62 3.07
CA LYS B 52 24.91 -12.20 1.74
C LYS B 52 26.25 -12.32 0.99
N THR B 53 27.00 -11.23 0.97
CA THR B 53 28.34 -11.20 0.36
C THR B 53 29.26 -12.21 1.04
N LEU B 54 29.27 -12.17 2.36
CA LEU B 54 30.10 -13.06 3.17
C LEU B 54 29.82 -14.52 2.86
N PHE B 55 28.54 -14.86 2.79
CA PHE B 55 28.10 -16.22 2.48
C PHE B 55 28.67 -16.70 1.14
N SER B 56 28.56 -15.83 0.13
CA SER B 56 29.00 -16.15 -1.22
C SER B 56 30.51 -16.31 -1.33
N ILE B 57 31.28 -15.54 -0.53
CA ILE B 57 32.74 -15.68 -0.46
C ILE B 57 33.14 -17.00 0.20
N GLN B 58 32.52 -17.28 1.35
CA GLN B 58 32.76 -18.51 2.10
C GLN B 58 32.35 -19.76 1.31
N PHE B 59 31.37 -19.62 0.42
CA PHE B 59 30.98 -20.68 -0.52
C PHE B 59 32.09 -20.97 -1.53
N LEU B 60 32.72 -19.92 -2.03
CA LEU B 60 33.87 -20.08 -2.93
C LEU B 60 35.14 -20.48 -2.19
N TYR B 61 35.35 -19.92 -1.00
CA TYR B 61 36.55 -20.19 -0.22
C TYR B 61 36.65 -21.66 0.18
N ASN B 62 35.61 -22.16 0.83
CA ASN B 62 35.57 -23.55 1.30
C ASN B 62 35.73 -24.59 0.18
N GLY B 63 35.12 -24.34 -0.97
CA GLY B 63 35.29 -25.20 -2.15
C GLY B 63 36.73 -25.31 -2.64
N ILE B 64 37.50 -24.23 -2.49
CA ILE B 64 38.90 -24.22 -2.90
C ILE B 64 39.77 -24.94 -1.88
N ILE B 65 39.56 -24.63 -0.60
CA ILE B 65 40.39 -25.18 0.49
C ILE B 65 40.07 -26.66 0.78
N GLU B 66 38.79 -27.02 0.73
CA GLU B 66 38.35 -28.35 1.15
C GLU B 66 38.21 -29.38 0.01
N PHE B 67 37.99 -28.91 -1.23
CA PHE B 67 37.86 -29.81 -2.39
C PHE B 67 38.63 -29.36 -3.64
N ASP B 68 39.51 -28.37 -3.49
CA ASP B 68 40.24 -27.78 -4.62
C ASP B 68 39.35 -27.57 -5.85
N GLU B 69 38.22 -26.89 -5.63
CA GLU B 69 37.29 -26.53 -6.68
C GLU B 69 37.45 -25.05 -7.04
N PRO B 70 37.88 -24.76 -8.28
CA PRO B 70 38.00 -23.36 -8.69
C PRO B 70 36.67 -22.59 -8.63
N GLY B 71 36.75 -21.32 -8.25
CA GLY B 71 35.56 -20.48 -8.02
C GLY B 71 35.55 -19.18 -8.80
N VAL B 72 34.37 -18.75 -9.21
CA VAL B 72 34.19 -17.46 -9.88
C VAL B 72 33.25 -16.57 -9.05
N PHE B 73 33.72 -15.37 -8.72
CA PHE B 73 32.95 -14.37 -7.98
C PHE B 73 32.71 -13.15 -8.87
N VAL B 74 31.47 -12.99 -9.34
CA VAL B 74 31.11 -11.84 -10.18
C VAL B 74 30.54 -10.77 -9.27
N THR B 75 31.09 -9.56 -9.36
CA THR B 75 30.67 -8.43 -8.55
C THR B 75 30.23 -7.28 -9.46
N PHE B 76 29.06 -6.70 -9.17
CA PHE B 76 28.55 -5.55 -9.92
C PHE B 76 28.86 -4.19 -9.25
N GLU B 77 29.15 -4.19 -7.95
CA GLU B 77 29.33 -2.95 -7.20
C GLU B 77 30.70 -2.89 -6.51
N GLU B 78 30.93 -3.80 -5.55
CA GLU B 78 32.19 -3.80 -4.79
C GLU B 78 33.34 -4.21 -5.69
N THR B 79 34.50 -3.59 -5.50
CA THR B 79 35.66 -3.84 -6.36
C THR B 79 36.46 -5.04 -5.83
N PRO B 80 37.20 -5.74 -6.72
CA PRO B 80 38.05 -6.85 -6.28
C PRO B 80 38.92 -6.52 -5.06
N GLN B 81 39.57 -5.35 -5.09
CA GLN B 81 40.37 -4.87 -3.97
C GLN B 81 39.59 -4.83 -2.65
N ASP B 82 38.34 -4.33 -2.70
CA ASP B 82 37.47 -4.22 -1.52
C ASP B 82 36.97 -5.57 -1.03
N ILE B 83 36.52 -6.42 -1.96
CA ILE B 83 36.14 -7.81 -1.64
C ILE B 83 37.27 -8.56 -0.94
N ILE B 84 38.50 -8.33 -1.39
CA ILE B 84 39.68 -8.91 -0.75
C ILE B 84 39.92 -8.29 0.63
N LYS B 85 39.99 -6.95 0.69
CA LYS B 85 40.24 -6.25 1.96
C LYS B 85 39.25 -6.73 3.03
N ASN B 86 37.97 -6.70 2.68
CA ASN B 86 36.88 -7.16 3.56
C ASN B 86 36.99 -8.63 3.94
N ALA B 87 37.57 -9.46 3.07
CA ALA B 87 37.81 -10.88 3.37
C ALA B 87 38.92 -11.11 4.39
N ARG B 88 39.97 -10.29 4.33
CA ARG B 88 41.07 -10.30 5.32
C ARG B 88 40.59 -10.22 6.78
N SER B 89 39.39 -9.64 6.98
CA SER B 89 38.68 -9.69 8.26
C SER B 89 38.55 -11.11 8.84
N PHE B 90 38.32 -12.10 7.98
CA PHE B 90 38.13 -13.49 8.43
C PHE B 90 39.36 -14.37 8.26
N GLY B 91 40.52 -13.74 8.05
CA GLY B 91 41.78 -14.46 7.85
C GLY B 91 41.82 -15.25 6.56
N TRP B 92 41.26 -14.68 5.50
CA TRP B 92 41.26 -15.30 4.17
C TRP B 92 42.05 -14.41 3.23
N ASP B 93 43.13 -14.97 2.68
CA ASP B 93 43.97 -14.27 1.70
C ASP B 93 43.45 -14.59 0.31
N LEU B 94 42.42 -13.86 -0.10
CA LEU B 94 41.85 -14.00 -1.44
C LEU B 94 42.81 -13.48 -2.51
N ALA B 95 43.74 -12.61 -2.11
CA ALA B 95 44.84 -12.16 -2.97
C ALA B 95 45.71 -13.31 -3.45
N LYS B 96 46.03 -14.25 -2.56
CA LYS B 96 46.84 -15.43 -2.91
C LYS B 96 46.09 -16.42 -3.81
N LEU B 97 44.82 -16.67 -3.50
CA LEU B 97 43.96 -17.56 -4.28
C LEU B 97 43.78 -17.10 -5.73
N VAL B 98 43.79 -15.78 -5.95
CA VAL B 98 43.73 -15.17 -7.29
C VAL B 98 45.00 -15.46 -8.09
N ASP B 99 46.17 -15.29 -7.47
CA ASP B 99 47.46 -15.60 -8.10
C ASP B 99 47.59 -17.10 -8.43
N GLU B 100 47.26 -17.94 -7.45
CA GLU B 100 47.28 -19.40 -7.61
C GLU B 100 46.29 -19.92 -8.68
N GLY B 101 45.37 -19.07 -9.14
CA GLY B 101 44.43 -19.41 -10.20
C GLY B 101 43.28 -20.26 -9.73
N LYS B 102 43.04 -20.31 -8.41
CA LYS B 102 41.94 -21.06 -7.84
C LYS B 102 40.65 -20.22 -7.84
N LEU B 103 40.78 -18.92 -7.58
CA LEU B 103 39.66 -18.00 -7.54
C LEU B 103 39.81 -16.98 -8.66
N PHE B 104 38.68 -16.53 -9.20
CA PHE B 104 38.65 -15.44 -10.16
C PHE B 104 37.52 -14.45 -9.83
N ILE B 105 37.89 -13.18 -9.62
CA ILE B 105 36.93 -12.12 -9.32
C ILE B 105 36.64 -11.33 -10.59
N LEU B 106 35.43 -11.50 -11.13
CA LEU B 106 35.02 -10.81 -12.34
C LEU B 106 34.34 -9.48 -11.96
N ASP B 107 34.95 -8.37 -12.35
CA ASP B 107 34.36 -7.04 -12.12
C ASP B 107 33.42 -6.69 -13.28
N ALA B 108 32.12 -6.69 -13.01
CA ALA B 108 31.10 -6.32 -13.99
C ALA B 108 30.37 -5.03 -13.61
N SER B 109 31.12 -4.04 -13.11
CA SER B 109 30.56 -2.73 -12.74
C SER B 109 30.27 -1.88 -13.98
N PRO B 110 29.42 -0.84 -13.84
CA PRO B 110 29.10 0.05 -14.97
C PRO B 110 30.20 1.07 -15.28
N ASP B 111 30.34 1.42 -16.56
CA ASP B 111 31.33 2.40 -17.01
C ASP B 111 30.84 3.83 -16.73
N ASP B 122 18.55 -7.43 -22.28
CA ASP B 122 19.38 -8.58 -22.65
C ASP B 122 20.80 -8.47 -22.07
N LEU B 123 21.10 -9.31 -21.08
CA LEU B 123 22.43 -9.38 -20.47
C LEU B 123 23.27 -10.53 -21.04
N SER B 124 23.04 -10.87 -22.32
CA SER B 124 23.78 -11.93 -23.01
C SER B 124 25.27 -11.60 -23.18
N ALA B 125 25.59 -10.31 -23.19
CA ALA B 125 26.98 -9.85 -23.16
C ALA B 125 27.72 -10.32 -21.90
N LEU B 126 27.07 -10.20 -20.73
CA LEU B 126 27.66 -10.61 -19.45
C LEU B 126 27.58 -12.12 -19.22
N ILE B 127 26.44 -12.72 -19.58
CA ILE B 127 26.25 -14.17 -19.46
C ILE B 127 27.25 -14.98 -20.31
N GLU B 128 27.82 -14.35 -21.34
CA GLU B 128 28.93 -14.92 -22.10
C GLU B 128 30.30 -14.68 -21.44
N ARG B 129 30.50 -13.49 -20.86
CA ARG B 129 31.73 -13.17 -20.13
C ARG B 129 31.99 -14.12 -18.95
N ILE B 130 30.90 -14.54 -18.28
CA ILE B 130 30.99 -15.48 -17.15
C ILE B 130 31.33 -16.88 -17.65
N ASN B 131 30.69 -17.30 -18.75
CA ASN B 131 30.95 -18.60 -19.38
C ASN B 131 32.43 -18.74 -19.78
N TYR B 132 33.00 -17.66 -20.31
CA TYR B 132 34.42 -17.65 -20.67
C TYR B 132 35.33 -17.86 -19.48
N ALA B 133 35.01 -17.25 -18.33
CA ALA B 133 35.78 -17.46 -17.10
C ALA B 133 35.58 -18.86 -16.49
N ILE B 134 34.34 -19.35 -16.49
CA ILE B 134 34.01 -20.67 -15.95
C ILE B 134 34.80 -21.77 -16.65
N GLN B 135 34.73 -21.78 -17.98
CA GLN B 135 35.44 -22.76 -18.81
C GLN B 135 36.96 -22.56 -18.80
N LYS B 136 37.41 -21.31 -18.72
CA LYS B 136 38.84 -20.99 -18.63
C LYS B 136 39.46 -21.51 -17.33
N TYR B 137 38.86 -21.14 -16.20
CA TYR B 137 39.35 -21.55 -14.89
C TYR B 137 38.87 -22.96 -14.47
N ARG B 138 37.93 -23.53 -15.23
CA ARG B 138 37.35 -24.83 -14.94
C ARG B 138 36.65 -24.79 -13.58
N ALA B 139 35.87 -23.73 -13.37
CA ALA B 139 35.26 -23.47 -12.08
C ALA B 139 34.01 -24.30 -11.88
N ARG B 140 33.93 -24.95 -10.73
CA ARG B 140 32.75 -25.71 -10.33
C ARG B 140 31.75 -24.83 -9.58
N ARG B 141 32.26 -23.92 -8.75
CA ARG B 141 31.44 -22.99 -7.96
C ARG B 141 31.40 -21.58 -8.58
N VAL B 142 30.25 -20.93 -8.46
CA VAL B 142 30.06 -19.57 -8.98
C VAL B 142 29.24 -18.72 -7.99
N SER B 143 29.62 -17.46 -7.85
CA SER B 143 28.92 -16.51 -6.97
C SER B 143 28.67 -15.19 -7.71
N ILE B 144 27.42 -14.75 -7.76
CA ILE B 144 27.03 -13.48 -8.38
C ILE B 144 26.43 -12.59 -7.30
N ASP B 145 27.04 -11.41 -7.09
N ASP B 145 26.95 -11.37 -7.12
CA ASP B 145 26.66 -10.49 -6.01
CA ASP B 145 26.73 -10.62 -5.88
C ASP B 145 26.85 -9.04 -6.43
C ASP B 145 26.29 -9.14 -5.87
N SER B 146 25.74 -8.34 -6.63
N SER B 146 25.09 -8.82 -5.36
CA SER B 146 24.42 -8.92 -6.45
CA SER B 146 23.86 -8.56 -6.16
C SER B 146 23.60 -8.69 -7.71
C SER B 146 23.62 -8.71 -7.67
N VAL B 147 22.74 -9.64 -8.06
CA VAL B 147 22.07 -9.59 -9.37
C VAL B 147 21.15 -8.37 -9.51
N THR B 148 20.33 -8.14 -8.47
CA THR B 148 19.41 -7.00 -8.39
C THR B 148 19.97 -5.67 -8.91
N SER B 149 21.22 -5.36 -8.54
CA SER B 149 21.87 -4.10 -8.92
C SER B 149 21.91 -3.83 -10.43
N VAL B 150 22.09 -4.88 -11.22
CA VAL B 150 22.09 -4.75 -12.70
C VAL B 150 20.81 -4.11 -13.21
N PHE B 151 19.67 -4.55 -12.67
CA PHE B 151 18.35 -4.00 -13.03
C PHE B 151 18.13 -2.61 -12.42
N GLN B 152 18.58 -2.44 -11.18
CA GLN B 152 18.51 -1.14 -10.50
C GLN B 152 19.47 -0.10 -11.10
N GLN B 153 20.53 -0.55 -11.77
CA GLN B 153 21.46 0.33 -12.50
C GLN B 153 20.92 0.73 -13.88
N TYR B 154 20.39 -0.26 -14.61
CA TYR B 154 19.76 -0.02 -15.92
C TYR B 154 18.36 0.62 -15.83
N ASP B 155 17.78 0.66 -14.63
CA ASP B 155 16.46 1.26 -14.38
C ASP B 155 15.34 0.57 -15.19
N ALA B 156 15.45 -0.75 -15.33
CA ALA B 156 14.52 -1.55 -16.11
C ALA B 156 13.95 -2.69 -15.24
N SER B 157 12.95 -2.32 -14.43
CA SER B 157 12.21 -3.27 -13.59
C SER B 157 11.15 -4.09 -14.34
N SER B 158 10.98 -3.85 -15.65
CA SER B 158 10.08 -4.64 -16.48
C SER B 158 10.65 -6.01 -16.83
N VAL B 159 11.79 -6.02 -17.54
CA VAL B 159 12.44 -7.25 -17.97
C VAL B 159 13.34 -7.79 -16.85
N VAL B 160 12.73 -8.48 -15.88
CA VAL B 160 13.47 -9.06 -14.74
C VAL B 160 13.32 -10.58 -14.67
N ARG B 161 12.07 -11.07 -14.70
CA ARG B 161 11.78 -12.51 -14.75
C ARG B 161 12.41 -13.18 -15.97
N ARG B 162 12.37 -12.51 -17.11
CA ARG B 162 12.99 -12.99 -18.35
C ARG B 162 14.52 -12.97 -18.30
N GLU B 163 15.09 -11.91 -17.74
CA GLU B 163 16.53 -11.75 -17.68
C GLU B 163 17.20 -12.65 -16.64
N LEU B 164 16.63 -12.70 -15.44
CA LEU B 164 17.13 -13.61 -14.39
C LEU B 164 17.05 -15.09 -14.82
N PHE B 165 16.07 -15.41 -15.68
CA PHE B 165 15.91 -16.77 -16.20
C PHE B 165 16.97 -17.13 -17.24
N ARG B 166 17.30 -16.20 -18.12
CA ARG B 166 18.37 -16.42 -19.12
C ARG B 166 19.74 -16.69 -18.47
N LEU B 167 19.97 -16.12 -17.28
CA LEU B 167 21.22 -16.33 -16.53
C LEU B 167 21.25 -17.70 -15.85
N VAL B 168 20.19 -18.02 -15.12
CA VAL B 168 20.06 -19.30 -14.43
C VAL B 168 20.09 -20.47 -15.41
N ALA B 169 19.39 -20.31 -16.54
CA ALA B 169 19.34 -21.34 -17.59
C ALA B 169 20.71 -21.56 -18.25
N ARG B 170 21.38 -20.47 -18.62
CA ARG B 170 22.72 -20.57 -19.21
C ARG B 170 23.76 -21.10 -18.23
N LEU B 171 23.55 -20.85 -16.93
CA LEU B 171 24.40 -21.44 -15.87
C LEU B 171 24.11 -22.92 -15.62
N LYS B 172 22.84 -23.32 -15.78
CA LYS B 172 22.45 -24.71 -15.67
C LYS B 172 23.04 -25.57 -16.81
N GLN B 173 23.21 -24.98 -17.99
CA GLN B 173 23.79 -25.69 -19.15
C GLN B 173 25.29 -25.97 -18.99
N ILE B 174 26.03 -25.06 -18.34
CA ILE B 174 27.44 -25.27 -18.04
C ILE B 174 27.67 -26.23 -16.85
N GLY B 175 26.62 -26.57 -16.11
CA GLY B 175 26.68 -27.53 -15.00
C GLY B 175 27.36 -27.00 -13.74
N ALA B 176 27.24 -25.69 -13.52
CA ALA B 176 27.95 -25.01 -12.45
C ALA B 176 27.01 -24.71 -11.28
N THR B 177 27.51 -24.94 -10.06
CA THR B 177 26.74 -24.68 -8.86
C THR B 177 26.85 -23.20 -8.53
N THR B 178 25.72 -22.50 -8.55
CA THR B 178 25.71 -21.05 -8.45
C THR B 178 24.98 -20.55 -7.20
N VAL B 179 25.55 -19.50 -6.59
CA VAL B 179 24.93 -18.78 -5.50
C VAL B 179 24.80 -17.31 -5.91
N MET B 180 23.56 -16.83 -6.05
CA MET B 180 23.27 -15.44 -6.41
C MET B 180 22.62 -14.74 -5.23
N THR B 181 23.09 -13.53 -4.91
CA THR B 181 22.50 -12.77 -3.82
C THR B 181 21.52 -11.71 -4.34
N THR B 182 20.45 -11.48 -3.59
CA THR B 182 19.46 -10.43 -3.89
C THR B 182 19.16 -9.64 -2.64
N GLU B 183 18.47 -8.53 -2.83
CA GLU B 183 18.25 -7.56 -1.77
C GLU B 183 16.78 -7.47 -1.42
N ARG B 184 16.49 -7.06 -0.19
CA ARG B 184 15.10 -6.84 0.24
C ARG B 184 15.01 -5.71 1.27
N ILE B 185 13.80 -5.18 1.39
CA ILE B 185 13.52 -4.02 2.22
C ILE B 185 13.00 -4.38 3.62
N GLU B 186 12.43 -5.58 3.78
CA GLU B 186 11.82 -6.01 5.04
C GLU B 186 12.24 -7.44 5.40
N GLU B 187 12.14 -7.75 6.68
CA GLU B 187 12.53 -9.07 7.21
C GLU B 187 11.47 -10.16 6.97
N TYR B 188 10.19 -9.78 7.05
CA TYR B 188 9.06 -10.71 6.82
C TYR B 188 8.15 -10.31 5.66
N GLY B 189 8.69 -9.51 4.73
CA GLY B 189 7.99 -9.10 3.51
C GLY B 189 8.37 -10.01 2.35
N PRO B 190 8.37 -9.46 1.11
CA PRO B 190 8.80 -10.22 -0.06
C PRO B 190 10.19 -10.82 0.11
N ILE B 191 10.39 -11.99 -0.49
CA ILE B 191 11.66 -12.72 -0.38
C ILE B 191 12.79 -11.91 -1.01
N ALA B 192 12.52 -11.27 -2.14
CA ALA B 192 13.49 -10.44 -2.86
C ALA B 192 12.88 -9.04 -3.09
N ARG B 193 13.25 -8.34 -4.17
CA ARG B 193 12.76 -6.99 -4.44
C ARG B 193 11.60 -6.94 -5.44
N TYR B 194 11.56 -7.86 -6.40
CA TYR B 194 10.55 -7.83 -7.48
C TYR B 194 9.48 -8.93 -7.41
N GLY B 195 9.45 -9.72 -6.34
CA GLY B 195 8.51 -10.84 -6.19
C GLY B 195 8.57 -11.91 -7.28
N VAL B 196 9.73 -12.06 -7.93
CA VAL B 196 9.92 -13.04 -9.03
C VAL B 196 11.17 -13.92 -8.92
N GLU B 197 12.20 -13.43 -8.22
CA GLU B 197 13.50 -14.09 -8.15
C GLU B 197 13.40 -15.44 -7.45
N GLU B 198 12.50 -15.53 -6.46
CA GLU B 198 12.21 -16.79 -5.77
C GLU B 198 11.70 -17.91 -6.69
N PHE B 199 11.05 -17.54 -7.80
CA PHE B 199 10.47 -18.49 -8.75
C PHE B 199 11.37 -18.84 -9.93
N VAL B 200 12.43 -18.05 -10.15
CA VAL B 200 13.42 -18.31 -11.19
C VAL B 200 14.61 -19.13 -10.67
N SER B 201 14.72 -19.26 -9.35
CA SER B 201 15.83 -19.99 -8.72
C SER B 201 15.37 -21.36 -8.26
N ASP B 202 16.32 -22.29 -8.23
CA ASP B 202 16.05 -23.66 -7.80
C ASP B 202 15.92 -23.74 -6.31
N ASN B 203 16.81 -23.03 -5.62
CA ASN B 203 16.91 -23.07 -4.20
C ASN B 203 16.75 -21.66 -3.70
N VAL B 204 16.21 -21.51 -2.50
CA VAL B 204 16.04 -20.20 -1.86
C VAL B 204 16.49 -20.24 -0.39
N VAL B 205 17.53 -19.48 -0.09
CA VAL B 205 18.03 -19.26 1.26
C VAL B 205 17.75 -17.81 1.63
N ILE B 206 17.20 -17.59 2.82
CA ILE B 206 16.86 -16.26 3.31
C ILE B 206 17.68 -15.96 4.55
N LEU B 207 18.41 -14.86 4.51
CA LEU B 207 19.13 -14.34 5.66
C LEU B 207 18.34 -13.19 6.28
N ARG B 208 18.09 -13.29 7.59
CA ARG B 208 17.36 -12.26 8.32
C ARG B 208 18.22 -11.68 9.42
N ASN B 209 17.99 -10.40 9.69
CA ASN B 209 18.62 -9.67 10.78
C ASN B 209 17.50 -8.93 11.50
N VAL B 210 16.62 -9.70 12.15
CA VAL B 210 15.44 -9.14 12.79
C VAL B 210 15.81 -8.33 14.04
N LEU B 211 15.10 -7.21 14.24
CA LEU B 211 15.28 -6.33 15.39
C LEU B 211 14.03 -6.37 16.27
N GLU B 212 14.21 -6.75 17.53
CA GLU B 212 13.12 -6.77 18.51
C GLU B 212 13.67 -6.32 19.86
N GLY B 213 13.07 -5.29 20.44
CA GLY B 213 13.53 -4.76 21.72
C GLY B 213 14.91 -4.12 21.64
N GLU B 214 15.16 -3.37 20.56
CA GLU B 214 16.41 -2.63 20.36
C GLU B 214 17.65 -3.52 20.10
N ARG B 215 17.45 -4.81 19.85
CA ARG B 215 18.53 -5.78 19.66
C ARG B 215 18.29 -6.59 18.39
N ARG B 216 19.36 -7.01 17.73
CA ARG B 216 19.27 -7.77 16.48
C ARG B 216 19.50 -9.26 16.70
N ARG B 217 18.84 -10.09 15.89
CA ARG B 217 19.00 -11.55 15.94
C ARG B 217 19.18 -12.07 14.51
N ARG B 218 20.40 -12.49 14.19
CA ARG B 218 20.68 -13.07 12.88
C ARG B 218 20.11 -14.47 12.80
N THR B 219 19.36 -14.75 11.73
CA THR B 219 18.84 -16.09 11.46
C THR B 219 18.88 -16.43 9.97
N LEU B 220 19.18 -17.70 9.68
CA LEU B 220 19.24 -18.23 8.31
C LEU B 220 18.07 -19.17 8.07
N GLU B 221 17.62 -19.28 6.82
CA GLU B 221 16.50 -20.14 6.47
C GLU B 221 16.58 -20.62 5.04
N ILE B 222 16.49 -21.94 4.86
CA ILE B 222 16.36 -22.53 3.54
C ILE B 222 14.86 -22.69 3.34
N LEU B 223 14.28 -21.77 2.57
CA LEU B 223 12.86 -21.79 2.28
C LEU B 223 12.51 -22.90 1.30
N LYS B 224 13.39 -23.17 0.34
CA LYS B 224 13.09 -24.13 -0.71
C LYS B 224 14.36 -24.77 -1.30
N LEU B 225 14.25 -26.06 -1.57
CA LEU B 225 15.26 -26.83 -2.30
C LEU B 225 14.49 -27.79 -3.19
N ARG B 226 14.62 -27.65 -4.50
CA ARG B 226 13.86 -28.47 -5.44
C ARG B 226 14.44 -29.87 -5.53
N GLY B 227 13.54 -30.86 -5.48
CA GLY B 227 13.91 -32.27 -5.62
C GLY B 227 14.82 -32.82 -4.53
N THR B 228 14.76 -32.23 -3.35
CA THR B 228 15.57 -32.68 -2.23
C THR B 228 15.03 -32.15 -0.91
N TRP B 229 15.40 -32.83 0.17
CA TRP B 229 14.92 -32.50 1.51
C TRP B 229 15.86 -31.49 2.17
N HIS B 230 15.30 -30.72 3.11
CA HIS B 230 16.07 -29.79 3.92
C HIS B 230 15.29 -29.48 5.18
N MET B 231 15.98 -28.89 6.16
CA MET B 231 15.33 -28.43 7.40
C MET B 231 14.53 -27.15 7.15
N LYS B 232 13.37 -27.05 7.80
CA LYS B 232 12.44 -25.94 7.59
C LYS B 232 12.55 -24.94 8.74
N GLY B 233 12.10 -23.72 8.50
CA GLY B 233 12.11 -22.65 9.50
C GLY B 233 13.45 -21.95 9.58
N GLU B 234 13.53 -20.97 10.49
CA GLU B 234 14.71 -20.12 10.67
C GLU B 234 15.61 -20.73 11.71
N TYR B 235 16.92 -20.68 11.47
CA TYR B 235 17.93 -21.17 12.41
C TYR B 235 18.92 -20.07 12.73
N PRO B 236 19.28 -19.92 14.01
CA PRO B 236 20.18 -18.84 14.42
C PRO B 236 21.60 -19.00 13.90
N PHE B 237 22.21 -17.89 13.52
CA PHE B 237 23.60 -17.88 13.15
C PHE B 237 24.28 -16.59 13.61
N THR B 238 25.61 -16.61 13.65
CA THR B 238 26.40 -15.41 13.95
C THR B 238 27.63 -15.34 13.07
N ILE B 239 28.11 -14.12 12.85
CA ILE B 239 29.32 -13.86 12.08
C ILE B 239 30.46 -13.63 13.06
N THR B 240 31.56 -14.36 12.87
CA THR B 240 32.75 -14.26 13.72
C THR B 240 33.98 -14.12 12.84
N ASP B 241 35.16 -14.10 13.46
CA ASP B 241 36.44 -14.06 12.74
C ASP B 241 36.73 -15.30 11.89
N HIS B 242 35.87 -16.31 11.97
CA HIS B 242 35.95 -17.50 11.13
C HIS B 242 34.79 -17.59 10.13
N GLY B 243 34.07 -16.48 9.94
CA GLY B 243 32.95 -16.41 9.00
C GLY B 243 31.63 -16.80 9.65
N ILE B 244 30.70 -17.27 8.82
CA ILE B 244 29.36 -17.64 9.28
C ILE B 244 29.40 -18.93 10.08
N ASN B 245 28.57 -18.97 11.13
CA ASN B 245 28.44 -20.12 11.99
C ASN B 245 26.97 -20.25 12.36
N ILE B 246 26.29 -21.26 11.79
CA ILE B 246 24.87 -21.51 11.97
C ILE B 246 24.68 -22.59 13.03
N PHE B 247 23.60 -22.49 13.80
CA PHE B 247 23.29 -23.42 14.88
C PHE B 247 22.05 -24.25 14.54
N PRO B 248 22.25 -25.52 14.10
CA PRO B 248 21.09 -26.39 13.85
C PRO B 248 20.34 -26.76 15.14
N LEU B 249 19.01 -26.62 15.12
CA LEU B 249 18.15 -26.97 16.24
C LEU B 249 17.24 -28.15 15.85
N ALA C 17 42.78 -5.83 10.11
CA ALA C 17 41.90 -5.68 8.90
C ALA C 17 41.71 -4.18 8.53
N ILE C 18 40.54 -3.82 7.97
CA ILE C 18 40.22 -2.42 7.64
C ILE C 18 40.39 -1.47 8.84
N ALA C 19 41.21 -0.44 8.66
CA ALA C 19 41.44 0.57 9.69
C ALA C 19 40.27 1.54 9.73
N LYS C 20 40.14 2.27 10.84
CA LYS C 20 39.06 3.23 11.02
C LYS C 20 39.50 4.46 11.82
N MET C 21 38.97 5.63 11.45
CA MET C 21 39.29 6.89 12.12
C MET C 21 38.28 7.15 13.22
N ARG C 22 38.75 7.75 14.30
CA ARG C 22 37.89 8.07 15.45
C ARG C 22 37.07 9.32 15.18
N THR C 23 35.75 9.18 15.28
CA THR C 23 34.82 10.31 15.13
C THR C 23 34.84 11.24 16.33
N MET C 24 35.28 10.74 17.49
CA MET C 24 35.34 11.51 18.74
C MET C 24 33.97 11.90 19.30
N ILE C 25 32.89 11.36 18.73
CA ILE C 25 31.54 11.58 19.21
C ILE C 25 31.36 10.68 20.42
N GLU C 26 30.98 11.27 21.54
CA GLU C 26 30.91 10.57 22.82
C GLU C 26 30.05 9.31 22.71
N GLY C 27 30.71 8.16 22.79
CA GLY C 27 30.03 6.86 22.72
C GLY C 27 30.12 6.13 21.39
N PHE C 28 30.26 6.87 20.27
CA PHE C 28 30.21 6.25 18.93
C PHE C 28 31.39 5.32 18.65
N ASP C 29 32.57 5.71 19.12
CA ASP C 29 33.79 4.93 18.91
C ASP C 29 33.76 3.58 19.67
N ASP C 30 32.88 3.44 20.66
CA ASP C 30 32.59 2.16 21.32
C ASP C 30 31.66 1.25 20.48
N ILE C 31 30.65 1.83 19.86
CA ILE C 31 29.68 1.06 19.06
C ILE C 31 30.39 0.55 17.82
N SER C 32 31.10 1.45 17.16
CA SER C 32 31.82 1.16 15.92
C SER C 32 33.14 0.42 16.14
N HIS C 33 33.63 0.42 17.38
CA HIS C 33 34.86 -0.29 17.78
C HIS C 33 36.11 0.37 17.13
N GLY C 34 36.22 1.68 17.29
CA GLY C 34 37.36 2.44 16.76
C GLY C 34 36.99 3.64 15.90
N GLY C 35 35.77 3.65 15.35
CA GLY C 35 35.27 4.76 14.56
C GLY C 35 34.81 4.31 13.19
N LEU C 36 34.85 5.23 12.21
CA LEU C 36 34.42 4.92 10.85
C LEU C 36 35.59 4.39 10.00
N PRO C 37 35.36 3.31 9.23
CA PRO C 37 36.35 2.79 8.27
C PRO C 37 36.91 3.83 7.30
N ILE C 38 38.23 3.97 7.27
CA ILE C 38 38.94 5.01 6.51
C ILE C 38 38.82 4.78 5.00
N GLY C 39 38.58 5.86 4.26
CA GLY C 39 38.46 5.81 2.82
C GLY C 39 37.16 5.17 2.32
N ARG C 40 36.21 4.94 3.23
CA ARG C 40 34.91 4.34 2.90
C ARG C 40 33.83 5.34 3.26
N SER C 41 32.67 5.23 2.60
CA SER C 41 31.54 6.12 2.87
C SER C 41 30.57 5.46 3.84
N THR C 42 30.02 6.26 4.75
CA THR C 42 29.04 5.79 5.73
C THR C 42 27.74 6.54 5.53
N LEU C 43 26.65 5.80 5.39
CA LEU C 43 25.31 6.36 5.27
C LEU C 43 24.72 6.60 6.66
N VAL C 44 24.15 7.80 6.87
CA VAL C 44 23.42 8.12 8.10
C VAL C 44 21.98 8.50 7.76
N SER C 45 21.07 7.52 7.84
CA SER C 45 19.68 7.74 7.51
C SER C 45 18.89 8.10 8.76
N GLY C 46 17.74 8.72 8.56
CA GLY C 46 16.86 9.08 9.67
C GLY C 46 15.68 9.93 9.27
N THR C 47 14.63 9.91 10.09
CA THR C 47 13.50 10.84 9.92
C THR C 47 13.94 12.26 10.22
N SER C 48 13.04 13.22 10.02
CA SER C 48 13.37 14.62 10.24
C SER C 48 13.59 14.89 11.71
N GLY C 49 14.68 15.61 11.99
CA GLY C 49 15.00 16.04 13.34
C GLY C 49 15.60 14.95 14.19
N THR C 50 16.27 13.98 13.55
CA THR C 50 16.90 12.86 14.24
C THR C 50 18.35 13.15 14.66
N GLY C 51 18.98 14.13 14.02
CA GLY C 51 20.38 14.52 14.31
C GLY C 51 21.39 14.20 13.21
N LYS C 52 20.91 14.05 11.98
CA LYS C 52 21.78 13.74 10.84
C LYS C 52 22.79 14.85 10.56
N THR C 53 22.30 16.09 10.47
CA THR C 53 23.15 17.26 10.28
C THR C 53 24.13 17.44 11.44
N LEU C 54 23.64 17.39 12.68
CA LEU C 54 24.54 17.49 13.84
C LEU C 54 25.70 16.50 13.73
N PHE C 55 25.37 15.27 13.35
CA PHE C 55 26.35 14.17 13.21
C PHE C 55 27.43 14.48 12.19
N SER C 56 27.03 14.95 11.02
CA SER C 56 27.96 15.30 9.94
C SER C 56 28.84 16.51 10.27
N ILE C 57 28.37 17.41 11.13
CA ILE C 57 29.17 18.56 11.56
C ILE C 57 30.19 18.12 12.61
N GLN C 58 29.69 17.43 13.64
CA GLN C 58 30.51 16.91 14.73
C GLN C 58 31.63 16.01 14.23
N PHE C 59 31.35 15.25 13.17
CA PHE C 59 32.37 14.44 12.50
C PHE C 59 33.51 15.30 11.96
N LEU C 60 33.16 16.31 11.15
CA LEU C 60 34.15 17.22 10.59
C LEU C 60 34.85 18.06 11.66
N TYR C 61 34.06 18.62 12.58
CA TYR C 61 34.58 19.46 13.66
C TYR C 61 35.66 18.74 14.49
N ASN C 62 35.30 17.60 15.07
CA ASN C 62 36.22 16.84 15.92
C ASN C 62 37.52 16.45 15.20
N GLY C 63 37.39 16.01 13.96
CA GLY C 63 38.53 15.71 13.11
C GLY C 63 39.53 16.85 12.95
N ILE C 64 39.04 18.08 12.90
CA ILE C 64 39.91 19.25 12.81
C ILE C 64 40.54 19.61 14.16
N ILE C 65 39.74 19.64 15.21
CA ILE C 65 40.19 20.10 16.53
C ILE C 65 41.16 19.13 17.17
N GLU C 66 40.82 17.84 17.16
CA GLU C 66 41.56 16.82 17.88
C GLU C 66 42.67 16.17 17.06
N PHE C 67 42.50 16.12 15.73
CA PHE C 67 43.47 15.46 14.84
C PHE C 67 44.08 16.35 13.74
N ASP C 68 43.60 17.60 13.61
CA ASP C 68 44.04 18.50 12.54
C ASP C 68 43.74 17.94 11.13
N GLU C 69 42.70 17.11 11.02
CA GLU C 69 42.27 16.56 9.74
C GLU C 69 41.29 17.53 9.10
N PRO C 70 41.68 18.20 7.99
CA PRO C 70 40.73 19.12 7.35
C PRO C 70 39.53 18.39 6.74
N GLY C 71 38.42 19.10 6.59
CA GLY C 71 37.18 18.51 6.11
C GLY C 71 36.32 19.40 5.25
N VAL C 72 35.46 18.78 4.45
CA VAL C 72 34.58 19.48 3.51
C VAL C 72 33.11 19.11 3.76
N PHE C 73 32.27 20.13 3.93
CA PHE C 73 30.83 19.93 4.18
C PHE C 73 30.05 20.32 2.94
N VAL C 74 29.32 19.37 2.36
CA VAL C 74 28.50 19.61 1.19
C VAL C 74 27.05 19.74 1.64
N THR C 75 26.42 20.86 1.32
CA THR C 75 25.02 21.12 1.65
C THR C 75 24.24 21.35 0.37
N PHE C 76 23.00 20.86 0.33
CA PHE C 76 22.11 21.07 -0.83
C PHE C 76 20.96 22.03 -0.53
N GLU C 77 20.26 21.83 0.59
CA GLU C 77 19.17 22.73 0.99
C GLU C 77 19.69 23.86 1.87
N GLU C 78 20.24 23.52 3.04
CA GLU C 78 20.72 24.51 4.01
C GLU C 78 21.83 25.39 3.42
N THR C 79 21.88 26.65 3.81
CA THR C 79 22.90 27.59 3.32
C THR C 79 24.10 27.61 4.27
N PRO C 80 25.30 27.90 3.74
CA PRO C 80 26.49 28.04 4.58
C PRO C 80 26.28 28.89 5.83
N GLN C 81 25.57 30.02 5.69
CA GLN C 81 25.28 30.88 6.83
C GLN C 81 24.46 30.15 7.89
N ASP C 82 23.37 29.51 7.46
CA ASP C 82 22.51 28.72 8.36
C ASP C 82 23.28 27.64 9.10
N ILE C 83 24.16 26.95 8.38
CA ILE C 83 24.99 25.91 8.98
C ILE C 83 25.92 26.52 10.04
N ILE C 84 26.47 27.70 9.77
CA ILE C 84 27.33 28.39 10.76
C ILE C 84 26.49 28.89 11.96
N LYS C 85 25.30 29.40 11.70
CA LYS C 85 24.42 29.86 12.77
C LYS C 85 23.99 28.70 13.68
N ASN C 86 23.52 27.62 13.06
CA ASN C 86 23.06 26.43 13.79
C ASN C 86 24.16 25.76 14.60
N ALA C 87 25.42 25.86 14.14
CA ALA C 87 26.56 25.26 14.86
C ALA C 87 27.03 26.08 16.05
N ARG C 88 26.89 27.41 15.99
CA ARG C 88 27.26 28.31 17.11
C ARG C 88 26.52 27.98 18.42
N SER C 89 25.32 27.41 18.28
CA SER C 89 24.56 26.83 19.39
C SER C 89 25.36 25.91 20.34
N PHE C 90 26.27 25.10 19.79
CA PHE C 90 27.08 24.16 20.56
C PHE C 90 28.47 24.70 20.90
N GLY C 91 28.67 26.00 20.74
CA GLY C 91 29.98 26.61 20.96
C GLY C 91 31.03 26.21 19.93
N TRP C 92 30.60 25.83 18.72
CA TRP C 92 31.51 25.46 17.65
C TRP C 92 31.63 26.64 16.69
N ASP C 93 32.83 27.21 16.61
CA ASP C 93 33.12 28.36 15.77
C ASP C 93 33.57 27.87 14.40
N LEU C 94 32.60 27.57 13.53
CA LEU C 94 32.87 27.05 12.19
C LEU C 94 33.45 28.13 11.28
N ALA C 95 32.92 29.36 11.41
CA ALA C 95 33.41 30.52 10.65
C ALA C 95 34.93 30.70 10.80
N LYS C 96 35.40 30.62 12.05
CA LYS C 96 36.84 30.63 12.34
C LYS C 96 37.58 29.57 11.52
N LEU C 97 37.07 28.34 11.54
CA LEU C 97 37.70 27.23 10.81
C LEU C 97 37.74 27.40 9.29
N VAL C 98 36.74 28.09 8.73
CA VAL C 98 36.74 28.39 7.29
C VAL C 98 37.85 29.37 6.94
N ASP C 99 38.06 30.38 7.80
CA ASP C 99 39.12 31.36 7.63
C ASP C 99 40.52 30.73 7.68
N GLU C 100 40.70 29.77 8.60
CA GLU C 100 41.99 29.09 8.74
C GLU C 100 42.29 28.12 7.59
N GLY C 101 41.28 27.79 6.78
CA GLY C 101 41.42 26.82 5.69
C GLY C 101 41.41 25.40 6.22
N LYS C 102 40.83 25.21 7.40
CA LYS C 102 40.70 23.91 8.05
C LYS C 102 39.38 23.24 7.64
N LEU C 103 38.31 24.02 7.53
CA LEU C 103 36.99 23.56 7.09
C LEU C 103 36.58 24.31 5.83
N PHE C 104 35.94 23.61 4.90
CA PHE C 104 35.37 24.24 3.71
C PHE C 104 33.90 23.82 3.48
N ILE C 105 33.02 24.80 3.34
CA ILE C 105 31.61 24.55 3.06
C ILE C 105 31.34 24.76 1.57
N LEU C 106 30.94 23.67 0.89
CA LEU C 106 30.57 23.70 -0.52
C LEU C 106 29.06 23.90 -0.61
N ASP C 107 28.63 24.89 -1.40
CA ASP C 107 27.21 25.19 -1.55
C ASP C 107 26.71 24.56 -2.84
N ALA C 108 25.79 23.61 -2.71
CA ALA C 108 25.18 22.94 -3.84
C ALA C 108 23.68 23.19 -3.90
N SER C 109 23.27 24.42 -3.54
CA SER C 109 21.88 24.83 -3.64
C SER C 109 21.54 25.16 -5.09
N PRO C 110 20.23 25.17 -5.46
CA PRO C 110 19.83 25.48 -6.82
C PRO C 110 19.42 26.95 -6.98
N PHE C 121 20.15 12.87 -16.55
CA PHE C 121 20.42 13.29 -15.19
C PHE C 121 21.78 12.78 -14.71
N ASP C 122 22.69 13.71 -14.41
CA ASP C 122 24.08 13.38 -14.06
C ASP C 122 24.54 14.18 -12.83
N LEU C 123 25.53 13.65 -12.13
CA LEU C 123 26.12 14.30 -10.95
C LEU C 123 27.65 14.39 -11.02
N SER C 124 28.22 14.31 -12.23
CA SER C 124 29.68 14.32 -12.39
C SER C 124 30.28 15.69 -12.05
N ALA C 125 29.57 16.77 -12.40
CA ALA C 125 29.98 18.12 -12.01
C ALA C 125 30.15 18.27 -10.50
N LEU C 126 29.20 17.71 -9.74
CA LEU C 126 29.25 17.71 -8.27
C LEU C 126 30.46 16.95 -7.75
N ILE C 127 30.59 15.69 -8.21
CA ILE C 127 31.69 14.82 -7.79
C ILE C 127 33.08 15.41 -8.10
N GLU C 128 33.18 16.22 -9.14
CA GLU C 128 34.43 16.91 -9.48
C GLU C 128 34.74 18.13 -8.59
N ARG C 129 33.70 18.88 -8.22
CA ARG C 129 33.83 20.02 -7.31
C ARG C 129 34.23 19.58 -5.89
N ILE C 130 33.65 18.48 -5.42
CA ILE C 130 34.04 17.88 -4.14
C ILE C 130 35.47 17.34 -4.19
N ASN C 131 35.84 16.77 -5.34
CA ASN C 131 37.22 16.31 -5.57
C ASN C 131 38.23 17.45 -5.59
N TYR C 132 37.82 18.61 -6.09
CA TYR C 132 38.69 19.78 -6.12
C TYR C 132 38.97 20.32 -4.71
N ALA C 133 37.90 20.53 -3.95
CA ALA C 133 38.00 20.97 -2.56
C ALA C 133 38.86 20.04 -1.71
N ILE C 134 38.63 18.73 -1.85
CA ILE C 134 39.40 17.72 -1.13
C ILE C 134 40.91 17.90 -1.31
N GLN C 135 41.35 18.04 -2.57
CA GLN C 135 42.76 18.29 -2.89
C GLN C 135 43.22 19.71 -2.52
N LYS C 136 42.38 20.72 -2.77
CA LYS C 136 42.71 22.12 -2.47
C LYS C 136 42.94 22.37 -0.98
N TYR C 137 42.18 21.69 -0.13
CA TYR C 137 42.29 21.83 1.32
C TYR C 137 42.98 20.65 2.00
N ARG C 138 43.44 19.67 1.23
CA ARG C 138 44.08 18.47 1.77
C ARG C 138 43.16 17.81 2.82
N ALA C 139 41.90 17.64 2.43
CA ALA C 139 40.85 17.19 3.34
C ALA C 139 40.94 15.70 3.56
N ARG C 140 40.78 15.29 4.82
CA ARG C 140 40.70 13.87 5.19
C ARG C 140 39.26 13.39 5.34
N ARG C 141 38.41 14.22 5.95
CA ARG C 141 37.01 13.87 6.22
C ARG C 141 36.08 14.65 5.31
N VAL C 142 34.95 14.04 4.94
CA VAL C 142 33.94 14.69 4.10
C VAL C 142 32.56 14.28 4.59
N SER C 143 31.57 15.16 4.41
CA SER C 143 30.18 14.78 4.64
C SER C 143 29.20 15.50 3.72
N ILE C 144 28.29 14.73 3.10
CA ILE C 144 27.22 15.26 2.28
C ILE C 144 25.89 15.20 3.04
N ASP C 145 25.20 16.34 3.07
N ASP C 145 25.35 16.35 3.44
CA ASP C 145 23.89 16.47 3.72
CA ASP C 145 23.95 16.45 3.89
C ASP C 145 22.97 17.41 2.92
C ASP C 145 23.36 16.55 2.50
N SER C 146 22.02 16.88 2.15
N SER C 146 22.74 15.50 2.01
CA SER C 146 21.71 15.45 2.09
CA SER C 146 21.29 15.30 2.13
C SER C 146 21.45 15.03 0.63
C SER C 146 21.16 14.90 0.66
N VAL C 147 21.75 13.76 0.32
CA VAL C 147 21.84 13.30 -1.07
C VAL C 147 20.46 13.24 -1.69
N THR C 148 19.54 12.63 -0.96
CA THR C 148 18.12 12.59 -1.29
C THR C 148 17.58 13.86 -1.94
N SER C 149 17.78 15.01 -1.29
CA SER C 149 17.23 16.30 -1.78
C SER C 149 17.67 16.64 -3.21
N VAL C 150 18.92 16.33 -3.55
CA VAL C 150 19.45 16.53 -4.90
C VAL C 150 18.64 15.76 -5.93
N PHE C 151 18.41 14.47 -5.69
CA PHE C 151 17.63 13.63 -6.61
C PHE C 151 16.15 14.02 -6.72
N GLN C 152 15.62 14.66 -5.69
CA GLN C 152 14.23 15.16 -5.69
C GLN C 152 14.09 16.54 -6.34
N GLN C 153 15.12 17.38 -6.23
CA GLN C 153 15.11 18.71 -6.86
C GLN C 153 15.23 18.70 -8.40
N TYR C 154 15.64 17.57 -8.99
CA TYR C 154 15.73 17.41 -10.45
C TYR C 154 14.79 16.33 -11.02
N ASP C 155 13.92 15.75 -10.18
CA ASP C 155 12.98 14.68 -10.59
C ASP C 155 13.65 13.44 -11.21
N ALA C 156 14.91 13.20 -10.85
CA ALA C 156 15.72 12.12 -11.42
C ALA C 156 15.82 10.97 -10.41
N SER C 157 14.67 10.36 -10.11
CA SER C 157 14.56 9.33 -9.08
C SER C 157 14.80 7.90 -9.57
N SER C 158 14.65 7.66 -10.87
CA SER C 158 14.95 6.35 -11.46
C SER C 158 16.45 6.09 -11.70
N VAL C 159 17.32 7.01 -11.28
CA VAL C 159 18.78 6.89 -11.45
C VAL C 159 19.55 7.17 -10.14
N VAL C 160 18.97 6.78 -9.00
CA VAL C 160 19.58 7.05 -7.68
C VAL C 160 20.72 6.07 -7.42
N ARG C 161 20.47 4.78 -7.63
CA ARG C 161 21.50 3.75 -7.47
C ARG C 161 22.69 3.97 -8.43
N ARG C 162 22.40 4.42 -9.64
CA ARG C 162 23.45 4.72 -10.61
C ARG C 162 24.33 5.87 -10.12
N GLU C 163 23.70 7.00 -9.84
CA GLU C 163 24.42 8.23 -9.52
C GLU C 163 25.01 8.22 -8.11
N LEU C 164 24.32 7.61 -7.15
CA LEU C 164 24.89 7.44 -5.80
C LEU C 164 26.16 6.59 -5.83
N PHE C 165 26.15 5.53 -6.64
CA PHE C 165 27.33 4.67 -6.81
C PHE C 165 28.48 5.42 -7.46
N ARG C 166 28.17 6.25 -8.45
CA ARG C 166 29.19 7.09 -9.09
C ARG C 166 29.88 8.00 -8.07
N LEU C 167 29.10 8.53 -7.13
CA LEU C 167 29.64 9.38 -6.07
C LEU C 167 30.48 8.57 -5.09
N VAL C 168 29.90 7.50 -4.55
CA VAL C 168 30.58 6.67 -3.56
C VAL C 168 31.84 6.03 -4.15
N ALA C 169 31.79 5.64 -5.42
CA ALA C 169 32.96 5.11 -6.13
C ALA C 169 34.09 6.12 -6.28
N ARG C 170 33.76 7.38 -6.61
CA ARG C 170 34.77 8.43 -6.77
C ARG C 170 35.49 8.72 -5.46
N LEU C 171 34.71 8.97 -4.41
CA LEU C 171 35.24 9.25 -3.06
C LEU C 171 36.18 8.13 -2.55
N LYS C 172 35.88 6.89 -2.91
CA LYS C 172 36.76 5.75 -2.59
C LYS C 172 38.16 5.87 -3.22
N GLN C 173 38.22 6.32 -4.47
CA GLN C 173 39.50 6.51 -5.17
C GLN C 173 40.31 7.64 -4.54
N ILE C 174 39.68 8.80 -4.34
CA ILE C 174 40.29 9.92 -3.59
C ILE C 174 40.73 9.52 -2.16
N GLY C 175 40.06 8.52 -1.60
CA GLY C 175 40.45 7.92 -0.33
C GLY C 175 39.99 8.72 0.87
N ALA C 176 38.79 9.30 0.76
CA ALA C 176 38.24 10.16 1.81
C ALA C 176 37.16 9.42 2.59
N THR C 177 37.14 9.63 3.91
CA THR C 177 36.12 9.05 4.78
C THR C 177 34.90 9.98 4.73
N THR C 178 33.83 9.48 4.14
CA THR C 178 32.66 10.31 3.86
C THR C 178 31.47 9.90 4.73
N VAL C 179 30.74 10.90 5.23
CA VAL C 179 29.47 10.69 5.92
C VAL C 179 28.35 11.28 5.07
N MET C 180 27.50 10.43 4.50
CA MET C 180 26.33 10.86 3.73
C MET C 180 25.05 10.74 4.56
N THR C 181 24.28 11.81 4.67
CA THR C 181 22.98 11.74 5.35
C THR C 181 21.84 11.55 4.34
N THR C 182 20.91 10.67 4.69
CA THR C 182 19.73 10.38 3.88
C THR C 182 18.48 10.52 4.74
N GLU C 183 17.34 10.72 4.10
CA GLU C 183 16.08 10.93 4.78
C GLU C 183 15.19 9.69 4.64
N ARG C 184 14.43 9.41 5.69
CA ARG C 184 13.42 8.34 5.68
C ARG C 184 12.10 8.89 6.22
N ILE C 185 11.01 8.16 5.97
CA ILE C 185 9.66 8.57 6.40
C ILE C 185 9.10 7.77 7.59
N GLU C 186 9.71 6.62 7.90
CA GLU C 186 9.26 5.74 9.00
C GLU C 186 10.43 5.36 9.89
N GLU C 187 10.13 5.07 11.15
CA GLU C 187 11.16 4.72 12.13
C GLU C 187 11.60 3.25 12.04
N TYR C 188 10.66 2.38 11.65
CA TYR C 188 10.96 0.96 11.44
C TYR C 188 10.54 0.47 10.04
N GLY C 189 10.68 1.35 9.05
CA GLY C 189 10.36 1.06 7.64
C GLY C 189 11.66 0.94 6.85
N PRO C 190 11.61 1.28 5.55
CA PRO C 190 12.84 1.31 4.75
C PRO C 190 13.95 2.14 5.39
N ILE C 191 15.19 1.68 5.24
CA ILE C 191 16.37 2.33 5.81
C ILE C 191 16.52 3.74 5.25
N ALA C 192 16.40 3.87 3.93
CA ALA C 192 16.52 5.15 3.23
C ALA C 192 15.20 5.45 2.50
N ARG C 193 15.21 6.43 1.60
CA ARG C 193 14.00 6.83 0.88
C ARG C 193 13.63 5.84 -0.23
N TYR C 194 14.58 5.60 -1.14
CA TYR C 194 14.35 4.75 -2.33
C TYR C 194 14.70 3.26 -2.15
N GLY C 195 15.13 2.86 -0.95
CA GLY C 195 15.43 1.45 -0.69
C GLY C 195 16.59 0.90 -1.50
N VAL C 196 17.54 1.77 -1.81
CA VAL C 196 18.78 1.41 -2.54
C VAL C 196 20.06 1.93 -1.88
N GLU C 197 19.97 3.14 -1.31
CA GLU C 197 21.11 3.85 -0.70
C GLU C 197 21.88 3.00 0.29
N GLU C 198 21.14 2.19 1.05
CA GLU C 198 21.75 1.26 2.01
C GLU C 198 22.73 0.27 1.37
N PHE C 199 22.45 -0.18 0.15
CA PHE C 199 23.27 -1.19 -0.52
C PHE C 199 24.52 -0.62 -1.19
N VAL C 200 24.49 0.65 -1.56
CA VAL C 200 25.61 1.32 -2.23
C VAL C 200 26.69 1.79 -1.23
N SER C 201 26.30 2.06 0.00
CA SER C 201 27.24 2.49 1.04
C SER C 201 27.94 1.31 1.71
N ASP C 202 29.20 1.53 2.08
CA ASP C 202 29.98 0.51 2.76
C ASP C 202 29.48 0.27 4.18
N ASN C 203 29.11 1.37 4.84
CA ASN C 203 28.63 1.38 6.23
C ASN C 203 27.26 2.05 6.29
N VAL C 204 26.44 1.63 7.26
CA VAL C 204 25.09 2.19 7.44
C VAL C 204 24.79 2.42 8.93
N VAL C 205 24.68 3.70 9.29
CA VAL C 205 24.26 4.14 10.62
C VAL C 205 22.82 4.62 10.50
N ILE C 206 22.01 4.33 11.52
CA ILE C 206 20.59 4.68 11.53
C ILE C 206 20.25 5.43 12.80
N LEU C 207 19.83 6.69 12.66
CA LEU C 207 19.33 7.47 13.78
C LEU C 207 17.83 7.33 13.84
N ARG C 208 17.29 7.15 15.05
CA ARG C 208 15.85 7.05 15.26
C ARG C 208 15.34 8.04 16.30
N ASN C 209 14.08 8.43 16.11
CA ASN C 209 13.36 9.29 17.03
C ASN C 209 11.96 8.73 17.15
N VAL C 210 11.83 7.67 17.93
CA VAL C 210 10.58 6.91 18.03
C VAL C 210 9.64 7.59 19.04
N LEU C 211 8.35 7.59 18.70
CA LEU C 211 7.29 8.11 19.57
C LEU C 211 6.48 6.95 20.12
N GLU C 212 6.32 6.91 21.45
CA GLU C 212 5.52 5.88 22.11
C GLU C 212 5.04 6.36 23.47
N GLY C 213 3.72 6.41 23.67
CA GLY C 213 3.12 6.96 24.90
C GLY C 213 3.23 8.47 24.98
N GLU C 214 3.10 9.12 23.83
CA GLU C 214 3.24 10.57 23.68
C GLU C 214 4.64 11.15 24.00
N ARG C 215 5.67 10.29 24.07
CA ARG C 215 7.06 10.73 24.38
C ARG C 215 8.01 10.26 23.28
N ARG C 216 9.14 10.94 23.15
CA ARG C 216 10.14 10.62 22.13
C ARG C 216 11.40 10.00 22.75
N ARG C 217 11.97 9.02 22.04
CA ARG C 217 13.20 8.33 22.47
C ARG C 217 14.18 8.37 21.29
N ARG C 218 15.39 8.86 21.54
CA ARG C 218 16.42 8.96 20.51
C ARG C 218 17.36 7.77 20.61
N THR C 219 17.49 7.02 19.53
CA THR C 219 18.42 5.88 19.50
C THR C 219 19.28 5.93 18.23
N LEU C 220 20.48 5.39 18.33
CA LEU C 220 21.41 5.24 17.21
C LEU C 220 21.71 3.76 17.04
N GLU C 221 21.79 3.30 15.79
CA GLU C 221 22.17 1.91 15.49
C GLU C 221 23.17 1.90 14.34
N ILE C 222 24.29 1.21 14.52
CA ILE C 222 25.18 0.86 13.42
C ILE C 222 24.64 -0.44 12.84
N LEU C 223 23.94 -0.36 11.73
CA LEU C 223 23.35 -1.54 11.09
C LEU C 223 24.42 -2.42 10.41
N LYS C 224 25.38 -1.79 9.75
CA LYS C 224 26.38 -2.51 8.96
C LYS C 224 27.71 -1.78 8.90
N LEU C 225 28.81 -2.53 9.04
CA LEU C 225 30.15 -2.05 8.74
C LEU C 225 30.86 -3.13 7.95
N ARG C 226 31.02 -2.90 6.65
CA ARG C 226 31.71 -3.88 5.79
C ARG C 226 33.17 -4.07 6.20
N GLY C 227 33.53 -5.33 6.46
CA GLY C 227 34.91 -5.73 6.74
C GLY C 227 35.35 -5.61 8.18
N THR C 228 34.46 -5.18 9.08
CA THR C 228 34.80 -4.96 10.48
C THR C 228 33.62 -5.32 11.37
N TRP C 229 33.90 -5.43 12.67
CA TRP C 229 32.90 -5.75 13.68
C TRP C 229 32.42 -4.45 14.34
N HIS C 230 31.22 -4.52 14.90
CA HIS C 230 30.61 -3.41 15.63
C HIS C 230 29.51 -3.93 16.54
N MET C 231 29.11 -3.13 17.53
CA MET C 231 27.96 -3.45 18.37
C MET C 231 26.67 -3.44 17.54
N LYS C 232 25.76 -4.36 17.85
CA LYS C 232 24.51 -4.55 17.09
C LYS C 232 23.32 -3.98 17.87
N GLY C 233 22.28 -3.62 17.14
CA GLY C 233 21.08 -3.05 17.74
C GLY C 233 21.21 -1.56 18.02
N GLU C 234 20.12 -0.98 18.53
CA GLU C 234 20.02 0.47 18.72
C GLU C 234 20.35 0.84 20.16
N TYR C 235 21.18 1.89 20.30
CA TYR C 235 21.66 2.38 21.58
C TYR C 235 21.14 3.80 21.77
N PRO C 236 20.74 4.14 23.00
CA PRO C 236 20.17 5.47 23.26
C PRO C 236 21.20 6.58 23.18
N PHE C 237 20.74 7.77 22.82
CA PHE C 237 21.56 8.96 22.91
C PHE C 237 20.72 10.21 23.16
N THR C 238 21.40 11.32 23.40
CA THR C 238 20.76 12.63 23.53
C THR C 238 21.62 13.70 22.92
N ILE C 239 20.97 14.76 22.46
CA ILE C 239 21.66 15.92 21.92
C ILE C 239 21.79 16.92 23.06
N THR C 240 23.00 17.03 23.60
CA THR C 240 23.31 17.94 24.69
C THR C 240 23.77 19.29 24.14
N ASP C 241 24.22 20.18 25.03
CA ASP C 241 24.85 21.45 24.62
C ASP C 241 26.25 21.28 23.99
N HIS C 242 26.79 20.06 24.02
CA HIS C 242 28.08 19.75 23.40
C HIS C 242 27.95 18.63 22.34
N GLY C 243 26.80 18.57 21.67
CA GLY C 243 26.57 17.63 20.58
C GLY C 243 26.01 16.29 21.02
N ILE C 244 26.15 15.29 20.15
CA ILE C 244 25.60 13.96 20.38
C ILE C 244 26.39 13.25 21.47
N ASN C 245 25.66 12.47 22.28
CA ASN C 245 26.22 11.70 23.37
C ASN C 245 25.51 10.34 23.44
N ILE C 246 26.21 9.29 22.99
CA ILE C 246 25.64 7.95 22.84
C ILE C 246 26.02 7.15 24.05
N PHE C 247 25.13 6.23 24.43
CA PHE C 247 25.31 5.41 25.61
C PHE C 247 25.45 3.93 25.22
N PRO C 248 26.69 3.40 25.22
CA PRO C 248 26.88 1.97 25.00
C PRO C 248 26.47 1.13 26.21
N LEU C 249 25.95 -0.07 25.96
CA LEU C 249 25.49 -0.97 27.01
C LEU C 249 26.35 -2.25 27.11
N GLY C 250 27.64 -2.05 27.37
CA GLY C 250 28.61 -3.15 27.47
C GLY C 250 29.83 -2.88 26.61
N ALA D 17 23.33 30.88 20.59
CA ALA D 17 21.86 30.59 20.69
C ALA D 17 21.04 31.40 19.67
N ILE D 18 20.31 30.70 18.81
CA ILE D 18 19.46 31.35 17.79
C ILE D 18 18.31 32.10 18.48
N ALA D 19 18.05 33.32 18.02
CA ALA D 19 17.02 34.18 18.62
C ALA D 19 15.64 33.73 18.17
N LYS D 20 14.64 33.92 19.05
CA LYS D 20 13.28 33.49 18.77
C LYS D 20 12.30 34.61 19.12
N MET D 21 11.18 34.64 18.40
CA MET D 21 10.10 35.57 18.71
C MET D 21 8.99 34.83 19.43
N ARG D 22 8.51 35.39 20.54
CA ARG D 22 7.43 34.79 21.30
C ARG D 22 6.14 34.79 20.50
N THR D 23 5.50 33.62 20.43
CA THR D 23 4.20 33.47 19.78
C THR D 23 3.10 33.99 20.69
N MET D 24 3.35 34.00 22.00
CA MET D 24 2.37 34.41 23.01
C MET D 24 1.19 33.45 23.15
N ILE D 25 1.28 32.28 22.52
CA ILE D 25 0.25 31.25 22.63
C ILE D 25 0.56 30.51 23.93
N GLU D 26 -0.42 30.45 24.82
CA GLU D 26 -0.22 29.87 26.14
C GLU D 26 0.26 28.42 26.01
N GLY D 27 1.42 28.16 26.61
CA GLY D 27 2.03 26.83 26.57
C GLY D 27 3.12 26.71 25.53
N PHE D 28 2.86 27.19 24.31
CA PHE D 28 3.81 27.02 23.19
C PHE D 28 5.21 27.56 23.45
N ASP D 29 5.30 28.74 24.08
CA ASP D 29 6.58 29.38 24.32
C ASP D 29 7.42 28.64 25.38
N ASP D 30 6.77 27.80 26.20
CA ASP D 30 7.47 26.85 27.07
C ASP D 30 8.03 25.64 26.28
N ILE D 31 7.20 25.08 25.41
CA ILE D 31 7.57 23.90 24.59
C ILE D 31 8.70 24.27 23.61
N SER D 32 8.59 25.43 22.97
CA SER D 32 9.59 25.91 22.01
C SER D 32 10.79 26.56 22.69
N HIS D 33 10.61 26.95 23.96
CA HIS D 33 11.66 27.54 24.78
C HIS D 33 12.01 28.93 24.28
N GLY D 34 10.98 29.78 24.18
CA GLY D 34 11.14 31.17 23.78
C GLY D 34 10.36 31.59 22.55
N GLY D 35 9.90 30.61 21.77
CA GLY D 35 9.11 30.86 20.56
C GLY D 35 9.75 30.27 19.32
N LEU D 36 9.35 30.79 18.17
CA LEU D 36 9.84 30.30 16.89
C LEU D 36 11.11 31.03 16.50
N PRO D 37 12.16 30.27 16.06
CA PRO D 37 13.39 30.89 15.55
C PRO D 37 13.11 32.04 14.56
N ILE D 38 13.61 33.23 14.88
CA ILE D 38 13.42 34.42 14.05
C ILE D 38 14.04 34.23 12.66
N GLY D 39 13.30 34.66 11.63
CA GLY D 39 13.78 34.62 10.24
C GLY D 39 13.72 33.28 9.54
N ARG D 40 13.03 32.30 10.15
CA ARG D 40 12.94 30.95 9.63
C ARG D 40 11.49 30.52 9.48
N SER D 41 11.27 29.46 8.68
CA SER D 41 9.95 28.95 8.38
C SER D 41 9.62 27.76 9.30
N THR D 42 8.39 27.74 9.80
CA THR D 42 7.92 26.68 10.69
C THR D 42 6.73 25.96 10.07
N LEU D 43 6.87 24.65 9.86
CA LEU D 43 5.81 23.84 9.31
C LEU D 43 4.86 23.44 10.45
N VAL D 44 3.56 23.71 10.25
CA VAL D 44 2.52 23.32 11.18
C VAL D 44 1.63 22.34 10.45
N SER D 45 1.85 21.04 10.67
CA SER D 45 1.10 20.02 9.95
C SER D 45 0.02 19.42 10.83
N GLY D 46 -1.08 19.00 10.21
CA GLY D 46 -2.21 18.40 10.93
C GLY D 46 -3.26 17.83 10.01
N THR D 47 -4.12 16.96 10.55
CA THR D 47 -5.32 16.52 9.83
C THR D 47 -6.40 17.60 9.85
N SER D 48 -7.53 17.33 9.20
CA SER D 48 -8.61 18.31 9.08
C SER D 48 -9.26 18.62 10.42
N GLY D 49 -9.19 19.89 10.79
CA GLY D 49 -9.84 20.40 12.01
C GLY D 49 -8.98 20.27 13.24
N THR D 50 -7.65 20.35 13.07
CA THR D 50 -6.69 20.21 14.16
C THR D 50 -6.25 21.55 14.79
N GLY D 51 -6.56 22.68 14.13
CA GLY D 51 -6.17 24.01 14.59
C GLY D 51 -4.98 24.64 13.87
N LYS D 52 -4.80 24.27 12.60
CA LYS D 52 -3.71 24.78 11.77
C LYS D 52 -3.95 26.25 11.43
N THR D 53 -5.16 26.56 10.95
CA THR D 53 -5.56 27.93 10.65
C THR D 53 -5.52 28.78 11.90
N LEU D 54 -6.16 28.29 12.96
CA LEU D 54 -6.21 28.99 14.24
C LEU D 54 -4.81 29.36 14.71
N PHE D 55 -3.87 28.42 14.63
CA PHE D 55 -2.48 28.68 15.03
C PHE D 55 -1.84 29.79 14.19
N SER D 56 -2.06 29.71 12.87
CA SER D 56 -1.57 30.72 11.93
C SER D 56 -2.11 32.13 12.22
N ILE D 57 -3.38 32.20 12.63
CA ILE D 57 -4.06 33.46 12.91
C ILE D 57 -3.52 34.03 14.22
N GLN D 58 -3.57 33.20 15.26
CA GLN D 58 -3.10 33.57 16.61
C GLN D 58 -1.65 34.06 16.62
N PHE D 59 -0.81 33.44 15.80
CA PHE D 59 0.58 33.84 15.57
C PHE D 59 0.70 35.30 15.12
N LEU D 60 -0.06 35.65 14.09
CA LEU D 60 -0.05 37.01 13.56
C LEU D 60 -0.75 37.99 14.49
N TYR D 61 -1.88 37.56 15.06
CA TYR D 61 -2.66 38.37 15.98
C TYR D 61 -1.82 38.80 17.19
N ASN D 62 -1.26 37.83 17.90
CA ASN D 62 -0.45 38.12 19.08
C ASN D 62 0.77 38.98 18.75
N GLY D 63 1.32 38.81 17.55
CA GLY D 63 2.42 39.64 17.07
C GLY D 63 2.06 41.11 16.95
N ILE D 64 0.84 41.41 16.53
CA ILE D 64 0.35 42.78 16.39
C ILE D 64 -0.04 43.37 17.75
N ILE D 65 -0.75 42.60 18.57
CA ILE D 65 -1.26 43.09 19.86
C ILE D 65 -0.15 43.20 20.90
N GLU D 66 0.80 42.26 20.86
CA GLU D 66 1.83 42.18 21.91
C GLU D 66 3.12 42.91 21.55
N PHE D 67 3.45 43.03 20.26
CA PHE D 67 4.68 43.72 19.84
C PHE D 67 4.52 44.71 18.68
N ASP D 68 3.28 45.06 18.33
CA ASP D 68 2.99 45.87 17.15
C ASP D 68 3.77 45.43 15.90
N GLU D 69 4.00 44.13 15.75
CA GLU D 69 4.71 43.59 14.60
C GLU D 69 3.70 43.32 13.50
N PRO D 70 3.81 44.02 12.35
CA PRO D 70 2.84 43.79 11.28
C PRO D 70 2.87 42.36 10.74
N GLY D 71 1.72 41.89 10.25
CA GLY D 71 1.57 40.53 9.76
C GLY D 71 0.93 40.44 8.38
N VAL D 72 1.29 39.39 7.66
CA VAL D 72 0.72 39.11 6.34
C VAL D 72 0.11 37.70 6.39
N PHE D 73 -1.09 37.56 5.85
CA PHE D 73 -1.77 36.27 5.81
C PHE D 73 -2.06 35.86 4.37
N VAL D 74 -1.42 34.78 3.90
CA VAL D 74 -1.67 34.26 2.56
C VAL D 74 -2.71 33.14 2.64
N THR D 75 -3.89 33.38 2.07
CA THR D 75 -4.97 32.40 2.02
C THR D 75 -5.13 31.85 0.60
N PHE D 76 -5.26 30.52 0.48
CA PHE D 76 -5.39 29.84 -0.81
C PHE D 76 -6.78 29.25 -1.08
N GLU D 77 -7.67 29.29 -0.10
CA GLU D 77 -9.03 28.75 -0.25
C GLU D 77 -10.04 29.62 0.50
N GLU D 78 -9.90 29.72 1.83
CA GLU D 78 -10.77 30.56 2.64
C GLU D 78 -10.60 32.04 2.25
N THR D 79 -11.72 32.74 2.10
CA THR D 79 -11.68 34.14 1.72
C THR D 79 -11.36 35.01 2.94
N PRO D 80 -10.82 36.24 2.72
CA PRO D 80 -10.60 37.17 3.83
C PRO D 80 -11.85 37.43 4.70
N GLN D 81 -13.04 37.33 4.13
CA GLN D 81 -14.28 37.58 4.86
C GLN D 81 -14.56 36.46 5.88
N ASP D 82 -14.30 35.22 5.51
CA ASP D 82 -14.48 34.06 6.40
C ASP D 82 -13.41 33.96 7.46
N ILE D 83 -12.18 34.34 7.12
CA ILE D 83 -11.07 34.40 8.09
C ILE D 83 -11.38 35.42 9.20
N ILE D 84 -12.07 36.50 8.85
CA ILE D 84 -12.45 37.53 9.82
C ILE D 84 -13.67 37.06 10.63
N LYS D 85 -14.64 36.44 9.96
CA LYS D 85 -15.81 35.88 10.62
C LYS D 85 -15.41 34.78 11.63
N ASN D 86 -14.57 33.85 11.18
CA ASN D 86 -14.08 32.76 12.04
C ASN D 86 -13.20 33.23 13.20
N ALA D 87 -12.52 34.36 13.03
CA ALA D 87 -11.70 34.94 14.09
C ALA D 87 -12.54 35.60 15.19
N ARG D 88 -13.67 36.20 14.80
CA ARG D 88 -14.62 36.83 15.72
C ARG D 88 -15.10 35.90 16.83
N SER D 89 -15.17 34.60 16.51
CA SER D 89 -15.40 33.52 17.47
C SER D 89 -14.56 33.59 18.76
N PHE D 90 -13.33 34.09 18.66
CA PHE D 90 -12.42 34.25 19.80
C PHE D 90 -12.33 35.69 20.33
N GLY D 91 -13.22 36.56 19.86
CA GLY D 91 -13.21 37.98 20.23
C GLY D 91 -12.09 38.79 19.61
N TRP D 92 -11.61 38.38 18.44
CA TRP D 92 -10.57 39.11 17.72
C TRP D 92 -11.21 39.92 16.62
N ASP D 93 -10.74 41.17 16.47
CA ASP D 93 -11.22 42.07 15.44
C ASP D 93 -10.14 42.23 14.37
N LEU D 94 -10.13 41.28 13.45
CA LEU D 94 -9.20 41.30 12.31
C LEU D 94 -9.52 42.45 11.35
N ALA D 95 -10.81 42.74 11.15
CA ALA D 95 -11.26 43.87 10.32
C ALA D 95 -10.61 45.20 10.74
N LYS D 96 -10.53 45.43 12.04
CA LYS D 96 -9.87 46.62 12.58
C LYS D 96 -8.37 46.63 12.27
N LEU D 97 -7.70 45.52 12.58
CA LEU D 97 -6.27 45.36 12.32
C LEU D 97 -5.91 45.56 10.83
N VAL D 98 -6.82 45.15 9.94
CA VAL D 98 -6.65 45.38 8.50
C VAL D 98 -6.77 46.87 8.19
N ASP D 99 -7.85 47.49 8.68
CA ASP D 99 -8.11 48.92 8.46
C ASP D 99 -7.04 49.85 9.04
N GLU D 100 -6.30 49.37 10.05
CA GLU D 100 -5.14 50.09 10.61
C GLU D 100 -3.82 49.89 9.82
N GLY D 101 -3.80 48.96 8.87
CA GLY D 101 -2.58 48.61 8.15
C GLY D 101 -1.57 47.81 8.95
N LYS D 102 -2.02 47.17 10.03
CA LYS D 102 -1.18 46.31 10.86
C LYS D 102 -1.24 44.84 10.39
N LEU D 103 -2.30 44.48 9.66
CA LEU D 103 -2.46 43.13 9.11
C LEU D 103 -2.91 43.22 7.65
N PHE D 104 -2.32 42.38 6.79
CA PHE D 104 -2.74 42.29 5.40
C PHE D 104 -3.07 40.86 5.02
N ILE D 105 -4.25 40.65 4.44
CA ILE D 105 -4.67 39.33 3.99
C ILE D 105 -4.57 39.27 2.46
N LEU D 106 -3.50 38.62 1.98
CA LEU D 106 -3.30 38.38 0.55
C LEU D 106 -4.20 37.23 0.10
N ASP D 107 -5.24 37.57 -0.65
CA ASP D 107 -6.14 36.57 -1.22
C ASP D 107 -5.48 35.93 -2.45
N ALA D 108 -5.09 34.67 -2.31
CA ALA D 108 -4.54 33.90 -3.42
C ALA D 108 -5.48 32.76 -3.85
N SER D 109 -6.76 32.86 -3.47
CA SER D 109 -7.75 31.80 -3.77
C SER D 109 -7.94 31.52 -5.27
N LEU D 123 5.75 28.80 -8.82
CA LEU D 123 5.50 29.56 -7.60
C LEU D 123 6.36 30.83 -7.47
N SER D 124 6.95 31.29 -8.57
CA SER D 124 7.80 32.50 -8.57
C SER D 124 6.97 33.80 -8.60
N ALA D 125 5.80 33.75 -9.25
CA ALA D 125 4.89 34.89 -9.32
C ALA D 125 4.22 35.23 -7.98
N LEU D 126 3.94 34.20 -7.18
CA LEU D 126 3.35 34.38 -5.83
C LEU D 126 4.30 35.08 -4.86
N ILE D 127 5.57 34.66 -4.89
CA ILE D 127 6.62 35.27 -4.04
C ILE D 127 6.71 36.79 -4.25
N GLU D 128 6.62 37.21 -5.52
CA GLU D 128 6.58 38.64 -5.86
C GLU D 128 5.40 39.35 -5.19
N ARG D 129 4.24 38.69 -5.16
CA ARG D 129 3.07 39.19 -4.44
C ARG D 129 3.31 39.28 -2.92
N ILE D 130 3.95 38.26 -2.35
CA ILE D 130 4.27 38.25 -0.91
C ILE D 130 5.32 39.29 -0.56
N ASN D 131 6.43 39.31 -1.30
CA ASN D 131 7.52 40.25 -1.03
C ASN D 131 7.06 41.71 -1.08
N TYR D 132 6.26 42.06 -2.08
CA TYR D 132 5.66 43.40 -2.17
C TYR D 132 4.83 43.74 -0.93
N ALA D 133 4.05 42.77 -0.44
CA ALA D 133 3.23 42.96 0.77
C ALA D 133 4.06 43.12 2.06
N ILE D 134 5.11 42.31 2.21
CA ILE D 134 5.96 42.36 3.39
C ILE D 134 6.68 43.70 3.49
N GLN D 135 7.20 44.17 2.36
CA GLN D 135 7.93 45.43 2.29
C GLN D 135 6.98 46.60 2.51
N LYS D 136 5.84 46.58 1.81
CA LYS D 136 4.81 47.62 1.93
C LYS D 136 4.33 47.83 3.38
N TYR D 137 4.05 46.71 4.06
CA TYR D 137 3.53 46.75 5.43
C TYR D 137 4.62 46.69 6.50
N ARG D 138 5.85 46.35 6.10
CA ARG D 138 6.98 46.17 7.03
C ARG D 138 6.67 45.04 8.02
N ALA D 139 6.18 43.92 7.46
CA ALA D 139 5.69 42.80 8.25
C ALA D 139 6.82 41.88 8.71
N ARG D 140 6.88 41.67 10.02
CA ARG D 140 7.87 40.80 10.63
C ARG D 140 7.39 39.33 10.71
N ARG D 141 6.07 39.11 10.68
CA ARG D 141 5.47 37.76 10.76
C ARG D 141 4.62 37.46 9.53
N VAL D 142 4.57 36.19 9.14
CA VAL D 142 3.82 35.74 7.95
C VAL D 142 3.17 34.39 8.21
N SER D 143 1.95 34.20 7.70
CA SER D 143 1.25 32.91 7.73
C SER D 143 0.73 32.56 6.34
N ILE D 144 0.94 31.32 5.94
CA ILE D 144 0.50 30.80 4.65
C ILE D 144 -0.38 29.59 4.91
N ASP D 145 -1.64 29.69 4.46
N ASP D 145 -1.63 29.59 4.44
CA ASP D 145 -2.67 28.68 4.70
CA ASP D 145 -2.59 28.60 4.95
C ASP D 145 -3.47 28.43 3.43
C ASP D 145 -3.38 27.66 4.02
N SER D 146 -3.19 27.32 2.76
N SER D 146 -3.15 26.34 4.08
CA SER D 146 -2.14 26.40 3.18
CA SER D 146 -2.31 25.58 3.12
C SER D 146 -1.28 26.13 1.97
C SER D 146 -1.30 26.10 2.07
N VAL D 147 -0.04 25.72 2.20
CA VAL D 147 0.92 25.58 1.08
C VAL D 147 0.48 24.44 0.15
N THR D 148 0.21 23.26 0.73
CA THR D 148 -0.24 22.04 0.02
C THR D 148 -1.26 22.26 -1.10
N SER D 149 -2.30 23.04 -0.80
CA SER D 149 -3.39 23.32 -1.73
C SER D 149 -2.92 23.87 -3.07
N VAL D 150 -1.97 24.81 -3.03
CA VAL D 150 -1.32 25.35 -4.24
C VAL D 150 -0.90 24.26 -5.23
N PHE D 151 -0.35 23.17 -4.71
CA PHE D 151 0.11 22.05 -5.53
C PHE D 151 -1.03 21.16 -6.01
N GLN D 152 -1.95 20.82 -5.11
CA GLN D 152 -3.13 20.03 -5.49
C GLN D 152 -4.11 20.82 -6.36
N GLN D 153 -4.00 22.16 -6.35
CA GLN D 153 -4.78 23.02 -7.24
C GLN D 153 -4.16 23.04 -8.62
N VAL D 159 7.31 17.95 -8.02
CA VAL D 159 7.87 19.31 -8.05
C VAL D 159 7.61 20.13 -6.77
N VAL D 160 7.11 19.46 -5.72
CA VAL D 160 6.71 20.15 -4.49
C VAL D 160 7.90 20.58 -3.63
N ARG D 161 8.96 19.78 -3.65
CA ARG D 161 10.21 20.10 -2.95
C ARG D 161 10.93 21.31 -3.55
N ARG D 162 10.88 21.42 -4.87
CA ARG D 162 11.54 22.50 -5.60
C ARG D 162 10.87 23.86 -5.34
N GLU D 163 9.55 23.90 -5.50
CA GLU D 163 8.79 25.13 -5.26
C GLU D 163 8.68 25.49 -3.77
N LEU D 164 8.56 24.49 -2.91
CA LEU D 164 8.58 24.72 -1.45
C LEU D 164 9.92 25.33 -1.01
N PHE D 165 11.02 24.77 -1.50
CA PHE D 165 12.35 25.29 -1.21
C PHE D 165 12.60 26.68 -1.79
N ARG D 166 12.01 26.96 -2.95
CA ARG D 166 12.10 28.29 -3.58
C ARG D 166 11.48 29.36 -2.67
N LEU D 167 10.29 29.08 -2.16
CA LEU D 167 9.58 29.99 -1.26
C LEU D 167 10.31 30.17 0.07
N VAL D 168 10.65 29.05 0.71
CA VAL D 168 11.32 29.05 2.01
C VAL D 168 12.69 29.75 1.95
N ALA D 169 13.44 29.51 0.87
CA ALA D 169 14.71 30.19 0.64
C ALA D 169 14.55 31.71 0.45
N ARG D 170 13.48 32.12 -0.22
CA ARG D 170 13.21 33.54 -0.47
C ARG D 170 12.78 34.26 0.79
N LEU D 171 11.84 33.66 1.52
CA LEU D 171 11.36 34.20 2.80
C LEU D 171 12.49 34.41 3.80
N LYS D 172 13.48 33.52 3.75
CA LYS D 172 14.68 33.62 4.58
C LYS D 172 15.51 34.84 4.20
N GLN D 173 15.77 35.03 2.90
CA GLN D 173 16.54 36.17 2.39
C GLN D 173 15.90 37.51 2.76
N ILE D 174 14.58 37.58 2.73
CA ILE D 174 13.83 38.75 3.22
C ILE D 174 13.97 38.90 4.75
N GLY D 175 14.06 37.78 5.46
CA GLY D 175 14.30 37.76 6.90
C GLY D 175 13.03 37.82 7.73
N ALA D 176 12.00 37.11 7.28
CA ALA D 176 10.69 37.10 7.93
C ALA D 176 10.41 35.71 8.55
N THR D 177 9.80 35.71 9.73
CA THR D 177 9.43 34.49 10.42
C THR D 177 8.10 34.01 9.86
N THR D 178 8.07 32.80 9.34
CA THR D 178 6.89 32.26 8.65
C THR D 178 6.33 31.00 9.33
N VAL D 179 5.01 30.86 9.25
CA VAL D 179 4.29 29.67 9.65
C VAL D 179 3.51 29.16 8.45
N MET D 180 3.89 28.00 7.93
CA MET D 180 3.21 27.36 6.81
C MET D 180 2.42 26.19 7.35
N THR D 181 1.16 26.10 6.97
CA THR D 181 0.31 24.98 7.38
C THR D 181 0.35 23.90 6.31
N THR D 182 0.15 22.66 6.76
CA THR D 182 0.19 21.51 5.89
C THR D 182 -0.79 20.46 6.36
N GLU D 183 -1.34 19.73 5.40
CA GLU D 183 -2.40 18.78 5.64
C GLU D 183 -1.85 17.35 5.67
N ARG D 184 -2.58 16.46 6.33
CA ARG D 184 -2.25 15.04 6.34
C ARG D 184 -3.52 14.21 6.53
N ILE D 185 -3.42 12.92 6.23
CA ILE D 185 -4.56 11.99 6.29
C ILE D 185 -4.56 11.10 7.54
N GLU D 186 -3.37 10.71 8.03
CA GLU D 186 -3.22 9.84 9.20
C GLU D 186 -2.64 10.62 10.37
N GLU D 187 -3.07 10.27 11.59
CA GLU D 187 -2.55 10.93 12.79
C GLU D 187 -1.09 10.58 13.10
N TYR D 188 -0.70 9.32 12.88
CA TYR D 188 0.68 8.85 13.11
C TYR D 188 1.38 8.34 11.83
N GLY D 189 1.00 8.92 10.69
CA GLY D 189 1.57 8.56 9.40
C GLY D 189 2.63 9.57 8.98
N PRO D 190 2.68 9.91 7.67
CA PRO D 190 3.57 10.97 7.19
C PRO D 190 3.30 12.31 7.89
N ILE D 191 4.33 13.13 8.03
CA ILE D 191 4.22 14.43 8.68
C ILE D 191 3.30 15.33 7.86
N ALA D 192 3.66 15.49 6.59
CA ALA D 192 2.92 16.32 5.65
C ALA D 192 2.06 15.42 4.74
N ARG D 193 2.00 15.69 3.42
CA ARG D 193 1.29 14.83 2.46
C ARG D 193 2.21 14.15 1.43
N TYR D 194 3.34 14.80 1.11
CA TYR D 194 4.27 14.27 0.11
C TYR D 194 5.56 13.68 0.67
N GLY D 195 5.79 13.84 1.97
CA GLY D 195 7.00 13.31 2.62
C GLY D 195 8.28 14.07 2.25
N VAL D 196 8.11 15.35 1.93
CA VAL D 196 9.22 16.24 1.58
C VAL D 196 9.22 17.56 2.35
N GLU D 197 8.04 18.05 2.74
CA GLU D 197 7.86 19.37 3.34
C GLU D 197 8.64 19.51 4.65
N GLU D 198 8.57 18.44 5.45
CA GLU D 198 9.31 18.32 6.72
C GLU D 198 10.82 18.59 6.62
N PHE D 199 11.44 18.22 5.50
CA PHE D 199 12.88 18.40 5.29
C PHE D 199 13.23 19.76 4.70
N VAL D 200 12.27 20.41 4.04
CA VAL D 200 12.46 21.76 3.48
C VAL D 200 12.27 22.85 4.56
N SER D 201 11.49 22.57 5.60
CA SER D 201 11.23 23.52 6.68
C SER D 201 12.31 23.41 7.75
N ASP D 202 12.69 24.54 8.34
CA ASP D 202 13.68 24.55 9.41
C ASP D 202 13.12 23.97 10.71
N ASN D 203 11.85 24.26 10.96
CA ASN D 203 11.14 23.83 12.16
C ASN D 203 9.85 23.13 11.80
N VAL D 204 9.46 22.15 12.61
CA VAL D 204 8.23 21.39 12.36
C VAL D 204 7.38 21.27 13.63
N VAL D 205 6.09 21.55 13.48
CA VAL D 205 5.11 21.40 14.55
C VAL D 205 3.99 20.52 14.01
N ILE D 206 3.65 19.44 14.74
CA ILE D 206 2.61 18.51 14.33
C ILE D 206 1.43 18.67 15.29
N LEU D 207 0.23 18.90 14.74
CA LEU D 207 -1.00 18.96 15.53
C LEU D 207 -1.79 17.69 15.27
N ARG D 208 -2.18 17.00 16.35
CA ARG D 208 -2.96 15.77 16.26
C ARG D 208 -4.33 15.89 16.92
N ASN D 209 -5.25 15.08 16.41
CA ASN D 209 -6.60 14.95 16.93
C ASN D 209 -6.99 13.47 16.90
N VAL D 210 -6.40 12.71 17.81
CA VAL D 210 -6.47 11.25 17.78
C VAL D 210 -7.83 10.76 18.30
N LEU D 211 -8.37 9.73 17.65
CA LEU D 211 -9.64 9.11 18.04
C LEU D 211 -9.36 7.78 18.74
N GLU D 212 -9.70 7.70 20.03
CA GLU D 212 -9.52 6.48 20.81
C GLU D 212 -10.75 6.26 21.69
N GLY D 213 -11.43 5.15 21.46
CA GLY D 213 -12.65 4.80 22.19
C GLY D 213 -13.77 5.78 21.95
N GLU D 214 -13.96 6.16 20.70
CA GLU D 214 -14.99 7.13 20.28
C GLU D 214 -14.81 8.55 20.84
N ARG D 215 -13.60 8.90 21.29
CA ARG D 215 -13.30 10.21 21.90
C ARG D 215 -12.07 10.82 21.23
N ARG D 216 -11.96 12.14 21.25
CA ARG D 216 -10.90 12.86 20.53
C ARG D 216 -9.94 13.56 21.50
N ARG D 217 -8.64 13.32 21.31
CA ARG D 217 -7.59 13.95 22.12
C ARG D 217 -6.78 14.89 21.23
N ARG D 218 -6.70 16.16 21.63
CA ARG D 218 -5.91 17.15 20.91
C ARG D 218 -4.52 17.23 21.50
N THR D 219 -3.49 17.00 20.68
CA THR D 219 -2.10 17.20 21.13
C THR D 219 -1.28 17.97 20.11
N LEU D 220 -0.30 18.70 20.63
CA LEU D 220 0.67 19.47 19.85
C LEU D 220 2.05 18.90 20.12
N GLU D 221 2.94 18.95 19.12
CA GLU D 221 4.31 18.45 19.25
C GLU D 221 5.25 19.25 18.36
N ILE D 222 6.36 19.71 18.92
CA ILE D 222 7.46 20.28 18.15
C ILE D 222 8.42 19.14 17.85
N LEU D 223 8.44 18.69 16.60
CA LEU D 223 9.28 17.57 16.18
C LEU D 223 10.72 18.00 16.02
N LYS D 224 10.91 19.17 15.42
CA LYS D 224 12.24 19.67 15.09
C LYS D 224 12.31 21.19 15.20
N LEU D 225 13.45 21.67 15.70
CA LEU D 225 13.82 23.09 15.69
C LEU D 225 15.31 23.15 15.41
N ARG D 226 15.68 23.55 14.19
CA ARG D 226 17.10 23.66 13.84
C ARG D 226 17.85 24.67 14.71
N GLY D 227 18.97 24.23 15.27
CA GLY D 227 19.90 25.12 15.96
C GLY D 227 19.54 25.48 17.39
N THR D 228 18.44 24.94 17.91
CA THR D 228 17.97 25.28 19.25
C THR D 228 17.30 24.09 19.91
N TRP D 229 17.12 24.19 21.22
CA TRP D 229 16.49 23.13 22.01
C TRP D 229 14.97 23.35 22.07
N HIS D 230 14.26 22.27 22.37
CA HIS D 230 12.83 22.31 22.63
C HIS D 230 12.37 21.05 23.36
N MET D 231 11.17 21.09 23.89
CA MET D 231 10.57 19.92 24.54
C MET D 231 10.05 18.96 23.48
N LYS D 232 10.26 17.66 23.74
CA LYS D 232 9.96 16.61 22.77
C LYS D 232 8.65 15.93 23.17
N GLY D 233 8.03 15.26 22.21
CA GLY D 233 6.78 14.55 22.46
C GLY D 233 5.55 15.42 22.28
N GLU D 234 4.38 14.81 22.42
CA GLU D 234 3.11 15.50 22.23
C GLU D 234 2.60 15.98 23.58
N TYR D 235 2.03 17.19 23.59
CA TYR D 235 1.50 17.81 24.79
C TYR D 235 0.04 18.12 24.58
N PRO D 236 -0.79 17.90 25.60
CA PRO D 236 -2.22 18.16 25.48
C PRO D 236 -2.53 19.65 25.31
N PHE D 237 -3.50 19.95 24.45
CA PHE D 237 -4.03 21.31 24.35
C PHE D 237 -5.53 21.32 24.06
N THR D 238 -6.14 22.49 24.17
CA THR D 238 -7.55 22.70 23.80
C THR D 238 -7.75 24.03 23.10
N ILE D 239 -8.84 24.11 22.34
CA ILE D 239 -9.29 25.35 21.72
C ILE D 239 -10.49 25.88 22.50
N THR D 240 -10.31 27.07 23.09
CA THR D 240 -11.35 27.73 23.89
C THR D 240 -11.80 28.99 23.15
N ASP D 241 -12.53 29.87 23.84
CA ASP D 241 -12.85 31.21 23.32
C ASP D 241 -11.64 32.17 23.31
N HIS D 242 -10.49 31.75 23.84
CA HIS D 242 -9.26 32.53 23.76
C HIS D 242 -8.18 31.88 22.87
N GLY D 243 -8.58 30.92 22.03
CA GLY D 243 -7.68 30.27 21.09
C GLY D 243 -7.07 29.01 21.67
N ILE D 244 -5.90 28.62 21.15
CA ILE D 244 -5.22 27.40 21.60
C ILE D 244 -4.57 27.60 22.97
N ASN D 245 -4.65 26.55 23.79
CA ASN D 245 -4.06 26.54 25.13
C ASN D 245 -3.35 25.20 25.37
N ILE D 246 -2.01 25.21 25.35
CA ILE D 246 -1.20 23.98 25.51
C ILE D 246 -0.79 23.77 26.97
N PHE D 247 -0.71 22.51 27.39
CA PHE D 247 -0.34 22.14 28.75
C PHE D 247 1.02 21.41 28.80
N PRO D 248 2.11 22.16 29.07
CA PRO D 248 3.45 21.55 29.18
C PRO D 248 3.68 20.75 30.46
N LEU D 249 4.05 19.48 30.31
CA LEU D 249 4.16 18.55 31.44
C LEU D 249 5.60 18.48 31.97
N GLY D 250 5.91 19.36 32.92
CA GLY D 250 7.24 19.46 33.52
C GLY D 250 8.04 20.62 32.97
N ILE E 18 -20.91 33.38 14.78
CA ILE E 18 -21.40 32.63 13.57
C ILE E 18 -22.75 32.00 13.84
N ALA E 19 -23.75 32.41 13.07
CA ALA E 19 -25.14 31.95 13.27
C ALA E 19 -25.30 30.50 12.81
N LYS E 20 -26.18 29.78 13.49
CA LYS E 20 -26.47 28.39 13.16
C LYS E 20 -27.96 28.21 12.96
N MET E 21 -28.32 27.39 11.96
CA MET E 21 -29.72 27.01 11.76
C MET E 21 -29.97 25.62 12.34
N ARG E 22 -31.10 25.48 13.02
CA ARG E 22 -31.51 24.22 13.64
C ARG E 22 -31.85 23.19 12.57
N THR E 23 -31.17 22.04 12.59
CA THR E 23 -31.50 20.94 11.67
C THR E 23 -32.77 20.21 12.11
N MET E 24 -33.10 20.29 13.40
CA MET E 24 -34.24 19.57 13.98
C MET E 24 -34.09 18.05 14.00
N ILE E 25 -32.89 17.54 13.69
CA ILE E 25 -32.61 16.11 13.76
C ILE E 25 -32.25 15.84 15.20
N GLU E 26 -33.04 15.00 15.86
CA GLU E 26 -32.90 14.73 17.30
C GLU E 26 -31.44 14.43 17.66
N GLY E 27 -30.86 15.27 18.52
CA GLY E 27 -29.48 15.13 18.96
C GLY E 27 -28.45 15.97 18.22
N PHE E 28 -28.66 16.25 16.92
CA PHE E 28 -27.63 16.95 16.14
C PHE E 28 -27.41 18.39 16.62
N ASP E 29 -28.49 19.06 16.96
CA ASP E 29 -28.44 20.44 17.45
C ASP E 29 -27.76 20.53 18.82
N ASP E 30 -27.80 19.44 19.58
CA ASP E 30 -27.00 19.31 20.81
C ASP E 30 -25.50 19.15 20.55
N ILE E 31 -25.12 18.15 19.75
CA ILE E 31 -23.70 17.89 19.41
C ILE E 31 -23.04 19.09 18.71
N SER E 32 -23.78 19.71 17.79
CA SER E 32 -23.33 20.89 17.07
C SER E 32 -23.50 22.19 17.84
N HIS E 33 -24.36 22.20 18.85
CA HIS E 33 -24.56 23.34 19.76
C HIS E 33 -25.28 24.51 19.05
N GLY E 34 -26.44 24.19 18.46
CA GLY E 34 -27.24 25.16 17.71
C GLY E 34 -27.69 24.67 16.35
N GLY E 35 -26.86 23.89 15.66
CA GLY E 35 -27.17 23.41 14.32
C GLY E 35 -26.00 23.61 13.37
N LEU E 36 -26.29 23.91 12.11
CA LEU E 36 -25.24 24.06 11.09
C LEU E 36 -24.94 25.53 10.82
N PRO E 37 -23.64 25.91 10.80
CA PRO E 37 -23.26 27.28 10.43
C PRO E 37 -23.93 27.76 9.13
N ILE E 38 -24.69 28.86 9.24
CA ILE E 38 -25.48 29.38 8.11
C ILE E 38 -24.59 30.00 7.03
N GLY E 39 -24.89 29.66 5.77
CA GLY E 39 -24.13 30.12 4.61
C GLY E 39 -22.78 29.43 4.42
N ARG E 40 -22.53 28.37 5.19
CA ARG E 40 -21.33 27.56 5.07
C ARG E 40 -21.73 26.19 4.53
N SER E 41 -20.76 25.47 3.99
CA SER E 41 -21.00 24.12 3.45
C SER E 41 -20.53 23.09 4.46
N THR E 42 -21.29 22.00 4.58
CA THR E 42 -20.97 20.92 5.49
C THR E 42 -20.85 19.64 4.70
N LEU E 43 -19.78 18.91 4.96
CA LEU E 43 -19.54 17.62 4.34
C LEU E 43 -20.06 16.52 5.27
N VAL E 44 -20.85 15.59 4.72
CA VAL E 44 -21.30 14.39 5.45
C VAL E 44 -20.72 13.14 4.77
N SER E 45 -19.52 12.75 5.21
CA SER E 45 -18.85 11.58 4.67
C SER E 45 -19.29 10.30 5.39
N GLY E 46 -19.25 9.18 4.67
CA GLY E 46 -19.62 7.89 5.27
C GLY E 46 -19.60 6.75 4.27
N THR E 47 -19.39 5.53 4.77
CA THR E 47 -19.48 4.31 3.94
C THR E 47 -20.91 4.08 3.45
N SER E 48 -21.11 3.09 2.59
CA SER E 48 -22.45 2.81 2.03
C SER E 48 -23.43 2.36 3.10
N GLY E 49 -24.59 3.02 3.11
CA GLY E 49 -25.68 2.71 4.02
C GLY E 49 -25.53 3.28 5.42
N THR E 50 -24.64 4.26 5.57
CA THR E 50 -24.42 4.90 6.86
C THR E 50 -25.52 5.92 7.20
N GLY E 51 -26.26 6.36 6.19
CA GLY E 51 -27.33 7.35 6.34
C GLY E 51 -26.96 8.74 5.85
N LYS E 52 -26.18 8.83 4.79
CA LYS E 52 -25.82 10.11 4.18
C LYS E 52 -27.02 10.75 3.48
N THR E 53 -27.74 9.96 2.69
CA THR E 53 -28.95 10.42 1.98
C THR E 53 -30.04 10.82 2.97
N LEU E 54 -30.36 9.91 3.89
CA LEU E 54 -31.36 10.18 4.92
C LEU E 54 -31.10 11.47 5.68
N PHE E 55 -29.82 11.75 5.98
CA PHE E 55 -29.42 12.98 6.67
C PHE E 55 -29.70 14.23 5.83
N SER E 56 -29.39 14.15 4.54
CA SER E 56 -29.62 15.27 3.63
C SER E 56 -31.12 15.52 3.36
N ILE E 57 -31.93 14.47 3.32
CA ILE E 57 -33.38 14.62 3.17
C ILE E 57 -33.97 15.32 4.40
N GLN E 58 -33.64 14.82 5.60
CA GLN E 58 -34.10 15.39 6.87
C GLN E 58 -33.74 16.86 7.07
N PHE E 59 -32.53 17.23 6.65
CA PHE E 59 -32.08 18.61 6.73
C PHE E 59 -33.04 19.53 5.97
N LEU E 60 -33.40 19.12 4.76
CA LEU E 60 -34.34 19.87 3.95
C LEU E 60 -35.76 19.78 4.51
N TYR E 61 -36.25 18.56 4.70
CA TYR E 61 -37.61 18.32 5.20
C TYR E 61 -37.92 19.12 6.47
N ASN E 62 -37.06 18.99 7.47
CA ASN E 62 -37.24 19.72 8.73
C ASN E 62 -37.27 21.24 8.56
N GLY E 63 -36.43 21.76 7.67
CA GLY E 63 -36.44 23.18 7.33
C GLY E 63 -37.74 23.68 6.72
N ILE E 64 -38.35 22.85 5.88
CA ILE E 64 -39.58 23.21 5.18
C ILE E 64 -40.76 23.21 6.14
N ILE E 65 -40.99 22.07 6.81
CA ILE E 65 -42.09 21.94 7.76
C ILE E 65 -41.92 22.80 9.02
N GLU E 66 -40.68 22.99 9.49
CA GLU E 66 -40.43 23.70 10.76
C GLU E 66 -40.27 25.21 10.62
N PHE E 67 -39.61 25.69 9.56
CA PHE E 67 -39.36 27.13 9.39
C PHE E 67 -39.87 27.72 8.07
N ASP E 68 -40.55 26.92 7.25
CA ASP E 68 -40.95 27.32 5.88
C ASP E 68 -39.74 27.76 5.05
N GLU E 69 -38.58 27.17 5.31
CA GLU E 69 -37.35 27.47 4.58
C GLU E 69 -37.29 26.55 3.38
N PRO E 70 -37.40 27.10 2.15
CA PRO E 70 -37.37 26.22 0.98
C PRO E 70 -36.02 25.52 0.80
N GLY E 71 -36.07 24.33 0.19
CA GLY E 71 -34.91 23.46 0.08
C GLY E 71 -34.67 22.99 -1.33
N VAL E 72 -33.40 22.84 -1.68
CA VAL E 72 -33.00 22.32 -2.99
C VAL E 72 -32.17 21.06 -2.78
N PHE E 73 -32.66 19.94 -3.31
CA PHE E 73 -31.94 18.67 -3.25
C PHE E 73 -31.35 18.36 -4.62
N VAL E 74 -30.05 18.09 -4.68
CA VAL E 74 -29.37 17.76 -5.94
C VAL E 74 -28.91 16.30 -5.90
N THR E 75 -29.42 15.51 -6.84
CA THR E 75 -29.09 14.07 -6.95
C THR E 75 -28.40 13.76 -8.28
N PHE E 76 -27.26 13.06 -8.19
CA PHE E 76 -26.51 12.63 -9.37
C PHE E 76 -26.86 11.20 -9.80
N GLU E 77 -27.14 10.32 -8.82
CA GLU E 77 -27.47 8.92 -9.11
C GLU E 77 -28.97 8.64 -9.03
N GLU E 78 -29.52 8.52 -7.82
CA GLU E 78 -30.92 8.12 -7.61
C GLU E 78 -31.90 9.13 -8.21
N THR E 79 -32.99 8.62 -8.79
CA THR E 79 -33.95 9.46 -9.51
C THR E 79 -34.94 10.15 -8.56
N PRO E 80 -35.49 11.33 -8.95
CA PRO E 80 -36.45 12.03 -8.09
C PRO E 80 -37.64 11.16 -7.64
N GLN E 81 -38.07 10.21 -8.47
CA GLN E 81 -39.12 9.25 -8.07
C GLN E 81 -38.64 8.30 -6.96
N ASP E 82 -37.39 7.85 -7.06
CA ASP E 82 -36.78 6.97 -6.04
C ASP E 82 -36.54 7.66 -4.69
N ILE E 83 -36.07 8.90 -4.73
CA ILE E 83 -35.86 9.68 -3.51
C ILE E 83 -37.18 9.96 -2.80
N ILE E 84 -38.26 10.07 -3.56
CA ILE E 84 -39.60 10.25 -2.97
C ILE E 84 -40.12 8.91 -2.43
N LYS E 85 -40.01 7.84 -3.23
CA LYS E 85 -40.47 6.51 -2.81
C LYS E 85 -39.77 6.03 -1.52
N ASN E 86 -38.49 6.38 -1.38
CA ASN E 86 -37.71 6.03 -0.20
C ASN E 86 -38.02 6.86 1.04
N ALA E 87 -38.45 8.11 0.85
CA ALA E 87 -38.84 8.98 1.95
C ALA E 87 -40.21 8.64 2.54
N ARG E 88 -41.14 8.17 1.69
CA ARG E 88 -42.49 7.75 2.13
C ARG E 88 -42.46 6.65 3.19
N SER E 89 -41.36 5.90 3.25
CA SER E 89 -41.14 4.94 4.34
C SER E 89 -41.02 5.58 5.74
N PHE E 90 -40.67 6.87 5.82
CA PHE E 90 -40.63 7.60 7.10
C PHE E 90 -41.85 8.51 7.35
N GLY E 91 -42.89 8.36 6.53
CA GLY E 91 -44.08 9.20 6.62
C GLY E 91 -43.89 10.61 6.08
N TRP E 92 -42.86 10.82 5.26
CA TRP E 92 -42.58 12.13 4.66
C TRP E 92 -43.14 12.16 3.26
N ASP E 93 -43.92 13.20 2.98
CA ASP E 93 -44.56 13.38 1.68
C ASP E 93 -43.75 14.45 0.96
N LEU E 94 -42.79 14.00 0.14
CA LEU E 94 -41.96 14.93 -0.63
C LEU E 94 -42.71 15.48 -1.84
N ALA E 95 -43.57 14.65 -2.46
CA ALA E 95 -44.46 15.09 -3.55
C ALA E 95 -45.27 16.36 -3.21
N LYS E 96 -45.73 16.45 -1.96
CA LYS E 96 -46.46 17.62 -1.47
C LYS E 96 -45.60 18.88 -1.40
N LEU E 97 -44.42 18.77 -0.78
CA LEU E 97 -43.48 19.89 -0.70
C LEU E 97 -43.08 20.41 -2.10
N VAL E 98 -43.06 19.51 -3.08
CA VAL E 98 -42.79 19.85 -4.48
C VAL E 98 -43.99 20.57 -5.10
N ASP E 99 -45.18 19.97 -4.98
CA ASP E 99 -46.42 20.59 -5.47
C ASP E 99 -46.68 21.96 -4.81
N GLU E 100 -46.30 22.09 -3.54
CA GLU E 100 -46.32 23.38 -2.84
C GLU E 100 -45.30 24.40 -3.37
N GLY E 101 -44.18 23.93 -3.92
CA GLY E 101 -43.07 24.80 -4.33
C GLY E 101 -42.16 25.18 -3.18
N LYS E 102 -41.96 24.25 -2.24
CA LYS E 102 -41.04 24.43 -1.12
C LYS E 102 -39.76 23.59 -1.29
N LEU E 103 -39.87 22.44 -1.94
CA LEU E 103 -38.72 21.56 -2.24
C LEU E 103 -38.54 21.39 -3.74
N PHE E 104 -37.29 21.46 -4.19
CA PHE E 104 -36.94 21.16 -5.57
C PHE E 104 -35.86 20.07 -5.64
N ILE E 105 -36.16 19.02 -6.43
CA ILE E 105 -35.22 17.93 -6.67
C ILE E 105 -34.56 18.14 -8.03
N LEU E 106 -33.30 18.56 -8.01
CA LEU E 106 -32.51 18.76 -9.23
C LEU E 106 -31.84 17.46 -9.67
N ASP E 107 -32.39 16.83 -10.70
CA ASP E 107 -31.83 15.63 -11.30
C ASP E 107 -30.64 15.98 -12.21
N ALA E 108 -29.43 15.62 -11.77
CA ALA E 108 -28.20 15.82 -12.54
C ALA E 108 -27.56 14.48 -12.91
N SER E 109 -28.37 13.57 -13.45
CA SER E 109 -27.92 12.24 -13.85
C SER E 109 -27.14 12.28 -15.16
N PHE E 121 -12.85 19.21 -18.29
CA PHE E 121 -14.08 18.93 -17.56
C PHE E 121 -14.27 19.86 -16.36
N ASP E 122 -15.33 20.68 -16.41
CA ASP E 122 -15.64 21.66 -15.36
C ASP E 122 -17.04 21.43 -14.82
N LEU E 123 -17.28 21.88 -13.58
CA LEU E 123 -18.59 21.80 -12.92
C LEU E 123 -19.38 23.11 -12.98
N SER E 124 -18.93 24.06 -13.81
CA SER E 124 -19.56 25.40 -13.92
C SER E 124 -21.01 25.33 -14.39
N ALA E 125 -21.31 24.42 -15.32
CA ALA E 125 -22.68 24.17 -15.78
C ALA E 125 -23.60 23.82 -14.61
N LEU E 126 -23.18 22.85 -13.80
CA LEU E 126 -23.95 22.40 -12.63
C LEU E 126 -24.15 23.50 -11.60
N ILE E 127 -23.11 24.31 -11.37
CA ILE E 127 -23.19 25.42 -10.41
C ILE E 127 -24.28 26.41 -10.82
N GLU E 128 -24.29 26.80 -12.09
CA GLU E 128 -25.30 27.73 -12.62
C GLU E 128 -26.72 27.15 -12.47
N ARG E 129 -26.89 25.89 -12.87
CA ARG E 129 -28.17 25.17 -12.74
C ARG E 129 -28.68 25.13 -11.30
N ILE E 130 -27.77 24.84 -10.36
CA ILE E 130 -28.07 24.85 -8.93
C ILE E 130 -28.45 26.25 -8.43
N ASN E 131 -27.75 27.27 -8.90
CA ASN E 131 -28.04 28.65 -8.52
C ASN E 131 -29.43 29.10 -9.00
N TYR E 132 -29.85 28.62 -10.16
CA TYR E 132 -31.19 28.89 -10.69
C TYR E 132 -32.28 28.44 -9.69
N ALA E 133 -32.13 27.23 -9.17
CA ALA E 133 -33.09 26.67 -8.21
C ALA E 133 -33.09 27.38 -6.86
N ILE E 134 -31.92 27.80 -6.39
CA ILE E 134 -31.81 28.53 -5.12
C ILE E 134 -32.59 29.84 -5.20
N GLN E 135 -32.34 30.60 -6.27
CA GLN E 135 -32.98 31.89 -6.51
C GLN E 135 -34.46 31.73 -6.82
N LYS E 136 -34.79 30.77 -7.69
CA LYS E 136 -36.18 30.52 -8.06
C LYS E 136 -37.04 30.19 -6.85
N TYR E 137 -36.58 29.26 -6.02
CA TYR E 137 -37.34 28.79 -4.87
C TYR E 137 -37.10 29.61 -3.60
N ARG E 138 -36.22 30.62 -3.67
CA ARG E 138 -35.83 31.43 -2.52
C ARG E 138 -35.36 30.50 -1.39
N ALA E 139 -34.51 29.54 -1.77
CA ALA E 139 -34.08 28.48 -0.88
C ALA E 139 -33.01 28.95 0.07
N ARG E 140 -33.10 28.48 1.30
CA ARG E 140 -32.11 28.74 2.34
C ARG E 140 -31.19 27.53 2.50
N ARG E 141 -31.79 26.33 2.42
CA ARG E 141 -31.09 25.08 2.65
C ARG E 141 -30.86 24.36 1.33
N VAL E 142 -29.70 23.74 1.18
CA VAL E 142 -29.35 23.00 -0.02
C VAL E 142 -28.61 21.73 0.39
N SER E 143 -28.82 20.65 -0.35
CA SER E 143 -28.06 19.42 -0.15
C SER E 143 -27.73 18.72 -1.46
N ILE E 144 -26.47 18.30 -1.57
CA ILE E 144 -25.96 17.64 -2.75
C ILE E 144 -25.56 16.22 -2.33
N ASP E 145 -26.11 15.24 -3.03
N ASP E 145 -26.38 15.24 -2.69
CA ASP E 145 -25.83 13.82 -2.78
CA ASP E 145 -26.02 13.81 -2.57
C ASP E 145 -25.72 13.02 -4.09
C ASP E 145 -25.19 13.78 -3.84
N SER E 146 -24.50 12.62 -4.48
N SER E 146 -23.87 13.85 -3.73
CA SER E 146 -23.26 12.89 -3.75
CA SER E 146 -22.99 12.70 -3.53
C SER E 146 -22.14 13.32 -4.70
C SER E 146 -21.97 13.16 -4.59
N VAL E 147 -21.30 14.27 -4.27
CA VAL E 147 -20.33 14.91 -5.16
C VAL E 147 -19.25 13.96 -5.69
N THR E 148 -18.89 12.96 -4.89
CA THR E 148 -18.01 11.88 -5.36
C THR E 148 -18.42 11.27 -6.71
N SER E 149 -19.71 10.96 -6.86
CA SER E 149 -20.21 10.28 -8.05
C SER E 149 -20.03 11.08 -9.36
N VAL E 150 -20.13 12.40 -9.29
CA VAL E 150 -19.90 13.25 -10.47
C VAL E 150 -18.45 13.14 -10.98
N PHE E 151 -17.49 13.04 -10.06
CA PHE E 151 -16.07 12.95 -10.42
C PHE E 151 -15.63 11.59 -10.95
N GLN E 152 -16.41 10.55 -10.67
CA GLN E 152 -16.16 9.22 -11.21
C GLN E 152 -16.94 8.92 -12.51
N GLN E 153 -18.02 9.68 -12.77
CA GLN E 153 -18.84 9.50 -13.98
C GLN E 153 -18.08 9.80 -15.26
N ASP E 155 -14.43 10.77 -15.39
CA ASP E 155 -13.21 10.35 -14.71
C ASP E 155 -12.26 11.53 -14.50
N ALA E 156 -12.61 12.41 -13.57
CA ALA E 156 -11.84 13.62 -13.25
C ALA E 156 -11.28 13.56 -11.82
N SER E 157 -10.44 12.55 -11.57
CA SER E 157 -9.75 12.42 -10.28
C SER E 157 -8.55 13.37 -10.22
N VAL E 159 -8.44 16.80 -10.35
CA VAL E 159 -9.08 18.12 -10.34
C VAL E 159 -10.27 18.25 -9.36
N VAL E 160 -10.54 17.19 -8.58
CA VAL E 160 -11.66 17.17 -7.62
C VAL E 160 -11.59 18.31 -6.61
N ARG E 161 -10.39 18.61 -6.12
CA ARG E 161 -10.19 19.74 -5.20
C ARG E 161 -10.55 21.09 -5.84
N ARG E 162 -10.13 21.29 -7.09
CA ARG E 162 -10.38 22.53 -7.83
C ARG E 162 -11.87 22.71 -8.13
N GLU E 163 -12.51 21.66 -8.61
CA GLU E 163 -13.95 21.67 -8.88
C GLU E 163 -14.82 21.70 -7.62
N LEU E 164 -14.48 20.90 -6.61
CA LEU E 164 -15.19 20.93 -5.32
C LEU E 164 -15.04 22.28 -4.59
N PHE E 165 -13.94 22.99 -4.84
CA PHE E 165 -13.77 24.36 -4.33
C PHE E 165 -14.57 25.40 -5.11
N ARG E 166 -14.78 25.15 -6.40
CA ARG E 166 -15.62 26.02 -7.25
C ARG E 166 -17.07 26.03 -6.75
N LEU E 167 -17.58 24.86 -6.38
CA LEU E 167 -18.94 24.72 -5.85
C LEU E 167 -19.06 25.38 -4.48
N VAL E 168 -18.16 25.02 -3.58
CA VAL E 168 -18.15 25.56 -2.22
C VAL E 168 -18.03 27.10 -2.20
N ALA E 169 -17.16 27.64 -3.07
CA ALA E 169 -16.96 29.10 -3.16
C ALA E 169 -18.21 29.83 -3.68
N ARG E 170 -18.87 29.24 -4.68
CA ARG E 170 -20.11 29.84 -5.22
C ARG E 170 -21.28 29.74 -4.26
N LEU E 171 -21.48 28.57 -3.64
CA LEU E 171 -22.53 28.38 -2.62
C LEU E 171 -22.35 29.36 -1.44
N LYS E 172 -21.09 29.58 -1.05
CA LYS E 172 -20.74 30.54 0.00
C LYS E 172 -21.02 31.98 -0.43
N GLN E 173 -20.86 32.26 -1.73
CA GLN E 173 -21.29 33.54 -2.32
C GLN E 173 -22.80 33.73 -2.31
N ILE E 174 -23.55 32.67 -2.62
CA ILE E 174 -25.02 32.73 -2.61
C ILE E 174 -25.52 32.89 -1.18
N GLY E 175 -24.81 32.29 -0.22
CA GLY E 175 -25.18 32.32 1.20
C GLY E 175 -26.16 31.23 1.61
N ALA E 176 -26.07 30.07 0.94
CA ALA E 176 -26.96 28.94 1.19
C ALA E 176 -26.21 27.90 2.01
N THR E 177 -26.87 27.43 3.08
CA THR E 177 -26.31 26.40 3.95
C THR E 177 -26.47 25.06 3.23
N THR E 178 -25.34 24.42 2.94
CA THR E 178 -25.30 23.25 2.08
C THR E 178 -24.82 22.02 2.83
N VAL E 179 -25.39 20.87 2.47
CA VAL E 179 -24.98 19.56 2.98
C VAL E 179 -24.57 18.69 1.79
N MET E 180 -23.26 18.50 1.61
CA MET E 180 -22.76 17.64 0.52
C MET E 180 -22.30 16.31 1.11
N THR E 181 -22.86 15.21 0.63
CA THR E 181 -22.42 13.90 1.08
C THR E 181 -21.21 13.45 0.28
N THR E 182 -20.35 12.68 0.92
CA THR E 182 -19.17 12.08 0.30
C THR E 182 -19.05 10.65 0.78
N GLU E 183 -18.42 9.83 -0.05
CA GLU E 183 -18.31 8.42 0.19
C GLU E 183 -16.90 8.08 0.65
N ARG E 184 -16.80 7.00 1.43
CA ARG E 184 -15.52 6.48 1.91
C ARG E 184 -15.59 4.95 1.92
N ILE E 185 -14.43 4.30 1.94
CA ILE E 185 -14.34 2.82 1.89
C ILE E 185 -14.08 2.22 3.27
N GLU E 186 -13.18 2.82 4.03
CA GLU E 186 -12.87 2.38 5.39
C GLU E 186 -13.51 3.31 6.42
N GLU E 187 -13.86 2.74 7.57
CA GLU E 187 -14.51 3.48 8.67
C GLU E 187 -13.54 4.35 9.45
N TYR E 188 -12.31 3.86 9.65
CA TYR E 188 -11.27 4.58 10.38
C TYR E 188 -10.09 4.97 9.49
N GLY E 189 -10.36 5.18 8.21
CA GLY E 189 -9.34 5.54 7.23
C GLY E 189 -9.48 7.00 6.83
N PRO E 190 -9.32 7.31 5.52
CA PRO E 190 -9.55 8.66 5.02
C PRO E 190 -10.97 9.18 5.27
N ILE E 191 -11.10 10.49 5.45
CA ILE E 191 -12.40 11.15 5.67
C ILE E 191 -13.31 11.01 4.46
N ALA E 192 -12.75 11.14 3.26
CA ALA E 192 -13.50 11.05 2.01
C ALA E 192 -12.88 9.96 1.12
N ARG E 193 -12.76 10.19 -0.20
CA ARG E 193 -12.14 9.23 -1.11
C ARG E 193 -10.78 9.70 -1.66
N TYR E 194 -10.61 11.01 -1.88
CA TYR E 194 -9.39 11.57 -2.48
C TYR E 194 -8.46 12.29 -1.49
N GLY E 195 -8.86 12.37 -0.22
CA GLY E 195 -8.05 13.02 0.82
C GLY E 195 -7.89 14.52 0.64
N VAL E 196 -8.94 15.17 0.13
CA VAL E 196 -8.93 16.59 -0.20
C VAL E 196 -10.22 17.30 0.20
N GLU E 197 -11.35 16.71 -0.18
CA GLU E 197 -12.72 17.22 0.13
C GLU E 197 -12.89 17.81 1.53
N GLU E 198 -12.34 17.11 2.53
CA GLU E 198 -12.39 17.55 3.94
C GLU E 198 -11.76 18.92 4.21
N PHE E 199 -10.74 19.28 3.44
CA PHE E 199 -10.03 20.54 3.64
C PHE E 199 -10.70 21.74 2.99
N VAL E 200 -11.54 21.47 1.98
CA VAL E 200 -12.25 22.51 1.27
C VAL E 200 -13.57 22.88 1.97
N SER E 201 -14.18 21.91 2.67
CA SER E 201 -15.45 22.12 3.38
C SER E 201 -15.24 22.87 4.69
N ASP E 202 -16.22 23.70 5.04
CA ASP E 202 -16.17 24.48 6.27
C ASP E 202 -16.40 23.64 7.51
N ASN E 203 -17.21 22.59 7.35
CA ASN E 203 -17.51 21.64 8.42
C ASN E 203 -17.43 20.21 7.91
N VAL E 204 -17.25 19.28 8.83
CA VAL E 204 -17.17 17.85 8.51
C VAL E 204 -17.96 17.03 9.54
N VAL E 205 -18.82 16.15 9.02
CA VAL E 205 -19.61 15.23 9.82
C VAL E 205 -19.33 13.81 9.29
N ILE E 206 -18.78 12.94 10.14
CA ILE E 206 -18.48 11.56 9.75
C ILE E 206 -19.57 10.62 10.26
N LEU E 207 -20.22 9.92 9.33
CA LEU E 207 -21.17 8.87 9.68
C LEU E 207 -20.50 7.52 9.57
N ARG E 208 -20.54 6.74 10.64
CA ARG E 208 -19.93 5.40 10.69
C ARG E 208 -20.93 4.28 10.92
N ASN E 209 -20.57 3.11 10.42
CA ASN E 209 -21.33 1.89 10.55
C ASN E 209 -20.34 0.75 10.79
N VAL E 210 -19.71 0.79 11.96
CA VAL E 210 -18.60 -0.10 12.31
C VAL E 210 -19.14 -1.48 12.63
N LEU E 211 -18.43 -2.51 12.15
CA LEU E 211 -18.78 -3.90 12.41
C LEU E 211 -17.83 -4.49 13.44
N GLU E 212 -18.37 -5.20 14.44
CA GLU E 212 -17.57 -5.86 15.45
C GLU E 212 -18.35 -6.99 16.10
N GLY E 213 -17.75 -8.17 16.17
CA GLY E 213 -18.42 -9.37 16.65
C GLY E 213 -19.63 -9.73 15.81
N GLU E 214 -19.48 -9.60 14.48
CA GLU E 214 -20.56 -9.82 13.52
C GLU E 214 -21.77 -8.89 13.65
N ARG E 215 -21.62 -7.78 14.38
CA ARG E 215 -22.72 -6.83 14.66
C ARG E 215 -22.29 -5.44 14.20
N ARG E 216 -23.26 -4.60 13.83
CA ARG E 216 -22.98 -3.24 13.37
C ARG E 216 -23.52 -2.19 14.33
N ARG E 217 -22.72 -1.16 14.63
CA ARG E 217 -23.12 -0.02 15.47
C ARG E 217 -23.00 1.26 14.66
N ARG E 218 -24.06 2.07 14.66
CA ARG E 218 -24.09 3.36 13.95
C ARG E 218 -23.63 4.51 14.85
N THR E 219 -22.66 5.29 14.38
CA THR E 219 -22.20 6.47 15.14
C THR E 219 -22.01 7.68 14.22
N LEU E 220 -22.32 8.86 14.77
CA LEU E 220 -22.13 10.14 14.08
C LEU E 220 -21.10 10.95 14.87
N GLU E 221 -20.25 11.68 14.16
CA GLU E 221 -19.24 12.55 14.78
C GLU E 221 -19.10 13.83 14.00
N ILE E 222 -19.07 14.96 14.72
CA ILE E 222 -18.68 16.26 14.17
C ILE E 222 -17.18 16.41 14.37
N LEU E 223 -16.42 16.21 13.30
CA LEU E 223 -14.96 16.36 13.35
C LEU E 223 -14.54 17.83 13.41
N LYS E 224 -15.20 18.67 12.63
CA LYS E 224 -14.78 20.07 12.45
C LYS E 224 -15.97 21.00 12.24
N LEU E 225 -15.93 22.13 12.95
CA LEU E 225 -16.88 23.22 12.77
C LEU E 225 -16.11 24.54 12.84
N ARG E 226 -15.81 25.13 11.68
CA ARG E 226 -14.98 26.34 11.60
C ARG E 226 -15.67 27.55 12.19
N GLY E 227 -14.98 28.25 13.08
CA GLY E 227 -15.50 29.47 13.71
C GLY E 227 -16.55 29.26 14.79
N THR E 228 -16.70 28.03 15.27
CA THR E 228 -17.67 27.76 16.31
C THR E 228 -17.31 26.48 17.06
N TRP E 229 -17.92 26.29 18.22
CA TRP E 229 -17.65 25.13 19.08
C TRP E 229 -18.64 24.00 18.81
N HIS E 230 -18.18 22.78 19.06
CA HIS E 230 -19.01 21.59 18.94
C HIS E 230 -18.46 20.47 19.81
N MET E 231 -19.29 19.46 20.01
CA MET E 231 -18.91 18.29 20.79
C MET E 231 -18.03 17.37 19.94
N LYS E 232 -17.06 16.75 20.60
CA LYS E 232 -16.09 15.89 19.94
C LYS E 232 -16.42 14.43 20.21
N GLY E 233 -15.83 13.55 19.39
CA GLY E 233 -16.02 12.12 19.50
C GLY E 233 -17.26 11.63 18.79
N GLU E 234 -17.46 10.33 18.82
CA GLU E 234 -18.56 9.66 18.11
C GLU E 234 -19.76 9.53 19.05
N TYR E 235 -20.95 9.68 18.50
CA TYR E 235 -22.19 9.59 19.25
C TYR E 235 -23.09 8.56 18.61
N PRO E 236 -23.63 7.61 19.41
CA PRO E 236 -24.50 6.58 18.85
C PRO E 236 -25.78 7.18 18.29
N PHE E 237 -26.38 6.47 17.35
CA PHE E 237 -27.65 6.89 16.77
C PHE E 237 -28.32 5.72 16.07
N THR E 238 -29.60 5.87 15.78
CA THR E 238 -30.35 4.87 15.04
C THR E 238 -31.20 5.51 13.96
N ILE E 239 -31.63 4.66 13.03
CA ILE E 239 -32.57 5.07 12.00
C ILE E 239 -33.86 4.35 12.32
N THR E 240 -34.82 5.12 12.82
CA THR E 240 -36.15 4.63 13.16
C THR E 240 -37.09 4.91 12.00
N ASP E 241 -38.38 4.63 12.18
CA ASP E 241 -39.42 5.05 11.24
C ASP E 241 -39.64 6.58 11.23
N HIS E 242 -39.08 7.28 12.22
CA HIS E 242 -39.08 8.75 12.25
C HIS E 242 -37.72 9.38 11.90
N GLY E 243 -36.84 8.62 11.24
CA GLY E 243 -35.56 9.14 10.77
C GLY E 243 -34.41 8.95 11.74
N ILE E 244 -33.44 9.84 11.66
CA ILE E 244 -32.23 9.77 12.48
C ILE E 244 -32.52 10.29 13.88
N ASN E 245 -31.92 9.62 14.87
CA ASN E 245 -32.05 9.97 16.26
C ASN E 245 -30.71 9.76 16.96
N ILE E 246 -30.09 10.83 17.45
CA ILE E 246 -28.75 10.79 18.03
C ILE E 246 -28.83 11.00 19.55
N PHE E 247 -28.05 10.20 20.27
CA PHE E 247 -28.00 10.23 21.73
C PHE E 247 -26.73 10.98 22.14
N PRO E 248 -26.85 12.24 22.61
CA PRO E 248 -25.65 12.98 23.00
C PRO E 248 -25.23 12.67 24.44
N LEU E 249 -24.25 11.78 24.59
CA LEU E 249 -23.70 11.42 25.90
C LEU E 249 -22.99 12.60 26.56
N GLY E 250 -23.77 13.46 27.20
CA GLY E 250 -23.27 14.70 27.85
C GLY E 250 -24.22 15.87 27.63
N ALA F 17 -42.95 3.02 1.71
CA ALA F 17 -43.14 1.57 2.01
C ALA F 17 -42.89 0.71 0.77
N ILE F 18 -41.64 0.68 0.32
CA ILE F 18 -41.21 -0.06 -0.88
C ILE F 18 -41.53 -1.55 -0.75
N ALA F 19 -42.25 -2.10 -1.73
CA ALA F 19 -42.71 -3.48 -1.69
C ALA F 19 -41.58 -4.43 -2.04
N LYS F 20 -41.57 -5.58 -1.37
CA LYS F 20 -40.51 -6.57 -1.53
C LYS F 20 -41.00 -7.80 -2.28
N MET F 21 -40.05 -8.55 -2.82
CA MET F 21 -40.29 -9.75 -3.60
C MET F 21 -39.60 -10.89 -2.86
N ARG F 22 -40.38 -11.89 -2.45
CA ARG F 22 -39.84 -13.02 -1.69
C ARG F 22 -38.81 -13.82 -2.50
N THR F 23 -37.61 -13.94 -1.95
CA THR F 23 -36.54 -14.72 -2.59
C THR F 23 -36.75 -16.21 -2.35
N MET F 24 -37.43 -16.54 -1.26
CA MET F 24 -37.75 -17.91 -0.88
C MET F 24 -36.50 -18.69 -0.42
N ILE F 25 -35.45 -17.97 -0.04
CA ILE F 25 -34.23 -18.58 0.47
C ILE F 25 -34.40 -18.64 1.99
N GLU F 26 -34.21 -19.82 2.56
CA GLU F 26 -34.42 -20.05 4.00
C GLU F 26 -33.61 -19.04 4.80
N GLY F 27 -34.31 -18.21 5.56
CA GLY F 27 -33.67 -17.21 6.41
C GLY F 27 -33.57 -15.83 5.80
N PHE F 28 -33.34 -15.75 4.49
CA PHE F 28 -33.11 -14.45 3.83
C PHE F 28 -34.31 -13.51 3.91
N ASP F 29 -35.50 -14.04 3.68
CA ASP F 29 -36.74 -13.25 3.77
C ASP F 29 -37.00 -12.72 5.19
N ASP F 30 -36.43 -13.35 6.21
CA ASP F 30 -36.44 -12.81 7.57
C ASP F 30 -35.44 -11.67 7.75
N ILE F 31 -34.21 -11.87 7.31
CA ILE F 31 -33.15 -10.85 7.40
C ILE F 31 -33.56 -9.60 6.60
N SER F 32 -33.99 -9.84 5.37
CA SER F 32 -34.44 -8.76 4.49
C SER F 32 -35.79 -8.18 4.91
N HIS F 33 -36.60 -8.96 5.63
CA HIS F 33 -37.91 -8.54 6.15
C HIS F 33 -38.95 -8.41 5.03
N GLY F 34 -39.11 -9.50 4.28
CA GLY F 34 -40.08 -9.58 3.17
C GLY F 34 -39.46 -10.03 1.87
N GLY F 35 -38.16 -9.79 1.70
CA GLY F 35 -37.44 -10.14 0.49
C GLY F 35 -36.72 -8.94 -0.09
N LEU F 36 -36.41 -9.00 -1.37
CA LEU F 36 -35.70 -7.91 -2.07
C LEU F 36 -36.71 -6.89 -2.61
N PRO F 37 -36.44 -5.58 -2.41
CA PRO F 37 -37.29 -4.53 -2.99
C PRO F 37 -37.56 -4.71 -4.49
N ILE F 38 -38.83 -4.59 -4.90
CA ILE F 38 -39.23 -4.83 -6.29
C ILE F 38 -38.77 -3.67 -7.16
N GLY F 39 -38.26 -4.01 -8.36
CA GLY F 39 -37.78 -3.04 -9.33
C GLY F 39 -36.52 -2.32 -8.90
N ARG F 40 -35.67 -3.03 -8.16
CA ARG F 40 -34.40 -2.47 -7.68
C ARG F 40 -33.25 -3.41 -7.99
N SER F 41 -32.04 -2.88 -7.89
CA SER F 41 -30.81 -3.66 -8.09
C SER F 41 -30.23 -4.06 -6.74
N THR F 42 -29.99 -5.37 -6.57
CA THR F 42 -29.35 -5.89 -5.37
C THR F 42 -27.92 -6.37 -5.68
N LEU F 43 -26.93 -5.70 -5.09
CA LEU F 43 -25.54 -6.09 -5.21
C LEU F 43 -25.23 -7.21 -4.21
N VAL F 44 -24.73 -8.33 -4.71
CA VAL F 44 -24.32 -9.45 -3.87
C VAL F 44 -22.82 -9.64 -4.06
N SER F 45 -22.04 -8.96 -3.23
CA SER F 45 -20.59 -9.05 -3.32
C SER F 45 -20.04 -10.13 -2.41
N GLY F 46 -18.86 -10.65 -2.75
CA GLY F 46 -18.22 -11.72 -1.99
C GLY F 46 -16.94 -12.21 -2.63
N THR F 47 -16.02 -12.74 -1.83
CA THR F 47 -14.78 -13.35 -2.33
C THR F 47 -15.09 -14.66 -3.05
N SER F 48 -14.07 -15.25 -3.67
CA SER F 48 -14.28 -16.48 -4.44
C SER F 48 -14.79 -17.63 -3.58
N GLY F 49 -15.93 -18.19 -3.99
CA GLY F 49 -16.51 -19.38 -3.38
C GLY F 49 -17.43 -19.10 -2.20
N THR F 50 -17.96 -17.89 -2.14
CA THR F 50 -18.84 -17.46 -1.05
C THR F 50 -20.32 -17.77 -1.29
N GLY F 51 -20.67 -18.27 -2.48
CA GLY F 51 -22.07 -18.58 -2.85
C GLY F 51 -22.77 -17.54 -3.70
N LYS F 52 -22.00 -16.69 -4.39
CA LYS F 52 -22.54 -15.62 -5.24
C LYS F 52 -23.41 -16.15 -6.37
N THR F 53 -22.84 -17.06 -7.16
CA THR F 53 -23.59 -17.69 -8.26
C THR F 53 -24.79 -18.45 -7.73
N LEU F 54 -24.56 -19.26 -6.70
CA LEU F 54 -25.63 -20.04 -6.06
C LEU F 54 -26.79 -19.16 -5.64
N PHE F 55 -26.48 -18.04 -4.98
CA PHE F 55 -27.51 -17.08 -4.57
C PHE F 55 -28.37 -16.65 -5.77
N SER F 56 -27.70 -16.16 -6.81
CA SER F 56 -28.37 -15.66 -8.01
C SER F 56 -29.18 -16.72 -8.75
N ILE F 57 -28.75 -17.99 -8.68
CA ILE F 57 -29.53 -19.11 -9.26
C ILE F 57 -30.81 -19.35 -8.44
N GLN F 58 -30.67 -19.40 -7.11
CA GLN F 58 -31.85 -19.58 -6.25
C GLN F 58 -32.86 -18.46 -6.38
N PHE F 59 -32.38 -17.24 -6.57
CA PHE F 59 -33.26 -16.10 -6.81
C PHE F 59 -34.20 -16.36 -8.01
N LEU F 60 -33.66 -16.88 -9.11
CA LEU F 60 -34.47 -17.18 -10.29
C LEU F 60 -35.29 -18.45 -10.08
N TYR F 61 -34.62 -19.52 -9.67
CA TYR F 61 -35.26 -20.81 -9.47
C TYR F 61 -36.48 -20.71 -8.55
N ASN F 62 -36.27 -20.18 -7.35
CA ASN F 62 -37.37 -20.00 -6.40
C ASN F 62 -38.48 -19.12 -6.96
N GLY F 63 -38.11 -18.05 -7.68
CA GLY F 63 -39.08 -17.18 -8.32
C GLY F 63 -39.97 -17.87 -9.34
N ILE F 64 -39.38 -18.77 -10.12
CA ILE F 64 -40.09 -19.52 -11.17
C ILE F 64 -40.95 -20.64 -10.59
N ILE F 65 -40.39 -21.42 -9.66
CA ILE F 65 -41.07 -22.59 -9.10
C ILE F 65 -42.23 -22.20 -8.15
N GLU F 66 -42.22 -20.97 -7.63
CA GLU F 66 -43.20 -20.54 -6.62
C GLU F 66 -44.13 -19.44 -7.14
N PHE F 67 -43.56 -18.38 -7.73
CA PHE F 67 -44.33 -17.23 -8.23
C PHE F 67 -44.56 -17.24 -9.76
N ASP F 68 -44.15 -18.31 -10.44
CA ASP F 68 -44.26 -18.42 -11.89
C ASP F 68 -43.71 -17.20 -12.62
N GLU F 69 -42.56 -16.71 -12.14
CA GLU F 69 -41.94 -15.48 -12.67
C GLU F 69 -40.77 -15.81 -13.59
N PRO F 70 -40.92 -15.58 -14.91
CA PRO F 70 -39.81 -15.88 -15.82
C PRO F 70 -38.51 -15.18 -15.42
N GLY F 71 -37.38 -15.85 -15.65
CA GLY F 71 -36.06 -15.35 -15.24
C GLY F 71 -35.09 -15.21 -16.40
N VAL F 72 -34.23 -14.19 -16.32
CA VAL F 72 -33.17 -13.96 -17.31
C VAL F 72 -31.81 -13.90 -16.60
N PHE F 73 -31.00 -14.94 -16.82
CA PHE F 73 -29.67 -15.05 -16.22
C PHE F 73 -28.63 -14.59 -17.25
N VAL F 74 -27.74 -13.69 -16.84
CA VAL F 74 -26.66 -13.20 -17.70
C VAL F 74 -25.32 -13.67 -17.14
N THR F 75 -24.50 -14.29 -17.99
CA THR F 75 -23.16 -14.78 -17.62
C THR F 75 -22.10 -14.26 -18.59
N PHE F 76 -20.95 -13.85 -18.04
CA PHE F 76 -19.84 -13.31 -18.82
C PHE F 76 -18.64 -14.27 -18.90
N GLU F 77 -18.52 -15.17 -17.92
CA GLU F 77 -17.43 -16.16 -17.88
C GLU F 77 -17.99 -17.58 -18.01
N GLU F 78 -18.85 -17.97 -17.07
CA GLU F 78 -19.44 -19.32 -17.05
C GLU F 78 -20.27 -19.62 -18.30
N THR F 79 -20.25 -20.88 -18.74
CA THR F 79 -21.03 -21.30 -19.89
C THR F 79 -22.40 -21.81 -19.44
N PRO F 80 -23.46 -21.54 -20.25
CA PRO F 80 -24.80 -22.10 -19.97
C PRO F 80 -24.82 -23.62 -19.75
N GLN F 81 -23.85 -24.36 -20.29
CA GLN F 81 -23.69 -25.78 -20.02
C GLN F 81 -23.32 -26.04 -18.56
N ASP F 82 -22.31 -25.34 -18.07
CA ASP F 82 -21.81 -25.54 -16.69
C ASP F 82 -22.79 -25.05 -15.61
N ILE F 83 -23.51 -23.97 -15.89
CA ILE F 83 -24.52 -23.46 -14.97
C ILE F 83 -25.64 -24.49 -14.72
N ILE F 84 -26.13 -25.11 -15.79
CA ILE F 84 -27.14 -26.16 -15.69
C ILE F 84 -26.62 -27.39 -14.93
N LYS F 85 -25.36 -27.76 -15.18
CA LYS F 85 -24.72 -28.89 -14.47
C LYS F 85 -24.60 -28.61 -12.98
N ASN F 86 -24.09 -27.41 -12.65
CA ASN F 86 -23.91 -26.99 -11.27
C ASN F 86 -25.22 -26.94 -10.50
N ALA F 87 -26.25 -26.33 -11.08
CA ALA F 87 -27.58 -26.28 -10.46
C ALA F 87 -28.16 -27.68 -10.21
N ARG F 88 -27.88 -28.61 -11.13
CA ARG F 88 -28.29 -30.00 -11.01
C ARG F 88 -27.74 -30.71 -9.76
N SER F 89 -26.68 -30.16 -9.16
CA SER F 89 -26.17 -30.63 -7.87
C SER F 89 -27.21 -30.55 -6.74
N PHE F 90 -28.11 -29.57 -6.81
CA PHE F 90 -29.15 -29.37 -5.78
C PHE F 90 -30.52 -29.87 -6.25
N GLY F 91 -30.55 -30.77 -7.24
CA GLY F 91 -31.80 -31.27 -7.79
C GLY F 91 -32.61 -30.22 -8.52
N TRP F 92 -31.95 -29.33 -9.25
CA TRP F 92 -32.60 -28.28 -10.02
C TRP F 92 -32.37 -28.50 -11.50
N ASP F 93 -33.44 -28.91 -12.19
CA ASP F 93 -33.42 -29.08 -13.63
C ASP F 93 -33.68 -27.73 -14.30
N LEU F 94 -32.62 -26.93 -14.43
CA LEU F 94 -32.68 -25.67 -15.18
C LEU F 94 -32.85 -25.91 -16.70
N ALA F 95 -32.53 -27.12 -17.16
CA ALA F 95 -32.77 -27.52 -18.55
C ALA F 95 -34.26 -27.47 -18.91
N LYS F 96 -35.10 -28.06 -18.06
CA LYS F 96 -36.55 -28.11 -18.26
C LYS F 96 -37.19 -26.72 -18.18
N LEU F 97 -36.78 -25.93 -17.18
CA LEU F 97 -37.23 -24.53 -17.05
C LEU F 97 -36.80 -23.68 -18.25
N VAL F 98 -35.65 -24.02 -18.85
CA VAL F 98 -35.20 -23.42 -20.11
C VAL F 98 -36.11 -23.81 -21.29
N ASP F 99 -36.49 -25.08 -21.36
CA ASP F 99 -37.37 -25.61 -22.44
C ASP F 99 -38.76 -24.98 -22.41
N GLU F 100 -39.35 -24.89 -21.21
CA GLU F 100 -40.66 -24.27 -21.02
C GLU F 100 -40.71 -22.77 -21.32
N GLY F 101 -39.54 -22.11 -21.36
CA GLY F 101 -39.45 -20.68 -21.63
C GLY F 101 -39.49 -19.80 -20.39
N LYS F 102 -39.56 -20.44 -19.22
CA LYS F 102 -39.59 -19.73 -17.93
C LYS F 102 -38.20 -19.20 -17.56
N LEU F 103 -37.15 -19.82 -18.07
CA LEU F 103 -35.78 -19.34 -17.88
C LEU F 103 -35.13 -19.09 -19.22
N PHE F 104 -34.13 -18.19 -19.23
CA PHE F 104 -33.35 -17.91 -20.43
C PHE F 104 -31.95 -17.43 -20.05
N ILE F 105 -30.95 -18.26 -20.30
CA ILE F 105 -29.57 -17.95 -19.95
C ILE F 105 -28.98 -17.16 -21.12
N LEU F 106 -28.53 -15.94 -20.84
CA LEU F 106 -27.91 -15.07 -21.84
C LEU F 106 -26.38 -15.17 -21.71
N ASP F 107 -25.74 -15.85 -22.66
CA ASP F 107 -24.28 -15.96 -22.70
C ASP F 107 -23.66 -14.66 -23.22
N ALA F 108 -22.80 -14.05 -22.41
CA ALA F 108 -22.09 -12.81 -22.78
C ALA F 108 -20.56 -12.99 -22.71
N SER F 109 -20.08 -14.17 -23.11
CA SER F 109 -18.65 -14.43 -23.20
C SER F 109 -18.09 -13.75 -24.45
N PRO F 110 -16.98 -12.99 -24.32
CA PRO F 110 -16.43 -12.32 -25.50
C PRO F 110 -15.44 -13.20 -26.29
N LEU F 123 -20.76 -0.11 -23.39
CA LEU F 123 -21.56 -1.27 -22.98
C LEU F 123 -23.09 -1.07 -23.08
N SER F 124 -23.53 -0.06 -23.84
CA SER F 124 -24.96 0.14 -24.13
C SER F 124 -25.54 -0.97 -25.01
N ALA F 125 -24.66 -1.68 -25.73
CA ALA F 125 -25.05 -2.83 -26.55
C ALA F 125 -25.67 -3.98 -25.73
N LEU F 126 -25.09 -4.27 -24.56
CA LEU F 126 -25.57 -5.35 -23.69
C LEU F 126 -26.93 -5.01 -23.05
N ILE F 127 -27.12 -3.75 -22.68
CA ILE F 127 -28.40 -3.26 -22.14
C ILE F 127 -29.56 -3.44 -23.12
N GLU F 128 -29.30 -3.26 -24.42
CA GLU F 128 -30.30 -3.53 -25.47
C GLU F 128 -30.64 -5.03 -25.57
N ARG F 129 -29.62 -5.88 -25.46
CA ARG F 129 -29.80 -7.34 -25.46
C ARG F 129 -30.53 -7.84 -24.21
N ILE F 130 -30.28 -7.18 -23.07
CA ILE F 130 -30.94 -7.54 -21.79
C ILE F 130 -32.40 -7.10 -21.76
N ASN F 131 -32.64 -5.81 -22.04
CA ASN F 131 -34.00 -5.25 -22.14
C ASN F 131 -34.86 -5.97 -23.17
N TYR F 132 -34.22 -6.43 -24.25
CA TYR F 132 -34.84 -7.32 -25.23
C TYR F 132 -35.32 -8.60 -24.54
N ALA F 133 -34.40 -9.29 -23.85
CA ALA F 133 -34.71 -10.57 -23.17
C ALA F 133 -35.80 -10.45 -22.09
N ILE F 134 -35.69 -9.43 -21.24
CA ILE F 134 -36.68 -9.20 -20.17
C ILE F 134 -38.08 -8.92 -20.74
N GLN F 135 -38.13 -8.09 -21.79
CA GLN F 135 -39.38 -7.76 -22.47
C GLN F 135 -39.89 -8.91 -23.35
N LYS F 136 -38.97 -9.63 -23.98
CA LYS F 136 -39.32 -10.76 -24.87
C LYS F 136 -39.86 -11.97 -24.11
N TYR F 137 -39.43 -12.17 -22.85
CA TYR F 137 -39.87 -13.28 -22.01
C TYR F 137 -40.92 -12.90 -20.95
N ARG F 138 -41.34 -11.63 -20.93
CA ARG F 138 -42.25 -11.10 -19.90
C ARG F 138 -41.71 -11.47 -18.51
N ALA F 139 -40.42 -11.19 -18.31
CA ALA F 139 -39.68 -11.62 -17.13
C ALA F 139 -39.69 -10.58 -16.03
N ARG F 140 -39.80 -11.05 -14.79
CA ARG F 140 -39.80 -10.21 -13.60
C ARG F 140 -38.42 -10.15 -12.94
N ARG F 141 -37.75 -11.30 -12.87
CA ARG F 141 -36.45 -11.44 -12.20
C ARG F 141 -35.28 -11.40 -13.17
N VAL F 142 -34.11 -11.01 -12.65
CA VAL F 142 -32.88 -10.97 -13.43
C VAL F 142 -31.67 -11.27 -12.55
N SER F 143 -30.63 -11.86 -13.16
CA SER F 143 -29.36 -12.12 -12.47
C SER F 143 -28.18 -11.86 -13.41
N ILE F 144 -27.12 -11.28 -12.86
CA ILE F 144 -25.92 -10.90 -13.62
C ILE F 144 -24.71 -11.36 -12.83
N ASP F 145 -24.05 -12.40 -13.33
N ASP F 145 -23.95 -12.33 -13.33
CA ASP F 145 -22.88 -13.02 -12.70
CA ASP F 145 -22.98 -13.01 -12.49
C ASP F 145 -21.77 -13.18 -13.72
C ASP F 145 -21.50 -13.09 -12.85
N SER F 146 -20.77 -12.29 -13.67
N SER F 146 -20.59 -12.48 -12.07
CA SER F 146 -20.74 -11.22 -12.69
CA SER F 146 -20.04 -11.11 -12.26
C SER F 146 -20.41 -9.94 -13.41
C SER F 146 -20.45 -10.02 -13.28
N VAL F 147 -20.66 -8.80 -12.77
CA VAL F 147 -20.45 -7.52 -13.46
C VAL F 147 -18.95 -7.12 -13.46
N THR F 148 -18.16 -7.70 -12.56
CA THR F 148 -16.71 -7.43 -12.48
C THR F 148 -15.96 -7.92 -13.73
N SER F 149 -16.35 -9.08 -14.24
CA SER F 149 -15.70 -9.71 -15.40
C SER F 149 -15.77 -8.87 -16.68
N VAL F 150 -16.87 -8.14 -16.88
CA VAL F 150 -17.00 -7.22 -18.02
C VAL F 150 -15.80 -6.29 -18.14
N PHE F 151 -15.51 -5.56 -17.06
CA PHE F 151 -14.34 -4.67 -16.99
C PHE F 151 -13.11 -5.44 -16.50
N ASP F 155 -9.25 -3.78 -19.61
CA ASP F 155 -8.65 -2.69 -18.82
C ASP F 155 -9.56 -1.47 -18.66
N ALA F 156 -10.87 -1.65 -18.90
CA ALA F 156 -11.83 -0.55 -18.84
C ALA F 156 -12.34 -0.33 -17.41
N SER F 157 -11.46 0.21 -16.57
CA SER F 157 -11.76 0.50 -15.17
C SER F 157 -12.15 1.97 -14.93
N SER F 158 -11.67 2.87 -15.80
CA SER F 158 -12.00 4.31 -15.69
C SER F 158 -13.41 4.70 -16.16
N VAL F 159 -14.25 3.72 -16.49
CA VAL F 159 -15.66 3.97 -16.85
C VAL F 159 -16.64 3.00 -16.16
N VAL F 160 -16.23 2.39 -15.05
CA VAL F 160 -17.01 1.33 -14.38
C VAL F 160 -18.27 1.89 -13.72
N ARG F 161 -18.11 2.94 -12.91
CA ARG F 161 -19.24 3.66 -12.30
C ARG F 161 -20.25 4.14 -13.33
N ARG F 162 -19.75 4.76 -14.40
CA ARG F 162 -20.58 5.27 -15.48
C ARG F 162 -21.31 4.13 -16.18
N GLU F 163 -20.58 3.08 -16.56
CA GLU F 163 -21.18 1.92 -17.23
C GLU F 163 -22.08 1.08 -16.32
N LEU F 164 -21.72 0.96 -15.05
CA LEU F 164 -22.58 0.30 -14.07
C LEU F 164 -23.86 1.08 -13.87
N PHE F 165 -23.77 2.41 -13.82
CA PHE F 165 -24.96 3.27 -13.69
C PHE F 165 -25.86 3.24 -14.94
N ARG F 166 -25.25 3.07 -16.13
CA ARG F 166 -26.00 2.90 -17.38
C ARG F 166 -26.90 1.66 -17.34
N LEU F 167 -26.31 0.55 -16.88
CA LEU F 167 -27.03 -0.71 -16.70
C LEU F 167 -28.12 -0.63 -15.62
N VAL F 168 -27.71 -0.20 -14.42
CA VAL F 168 -28.61 -0.13 -13.27
C VAL F 168 -29.80 0.78 -13.55
N ALA F 169 -29.51 1.97 -14.09
CA ALA F 169 -30.55 2.92 -14.52
C ALA F 169 -31.47 2.33 -15.60
N ARG F 170 -30.90 1.60 -16.56
CA ARG F 170 -31.69 0.91 -17.58
C ARG F 170 -32.57 -0.19 -16.99
N LEU F 171 -32.07 -0.90 -15.97
CA LEU F 171 -32.82 -1.97 -15.31
C LEU F 171 -33.99 -1.44 -14.46
N LYS F 172 -33.76 -0.33 -13.75
CA LYS F 172 -34.80 0.33 -12.96
C LYS F 172 -35.95 0.82 -13.83
N GLN F 173 -35.61 1.56 -14.90
CA GLN F 173 -36.60 2.07 -15.85
C GLN F 173 -37.43 0.93 -16.48
N ILE F 174 -36.78 -0.19 -16.82
CA ILE F 174 -37.47 -1.39 -17.29
C ILE F 174 -38.47 -1.92 -16.24
N GLY F 175 -38.03 -1.94 -14.99
CA GLY F 175 -38.90 -2.31 -13.84
C GLY F 175 -38.81 -3.76 -13.41
N ALA F 176 -37.59 -4.30 -13.40
CA ALA F 176 -37.36 -5.70 -13.02
C ALA F 176 -36.40 -5.78 -11.84
N THR F 177 -36.65 -6.73 -10.94
CA THR F 177 -35.79 -6.92 -9.76
C THR F 177 -34.52 -7.64 -10.18
N THR F 178 -33.38 -6.96 -10.06
CA THR F 178 -32.10 -7.48 -10.51
C THR F 178 -31.19 -7.91 -9.34
N VAL F 179 -30.39 -8.94 -9.57
CA VAL F 179 -29.36 -9.39 -8.65
C VAL F 179 -28.05 -9.47 -9.42
N MET F 180 -27.15 -8.52 -9.15
CA MET F 180 -25.80 -8.50 -9.74
C MET F 180 -24.80 -8.95 -8.71
N THR F 181 -23.92 -9.88 -9.08
CA THR F 181 -22.85 -10.34 -8.18
C THR F 181 -21.56 -9.62 -8.51
N THR F 182 -20.74 -9.39 -7.48
CA THR F 182 -19.45 -8.70 -7.63
C THR F 182 -18.40 -9.40 -6.80
N GLU F 183 -17.14 -9.21 -7.17
CA GLU F 183 -16.01 -9.87 -6.55
C GLU F 183 -15.25 -8.92 -5.63
N ARG F 184 -14.56 -9.51 -4.66
CA ARG F 184 -13.71 -8.77 -3.71
C ARG F 184 -12.51 -9.63 -3.30
N ILE F 185 -11.47 -8.98 -2.76
CA ILE F 185 -10.22 -9.66 -2.41
C ILE F 185 -10.17 -10.09 -0.94
N GLU F 186 -10.51 -9.17 -0.03
CA GLU F 186 -10.49 -9.41 1.42
C GLU F 186 -11.90 -9.56 1.99
N GLU F 187 -12.00 -10.21 3.14
CA GLU F 187 -13.29 -10.42 3.80
C GLU F 187 -13.81 -9.18 4.50
N TYR F 188 -12.91 -8.38 5.08
CA TYR F 188 -13.28 -7.13 5.74
C TYR F 188 -12.64 -5.92 5.07
N GLY F 189 -12.43 -6.01 3.75
CA GLY F 189 -11.88 -4.92 2.94
C GLY F 189 -12.98 -4.17 2.21
N PRO F 190 -12.70 -3.66 0.99
CA PRO F 190 -13.73 -2.98 0.20
C PRO F 190 -14.96 -3.87 -0.06
N ILE F 191 -16.14 -3.26 -0.10
CA ILE F 191 -17.38 -3.99 -0.32
C ILE F 191 -17.45 -4.69 -1.69
N ALA F 192 -16.76 -4.14 -2.69
CA ALA F 192 -16.68 -4.72 -4.03
C ALA F 192 -15.20 -4.79 -4.48
N ARG F 193 -14.89 -4.46 -5.74
CA ARG F 193 -13.50 -4.43 -6.23
C ARG F 193 -13.01 -3.06 -6.70
N TYR F 194 -13.91 -2.07 -6.79
CA TYR F 194 -13.55 -0.72 -7.25
C TYR F 194 -13.97 0.45 -6.35
N GLY F 195 -14.70 0.18 -5.27
CA GLY F 195 -15.22 1.23 -4.38
C GLY F 195 -16.22 2.16 -5.04
N VAL F 196 -17.01 1.62 -5.96
CA VAL F 196 -18.05 2.38 -6.69
C VAL F 196 -19.37 1.63 -6.88
N GLU F 197 -19.32 0.31 -7.04
CA GLU F 197 -20.50 -0.53 -7.28
C GLU F 197 -21.49 -0.48 -6.11
N GLU F 198 -20.94 -0.48 -4.89
CA GLU F 198 -21.73 -0.38 -3.65
C GLU F 198 -22.68 0.82 -3.58
N PHE F 199 -22.28 1.94 -4.18
CA PHE F 199 -23.10 3.17 -4.18
C PHE F 199 -24.04 3.24 -5.38
N VAL F 200 -23.66 2.66 -6.51
CA VAL F 200 -24.49 2.63 -7.72
C VAL F 200 -25.71 1.73 -7.52
N SER F 201 -25.60 0.74 -6.63
CA SER F 201 -26.70 -0.19 -6.33
C SER F 201 -27.60 0.35 -5.22
N ASP F 202 -28.87 -0.08 -5.26
CA ASP F 202 -29.86 0.32 -4.26
C ASP F 202 -29.72 -0.51 -2.98
N ASN F 203 -29.52 -1.82 -3.18
CA ASN F 203 -29.39 -2.79 -2.11
C ASN F 203 -28.02 -3.45 -2.16
N VAL F 204 -27.50 -3.86 -1.00
CA VAL F 204 -26.18 -4.51 -0.92
C VAL F 204 -26.13 -5.68 0.07
N VAL F 205 -25.79 -6.86 -0.44
CA VAL F 205 -25.62 -8.08 0.33
C VAL F 205 -24.15 -8.46 0.24
N ILE F 206 -23.56 -8.81 1.39
CA ILE F 206 -22.15 -9.21 1.46
C ILE F 206 -22.09 -10.63 1.98
N LEU F 207 -21.53 -11.53 1.18
CA LEU F 207 -21.31 -12.92 1.55
C LEU F 207 -19.87 -13.14 1.91
N ARG F 208 -19.62 -13.63 3.11
CA ARG F 208 -18.27 -13.85 3.62
C ARG F 208 -17.95 -15.32 3.85
N ASN F 209 -16.66 -15.63 3.74
CA ASN F 209 -16.12 -16.95 3.97
C ASN F 209 -14.85 -16.74 4.78
N VAL F 210 -15.03 -16.37 6.05
CA VAL F 210 -13.93 -15.96 6.91
C VAL F 210 -13.15 -17.17 7.43
N LEU F 211 -11.82 -17.08 7.38
CA LEU F 211 -10.93 -18.13 7.87
C LEU F 211 -10.28 -17.70 9.18
N GLU F 212 -10.46 -18.51 10.23
CA GLU F 212 -9.82 -18.27 11.54
C GLU F 212 -9.60 -19.59 12.26
N GLY F 213 -8.36 -19.84 12.67
CA GLY F 213 -8.01 -21.10 13.31
C GLY F 213 -8.12 -22.26 12.35
N GLU F 214 -7.67 -22.04 11.11
CA GLU F 214 -7.66 -23.06 10.05
C GLU F 214 -9.04 -23.56 9.60
N ARG F 215 -10.10 -22.81 9.94
CA ARG F 215 -11.47 -23.20 9.64
C ARG F 215 -12.19 -22.02 8.99
N ARG F 216 -13.16 -22.32 8.13
CA ARG F 216 -13.91 -21.30 7.41
C ARG F 216 -15.30 -21.10 8.02
N ARG F 217 -15.80 -19.88 7.97
CA ARG F 217 -17.09 -19.50 8.57
C ARG F 217 -17.91 -18.67 7.58
N ARG F 218 -18.98 -19.26 7.06
CA ARG F 218 -19.85 -18.61 6.10
C ARG F 218 -20.85 -17.72 6.80
N THR F 219 -20.92 -16.45 6.40
CA THR F 219 -21.94 -15.52 6.89
C THR F 219 -22.44 -14.61 5.79
N LEU F 220 -23.73 -14.26 5.87
CA LEU F 220 -24.37 -13.32 4.95
C LEU F 220 -24.70 -12.06 5.72
N GLU F 221 -24.65 -10.93 5.04
CA GLU F 221 -24.98 -9.65 5.65
C GLU F 221 -25.65 -8.74 4.63
N ILE F 222 -26.77 -8.15 5.05
CA ILE F 222 -27.39 -7.08 4.31
C ILE F 222 -26.83 -5.78 4.88
N LEU F 223 -25.89 -5.18 4.15
CA LEU F 223 -25.27 -3.93 4.56
C LEU F 223 -26.25 -2.77 4.45
N LYS F 224 -27.04 -2.76 3.39
CA LYS F 224 -27.93 -1.64 3.11
C LYS F 224 -29.15 -2.04 2.27
N LEU F 225 -30.31 -1.47 2.61
CA LEU F 225 -31.52 -1.55 1.79
C LEU F 225 -32.17 -0.18 1.78
N ARG F 226 -32.14 0.50 0.63
CA ARG F 226 -32.70 1.86 0.53
C ARG F 226 -34.22 1.84 0.69
N GLY F 227 -34.73 2.85 1.41
CA GLY F 227 -36.17 3.03 1.58
C GLY F 227 -36.92 1.96 2.37
N THR F 228 -36.19 1.09 3.06
CA THR F 228 -36.79 0.01 3.83
C THR F 228 -35.85 -0.48 4.92
N TRP F 229 -36.40 -1.28 5.82
CA TRP F 229 -35.66 -1.77 7.00
C TRP F 229 -35.26 -3.23 6.78
N HIS F 230 -34.16 -3.61 7.41
CA HIS F 230 -33.64 -4.96 7.38
C HIS F 230 -32.87 -5.24 8.66
N MET F 231 -32.47 -6.48 8.84
CA MET F 231 -31.60 -6.86 9.95
C MET F 231 -30.13 -6.53 9.64
N LYS F 232 -29.40 -6.10 10.66
CA LYS F 232 -28.00 -5.67 10.52
C LYS F 232 -27.02 -6.74 11.02
N GLY F 233 -25.77 -6.64 10.55
CA GLY F 233 -24.69 -7.53 10.97
C GLY F 233 -24.68 -8.81 10.17
N GLU F 234 -23.67 -9.65 10.44
CA GLU F 234 -23.49 -10.91 9.75
C GLU F 234 -24.42 -11.95 10.38
N TYR F 235 -24.90 -12.88 9.56
CA TYR F 235 -25.73 -13.99 10.03
C TYR F 235 -25.22 -15.31 9.48
N PRO F 236 -25.03 -16.32 10.35
CA PRO F 236 -24.47 -17.59 9.89
C PRO F 236 -25.34 -18.28 8.84
N PHE F 237 -24.71 -18.85 7.81
CA PHE F 237 -25.43 -19.63 6.80
C PHE F 237 -24.58 -20.77 6.28
N THR F 238 -25.24 -21.79 5.75
CA THR F 238 -24.55 -22.94 5.17
C THR F 238 -25.11 -23.28 3.80
N ILE F 239 -24.27 -23.95 3.00
CA ILE F 239 -24.68 -24.45 1.70
C ILE F 239 -24.94 -25.95 1.86
N THR F 240 -26.16 -26.36 1.53
CA THR F 240 -26.59 -27.75 1.67
C THR F 240 -27.14 -28.28 0.33
N ASP F 241 -27.59 -29.54 0.35
CA ASP F 241 -28.26 -30.15 -0.81
C ASP F 241 -29.50 -29.38 -1.26
N HIS F 242 -30.12 -28.63 -0.34
CA HIS F 242 -31.26 -27.76 -0.66
C HIS F 242 -30.87 -26.28 -0.92
N GLY F 243 -29.60 -26.02 -1.23
CA GLY F 243 -29.11 -24.65 -1.48
C GLY F 243 -28.67 -23.90 -0.24
N ILE F 244 -28.85 -22.57 -0.26
CA ILE F 244 -28.47 -21.69 0.85
C ILE F 244 -29.50 -21.73 1.99
N ASN F 245 -28.99 -21.80 3.21
CA ASN F 245 -29.78 -21.87 4.43
C ASN F 245 -29.22 -20.88 5.45
N ILE F 246 -29.95 -19.79 5.73
CA ILE F 246 -29.48 -18.71 6.63
C ILE F 246 -30.16 -18.84 8.00
N PHE F 247 -29.41 -18.46 9.04
CA PHE F 247 -29.88 -18.53 10.44
C PHE F 247 -30.09 -17.13 11.01
N PRO F 248 -31.36 -16.68 11.12
CA PRO F 248 -31.64 -15.38 11.73
C PRO F 248 -31.58 -15.40 13.26
N LEU F 249 -30.92 -14.41 13.84
CA LEU F 249 -30.80 -14.28 15.31
C LEU F 249 -31.72 -13.16 15.80
N GLY F 250 -33.03 -13.36 15.59
CA GLY F 250 -34.04 -12.37 15.97
C GLY F 250 -35.47 -12.79 15.65
#